data_8W0B
#
_entry.id   8W0B
#
_cell.length_a   139.779
_cell.length_b   139.779
_cell.length_c   544.422
_cell.angle_alpha   90.00
_cell.angle_beta   90.00
_cell.angle_gamma   120.00
#
_symmetry.space_group_name_H-M   'P 61 2 2'
#
loop_
_entity.id
_entity.type
_entity.pdbx_description
1 polymer 'Acetyl-coenzyme A synthetase 2'
2 non-polymer "5'-O-[(R)-(cyclopropyloxy)(hydroxy)phosphoryl]adenosine"
3 non-polymer 'SODIUM ION'
4 non-polymer 'SULFATE ION'
5 non-polymer GLYCEROL
6 water water
#
_entity_poly.entity_id   1
_entity_poly.type   'polypeptide(L)'
_entity_poly.pdbx_seq_one_letter_code
;MHHHHHHHHENLYFQGPTEQTHNVVHEANGVKLRETPKEFFERQPNKGHIHDVNQYKQMYEQSIKDPQGFFGPLAKELLS
WDHDFHTVKSGTLKNGDAAWFLGGELNASYNCVDRHAFANPDKPALICEADDEKDSHILTYGDLLREVSKVAGVLQSWGI
KKGDTVAVYLPMNAQAIIAMLAIARLGAAHSVIFAGFSAGSIKDRVNDASCKALITCDEGKRGGRTTNIKKLCDEALVDC
PTVEKVLVYKRTNNPEIHLTEGRDYYWDVETAKFPGYLPPVSVNSEDPLFLLYTSGSTGTPKGVVHSTAGYLLGAALSTK
YIFDIHPEDILFTAGDVGWITGHTYALYGPLLLGVPTIIFEGTPAYPDYGRFWQIVEKHKATHFYVAPTALRLLRKAGEQ
EIAKYDLSSLRTLGSVGEPISPDIWEWYNEFVGKNQCHISDTYWQTESGSHLIAPLAGVVPNKPGSASYPFFGIDAALID
PVTGVEIEGNDAEGVLAIKDHWPSMARTVYKNHTKYMDTYMNPYPGYYFTGDGAARDHDGYYWIRGRVDDVVNVSGHRLS
TAEIEAALIEDKKVSEAAVVGIHDDITGQAVIAYVALKEGNSDEDSEGLRKELVLQVRKTIGPFAAPKSVIIVQDLPKTR
SGKIMRRILRKVSSNEADQLGDISTLSNPQSVEGIISAFGAQFGKK
;
_entity_poly.pdbx_strand_id   A,B,C
#
loop_
_chem_comp.id
_chem_comp.type
_chem_comp.name
_chem_comp.formula
GOL non-polymer GLYCEROL 'C3 H8 O3'
NA non-polymer 'SODIUM ION' 'Na 1'
SO4 non-polymer 'SULFATE ION' 'O4 S -2'
YHK non-polymer 5'-O-[(R)-(cyclopropyloxy)(hydroxy)phosphoryl]adenosine 'C13 H18 N5 O7 P'
#
# COMPACT_ATOMS: atom_id res chain seq x y z
N GLU A 19 42.17 30.04 -25.01
CA GLU A 19 43.18 31.05 -24.71
C GLU A 19 43.48 31.05 -23.21
N GLN A 20 44.51 31.82 -22.83
CA GLN A 20 44.82 32.04 -21.41
C GLN A 20 44.05 33.24 -20.86
N THR A 21 43.74 34.22 -21.70
CA THR A 21 43.02 35.41 -21.28
C THR A 21 41.52 35.23 -21.51
N HIS A 22 40.74 35.83 -20.63
CA HIS A 22 39.29 35.80 -20.68
C HIS A 22 38.78 37.19 -21.00
N ASN A 23 37.88 37.28 -21.98
CA ASN A 23 37.25 38.54 -22.32
C ASN A 23 35.89 38.72 -21.67
N VAL A 24 35.30 37.64 -21.17
CA VAL A 24 34.00 37.66 -20.50
C VAL A 24 34.15 37.30 -19.03
N VAL A 25 34.80 36.17 -18.74
CA VAL A 25 34.88 35.65 -17.37
C VAL A 25 36.08 36.31 -16.71
N HIS A 26 35.88 37.56 -16.30
CA HIS A 26 36.98 38.33 -15.72
C HIS A 26 37.46 37.73 -14.40
N GLU A 27 36.56 37.08 -13.65
CA GLU A 27 36.94 36.47 -12.38
C GLU A 27 38.14 35.53 -12.55
N ALA A 28 38.28 34.93 -13.73
CA ALA A 28 39.21 33.84 -13.94
C ALA A 28 40.59 34.28 -14.41
N ASN A 29 40.75 35.56 -14.77
CA ASN A 29 42.02 36.03 -15.28
C ASN A 29 43.06 36.06 -14.16
N GLY A 30 44.23 35.49 -14.42
CA GLY A 30 45.32 35.51 -13.46
C GLY A 30 45.09 34.69 -12.22
N VAL A 31 44.23 33.69 -12.28
CA VAL A 31 43.88 32.87 -11.12
C VAL A 31 44.60 31.54 -11.24
N LYS A 32 45.53 31.28 -10.33
CA LYS A 32 46.26 30.02 -10.29
C LYS A 32 45.44 28.92 -9.63
N LEU A 33 45.44 27.74 -10.26
CA LEU A 33 44.81 26.56 -9.67
C LEU A 33 45.47 26.23 -8.33
N ARG A 34 44.67 25.73 -7.39
CA ARG A 34 45.12 25.39 -6.05
C ARG A 34 44.96 23.90 -5.84
N GLU A 35 46.06 23.16 -5.95
CA GLU A 35 46.01 21.72 -5.81
C GLU A 35 45.69 21.34 -4.37
N THR A 36 45.12 20.16 -4.20
CA THR A 36 44.84 19.67 -2.87
C THR A 36 46.16 19.51 -2.11
N PRO A 37 46.27 20.03 -0.89
CA PRO A 37 47.51 19.84 -0.12
C PRO A 37 47.74 18.37 0.21
N LYS A 38 49.02 18.00 0.33
CA LYS A 38 49.39 16.61 0.58
C LYS A 38 48.86 16.12 1.93
N GLU A 39 48.76 17.02 2.90
CA GLU A 39 48.28 16.60 4.21
C GLU A 39 46.87 16.05 4.12
N PHE A 40 46.07 16.54 3.17
CA PHE A 40 44.76 15.96 2.94
C PHE A 40 44.87 14.45 2.76
N PHE A 41 45.84 14.02 1.94
CA PHE A 41 46.00 12.59 1.68
C PHE A 41 46.62 11.86 2.85
N GLU A 42 47.47 12.52 3.62
CA GLU A 42 47.98 11.89 4.84
CA GLU A 42 47.98 11.88 4.83
C GLU A 42 46.84 11.59 5.81
N ARG A 43 45.88 12.51 5.93
CA ARG A 43 44.78 12.34 6.87
C ARG A 43 43.63 11.49 6.31
N GLN A 44 43.54 11.36 5.00
CA GLN A 44 42.50 10.52 4.41
C GLN A 44 42.65 9.09 4.91
N PRO A 45 41.58 8.48 5.46
CA PRO A 45 41.74 7.17 6.10
C PRO A 45 41.88 6.00 5.15
N ASN A 46 41.39 6.11 3.92
CA ASN A 46 41.47 5.02 2.95
C ASN A 46 41.77 5.62 1.58
N LYS A 47 42.02 4.74 0.62
CA LYS A 47 42.07 5.15 -0.78
C LYS A 47 40.87 6.01 -1.12
N GLY A 48 41.11 7.10 -1.83
CA GLY A 48 40.02 7.98 -2.23
C GLY A 48 39.00 7.26 -3.09
N HIS A 49 37.78 7.81 -3.10
CA HIS A 49 36.70 7.21 -3.88
C HIS A 49 36.89 7.43 -5.36
N ILE A 50 37.69 8.42 -5.74
CA ILE A 50 38.02 8.71 -7.13
C ILE A 50 39.52 8.88 -7.22
N HIS A 51 40.10 8.27 -8.26
CA HIS A 51 41.55 8.15 -8.35
C HIS A 51 42.19 9.51 -8.62
N ASP A 52 41.69 10.22 -9.62
CA ASP A 52 42.19 11.56 -9.98
C ASP A 52 41.13 12.24 -10.83
N VAL A 53 41.46 13.43 -11.34
CA VAL A 53 40.48 14.24 -12.06
C VAL A 53 40.10 13.60 -13.40
N ASN A 54 41.01 12.88 -14.04
CA ASN A 54 40.65 12.21 -15.29
C ASN A 54 39.60 11.14 -15.07
N GLN A 55 39.72 10.36 -13.98
CA GLN A 55 38.66 9.40 -13.69
C GLN A 55 37.35 10.12 -13.42
N TYR A 56 37.43 11.26 -12.70
CA TYR A 56 36.21 12.01 -12.46
C TYR A 56 35.54 12.39 -13.78
N LYS A 57 36.33 12.83 -14.76
CA LYS A 57 35.74 13.26 -16.02
C LYS A 57 35.14 12.09 -16.79
N GLN A 58 35.81 10.94 -16.79
CA GLN A 58 35.25 9.76 -17.45
C GLN A 58 33.90 9.38 -16.81
N MET A 59 33.87 9.35 -15.47
CA MET A 59 32.64 8.96 -14.79
C MET A 59 31.53 9.99 -15.02
N TYR A 60 31.87 11.28 -15.03
CA TYR A 60 30.87 12.31 -15.27
C TYR A 60 30.28 12.17 -16.66
N GLU A 61 31.13 11.98 -17.67
CA GLU A 61 30.62 11.78 -19.02
C GLU A 61 29.68 10.59 -19.07
N GLN A 62 30.01 9.50 -18.37
CA GLN A 62 29.07 8.38 -18.35
C GLN A 62 27.77 8.77 -17.65
N SER A 63 27.85 9.58 -16.58
CA SER A 63 26.62 9.96 -15.87
C SER A 63 25.73 10.83 -16.73
N ILE A 64 26.29 11.49 -17.75
CA ILE A 64 25.47 12.30 -18.67
C ILE A 64 25.00 11.47 -19.86
N LYS A 65 25.88 10.68 -20.47
CA LYS A 65 25.53 9.99 -21.70
C LYS A 65 24.75 8.71 -21.44
N ASP A 66 24.98 8.08 -20.29
CA ASP A 66 24.40 6.78 -19.97
C ASP A 66 23.96 6.78 -18.51
N PRO A 67 22.98 7.60 -18.17
CA PRO A 67 22.51 7.64 -16.78
C PRO A 67 22.08 6.28 -16.26
N GLN A 68 21.51 5.44 -17.13
CA GLN A 68 21.04 4.13 -16.68
C GLN A 68 22.21 3.30 -16.16
N GLY A 69 23.25 3.14 -16.97
CA GLY A 69 24.40 2.33 -16.59
C GLY A 69 25.25 2.93 -15.49
N PHE A 70 25.16 4.24 -15.27
CA PHE A 70 25.93 4.89 -14.22
C PHE A 70 25.20 4.86 -12.88
N PHE A 71 23.94 5.30 -12.87
CA PHE A 71 23.21 5.42 -11.61
C PHE A 71 22.58 4.12 -11.14
N GLY A 72 22.31 3.14 -12.02
CA GLY A 72 21.77 1.89 -11.55
C GLY A 72 22.67 1.22 -10.52
N PRO A 73 23.93 0.97 -10.92
CA PRO A 73 24.86 0.33 -9.98
C PRO A 73 25.08 1.11 -8.69
N LEU A 74 25.20 2.43 -8.77
CA LEU A 74 25.41 3.23 -7.57
C LEU A 74 24.19 3.16 -6.66
N ALA A 75 23.00 3.19 -7.23
CA ALA A 75 21.78 3.05 -6.42
C ALA A 75 21.75 1.69 -5.73
N LYS A 76 22.22 0.65 -6.42
CA LYS A 76 22.24 -0.68 -5.83
C LYS A 76 23.34 -0.82 -4.79
N GLU A 77 24.40 -0.02 -4.90
CA GLU A 77 25.46 -0.07 -3.91
C GLU A 77 25.09 0.68 -2.63
N LEU A 78 24.55 1.90 -2.78
CA LEU A 78 24.47 2.84 -1.66
C LEU A 78 23.15 2.78 -0.89
N LEU A 79 22.10 2.24 -1.49
CA LEU A 79 20.79 2.18 -0.84
C LEU A 79 20.37 0.72 -0.70
N SER A 80 19.67 0.44 0.38
CA SER A 80 19.11 -0.88 0.63
C SER A 80 17.64 -0.88 0.22
N TRP A 81 17.27 -1.82 -0.64
CA TRP A 81 15.97 -1.85 -1.29
C TRP A 81 15.09 -2.94 -0.72
N ASP A 82 13.82 -2.61 -0.50
CA ASP A 82 12.82 -3.62 -0.16
C ASP A 82 12.26 -4.28 -1.41
N HIS A 83 12.20 -3.53 -2.52
CA HIS A 83 11.83 -4.04 -3.82
C HIS A 83 12.77 -3.42 -4.84
N ASP A 84 13.25 -4.23 -5.79
CA ASP A 84 14.15 -3.72 -6.80
C ASP A 84 13.40 -2.80 -7.75
N PHE A 85 14.12 -1.87 -8.35
CA PHE A 85 13.56 -1.01 -9.40
C PHE A 85 13.78 -1.67 -10.76
N HIS A 86 12.87 -1.38 -11.68
CA HIS A 86 12.94 -1.95 -13.01
C HIS A 86 13.42 -0.96 -14.06
N THR A 87 13.36 0.34 -13.78
CA THR A 87 13.73 1.38 -14.74
C THR A 87 14.46 2.49 -13.99
N VAL A 88 15.66 2.84 -14.47
CA VAL A 88 16.46 3.80 -13.73
C VAL A 88 15.87 5.21 -13.85
N LYS A 89 15.40 5.59 -15.03
CA LYS A 89 15.12 6.99 -15.33
C LYS A 89 13.95 7.11 -16.30
N SER A 90 13.04 8.03 -16.00
CA SER A 90 11.86 8.26 -16.82
C SER A 90 11.54 9.75 -16.83
N GLY A 91 10.84 10.18 -17.90
CA GLY A 91 10.31 11.52 -17.97
C GLY A 91 11.29 12.54 -18.52
N THR A 92 10.78 13.76 -18.71
CA THR A 92 11.55 14.87 -19.23
C THR A 92 11.25 16.12 -18.42
N LEU A 93 12.19 17.08 -18.47
CA LEU A 93 11.97 18.37 -17.85
C LEU A 93 10.76 19.07 -18.46
N LYS A 94 10.68 19.08 -19.79
CA LYS A 94 9.63 19.82 -20.48
C LYS A 94 8.24 19.42 -20.01
N ASN A 95 8.03 18.13 -19.72
CA ASN A 95 6.74 17.66 -19.27
C ASN A 95 6.65 17.54 -17.76
N GLY A 96 7.70 17.89 -17.02
CA GLY A 96 7.62 17.91 -15.57
C GLY A 96 7.20 16.59 -14.95
N ASP A 97 7.67 15.49 -15.51
CA ASP A 97 7.29 14.15 -15.06
C ASP A 97 8.51 13.29 -14.81
N ALA A 98 9.56 13.91 -14.25
CA ALA A 98 10.78 13.18 -13.92
C ALA A 98 10.52 12.11 -12.87
N ALA A 99 11.14 10.94 -13.06
CA ALA A 99 11.09 9.87 -12.07
C ALA A 99 12.34 9.03 -12.18
N TRP A 100 12.77 8.48 -11.04
CA TRP A 100 13.97 7.67 -10.95
C TRP A 100 13.71 6.40 -10.13
N PHE A 101 14.31 5.30 -10.58
CA PHE A 101 14.25 4.02 -9.88
C PHE A 101 12.79 3.56 -9.75
N LEU A 102 12.09 3.62 -10.88
CA LEU A 102 10.68 3.27 -10.93
C LEU A 102 10.46 1.81 -10.56
N GLY A 103 9.40 1.55 -9.81
CA GLY A 103 9.13 0.23 -9.28
C GLY A 103 9.86 -0.08 -7.99
N GLY A 104 10.86 0.71 -7.61
CA GLY A 104 11.59 0.42 -6.41
C GLY A 104 10.79 0.73 -5.17
N GLU A 105 11.08 0.02 -4.10
CA GLU A 105 10.54 0.34 -2.78
C GLU A 105 11.66 0.31 -1.76
N LEU A 106 11.58 1.20 -0.78
CA LEU A 106 12.60 1.37 0.25
C LEU A 106 12.00 2.19 1.39
N ASN A 107 12.80 2.40 2.44
CA ASN A 107 12.40 3.28 3.53
C ASN A 107 13.58 4.13 3.97
N ALA A 108 13.34 5.43 4.14
CA ALA A 108 14.43 6.34 4.45
C ALA A 108 14.99 6.09 5.83
N SER A 109 14.13 5.80 6.82
CA SER A 109 14.64 5.59 8.17
C SER A 109 15.37 4.26 8.27
N TYR A 110 14.97 3.25 7.48
CA TYR A 110 15.75 2.01 7.46
C TYR A 110 17.17 2.26 6.94
N ASN A 111 17.30 3.07 5.89
CA ASN A 111 18.59 3.35 5.29
C ASN A 111 19.43 4.32 6.11
N CYS A 112 18.81 5.16 6.94
CA CYS A 112 19.56 6.07 7.80
C CYS A 112 19.83 5.54 9.20
N VAL A 113 19.13 4.49 9.63
CA VAL A 113 19.23 4.02 11.01
C VAL A 113 19.35 2.51 11.10
N ASP A 114 18.27 1.79 10.79
CA ASP A 114 18.20 0.35 11.05
C ASP A 114 19.45 -0.38 10.59
N ARG A 115 19.86 -0.19 9.33
CA ARG A 115 20.92 -1.03 8.78
C ARG A 115 22.23 -0.80 9.52
N HIS A 116 22.49 0.44 9.91
CA HIS A 116 23.70 0.76 10.65
C HIS A 116 23.60 0.25 12.09
N ALA A 117 22.41 0.33 12.68
CA ALA A 117 22.23 -0.18 14.04
C ALA A 117 22.46 -1.69 14.09
N PHE A 118 21.98 -2.42 13.07
CA PHE A 118 22.24 -3.84 12.99
C PHE A 118 23.73 -4.11 12.79
N ALA A 119 24.41 -3.27 12.00
CA ALA A 119 25.82 -3.50 11.75
C ALA A 119 26.71 -3.13 12.94
N ASN A 120 26.45 -1.98 13.58
CA ASN A 120 27.27 -1.51 14.70
C ASN A 120 26.42 -0.63 15.61
N PRO A 121 25.65 -1.23 16.51
CA PRO A 121 24.67 -0.43 17.29
C PRO A 121 25.31 0.62 18.18
N ASP A 122 26.57 0.45 18.58
CA ASP A 122 27.22 1.37 19.49
C ASP A 122 27.97 2.50 18.77
N LYS A 123 28.00 2.50 17.44
CA LYS A 123 28.67 3.58 16.71
C LYS A 123 27.89 4.88 16.90
N PRO A 124 28.57 6.00 17.19
CA PRO A 124 27.85 7.27 17.33
C PRO A 124 27.10 7.62 16.05
N ALA A 125 25.89 8.16 16.21
CA ALA A 125 25.08 8.64 15.10
C ALA A 125 24.84 10.14 15.20
N LEU A 126 24.22 10.61 16.28
CA LEU A 126 23.96 12.02 16.49
C LEU A 126 24.85 12.51 17.63
N ILE A 127 25.88 13.27 17.28
CA ILE A 127 26.70 13.95 18.28
C ILE A 127 26.04 15.30 18.51
N CYS A 128 25.30 15.42 19.60
CA CYS A 128 24.45 16.58 19.83
C CYS A 128 25.14 17.56 20.76
N GLU A 129 25.43 18.76 20.25
CA GLU A 129 26.02 19.84 21.02
C GLU A 129 24.93 20.86 21.27
N ALA A 130 24.51 20.98 22.53
CA ALA A 130 23.41 21.83 22.95
C ALA A 130 23.88 23.28 23.07
N ASP A 131 22.90 24.19 23.14
CA ASP A 131 23.24 25.60 23.31
C ASP A 131 24.25 25.78 24.44
N ASP A 132 24.01 25.14 25.57
CA ASP A 132 24.99 25.04 26.65
C ASP A 132 25.61 23.66 26.67
N GLU A 133 26.94 23.61 26.65
CA GLU A 133 27.62 22.33 26.50
C GLU A 133 27.29 21.33 27.60
N LYS A 134 26.86 21.81 28.79
CA LYS A 134 26.45 20.89 29.84
C LYS A 134 25.30 19.99 29.41
N ASP A 135 24.52 20.38 28.41
CA ASP A 135 23.38 19.59 27.98
C ASP A 135 23.69 18.72 26.77
N SER A 136 24.95 18.69 26.36
CA SER A 136 25.36 17.89 25.20
C SER A 136 25.35 16.40 25.51
N HIS A 137 25.17 15.60 24.46
CA HIS A 137 25.06 14.16 24.59
C HIS A 137 25.24 13.53 23.22
N ILE A 138 25.36 12.21 23.20
CA ILE A 138 25.62 11.45 21.99
C ILE A 138 24.62 10.31 21.91
N LEU A 139 23.91 10.20 20.79
CA LEU A 139 23.04 9.08 20.50
C LEU A 139 23.73 8.13 19.53
N THR A 140 23.80 6.85 19.89
CA THR A 140 24.30 5.85 18.97
C THR A 140 23.23 5.48 17.95
N TYR A 141 23.62 4.69 16.95
CA TYR A 141 22.66 4.20 15.98
C TYR A 141 21.60 3.32 16.65
N GLY A 142 21.99 2.52 17.65
CA GLY A 142 21.01 1.75 18.41
C GLY A 142 20.05 2.63 19.20
N ASP A 143 20.59 3.63 19.90
CA ASP A 143 19.75 4.60 20.60
C ASP A 143 18.76 5.24 19.63
N LEU A 144 19.27 5.65 18.47
CA LEU A 144 18.43 6.34 17.50
C LEU A 144 17.33 5.43 16.98
N LEU A 145 17.66 4.16 16.73
CA LEU A 145 16.63 3.22 16.31
C LEU A 145 15.51 3.14 17.37
N ARG A 146 15.89 3.04 18.65
CA ARG A 146 14.85 2.90 19.68
C ARG A 146 13.97 4.14 19.77
N GLU A 147 14.56 5.34 19.77
CA GLU A 147 13.75 6.56 19.89
C GLU A 147 12.88 6.78 18.65
N VAL A 148 13.44 6.57 17.46
CA VAL A 148 12.65 6.70 16.23
C VAL A 148 11.48 5.72 16.24
N SER A 149 11.74 4.47 16.64
CA SER A 149 10.66 3.49 16.69
C SER A 149 9.56 3.93 17.64
N LYS A 150 9.93 4.49 18.81
CA LYS A 150 8.90 4.89 19.78
C LYS A 150 8.07 6.06 19.26
N VAL A 151 8.72 7.09 18.72
CA VAL A 151 7.96 8.23 18.18
C VAL A 151 7.07 7.76 17.03
N ALA A 152 7.59 6.88 16.18
CA ALA A 152 6.77 6.33 15.09
C ALA A 152 5.59 5.55 15.64
N GLY A 153 5.77 4.87 16.78
CA GLY A 153 4.65 4.18 17.39
C GLY A 153 3.57 5.14 17.87
N VAL A 154 3.98 6.25 18.48
CA VAL A 154 3.01 7.26 18.88
C VAL A 154 2.25 7.78 17.66
N LEU A 155 2.99 8.15 16.60
CA LEU A 155 2.33 8.70 15.42
C LEU A 155 1.40 7.68 14.79
N GLN A 156 1.81 6.41 14.77
CA GLN A 156 0.95 5.37 14.20
C GLN A 156 -0.34 5.24 15.00
N SER A 157 -0.25 5.24 16.34
CA SER A 157 -1.46 5.14 17.14
C SER A 157 -2.37 6.36 16.98
N TRP A 158 -1.84 7.49 16.51
CA TRP A 158 -2.66 8.67 16.25
C TRP A 158 -3.29 8.65 14.87
N GLY A 159 -3.02 7.62 14.07
CA GLY A 159 -3.59 7.49 12.75
C GLY A 159 -2.71 7.98 11.62
N ILE A 160 -1.49 8.44 11.90
CA ILE A 160 -0.60 8.90 10.85
C ILE A 160 -0.19 7.70 10.00
N LYS A 161 -0.28 7.85 8.69
CA LYS A 161 -0.01 6.75 7.77
C LYS A 161 0.51 7.32 6.46
N LYS A 162 0.92 6.41 5.58
CA LYS A 162 1.44 6.80 4.28
C LYS A 162 0.46 7.73 3.60
N GLY A 163 0.99 8.85 3.08
CA GLY A 163 0.19 9.87 2.44
C GLY A 163 -0.18 11.05 3.31
N ASP A 164 0.06 10.98 4.61
CA ASP A 164 -0.17 12.13 5.48
C ASP A 164 1.07 13.01 5.52
N THR A 165 0.88 14.25 5.93
CA THR A 165 1.98 15.17 6.22
C THR A 165 1.96 15.49 7.70
N VAL A 166 3.15 15.66 8.28
CA VAL A 166 3.32 15.95 9.70
C VAL A 166 4.31 17.11 9.82
N ALA A 167 3.89 18.16 10.53
CA ALA A 167 4.74 19.33 10.70
C ALA A 167 5.70 19.12 11.87
N VAL A 168 6.89 19.70 11.73
CA VAL A 168 7.89 19.74 12.80
C VAL A 168 8.28 21.19 13.02
N TYR A 169 8.24 21.63 14.28
CA TYR A 169 8.64 22.99 14.67
C TYR A 169 9.58 22.85 15.86
N LEU A 170 10.86 22.63 15.58
CA LEU A 170 11.83 22.25 16.59
C LEU A 170 13.17 22.93 16.36
N PRO A 171 13.91 23.23 17.42
CA PRO A 171 15.29 23.68 17.26
C PRO A 171 16.16 22.57 16.69
N MET A 172 17.41 22.94 16.40
CA MET A 172 18.36 22.05 15.76
C MET A 172 18.99 21.14 16.81
N ASN A 173 18.28 20.05 17.12
CA ASN A 173 18.75 19.13 18.14
C ASN A 173 18.23 17.72 17.81
N ALA A 174 18.45 16.80 18.74
CA ALA A 174 18.18 15.40 18.49
C ALA A 174 16.71 15.15 18.20
N GLN A 175 15.82 15.91 18.85
CA GLN A 175 14.39 15.68 18.66
C GLN A 175 13.94 16.02 17.24
N ALA A 176 14.54 17.03 16.61
CA ALA A 176 14.19 17.34 15.22
C ALA A 176 14.55 16.18 14.31
N ILE A 177 15.77 15.64 14.46
CA ILE A 177 16.22 14.53 13.65
C ILE A 177 15.32 13.32 13.87
N ILE A 178 15.03 13.02 15.14
CA ILE A 178 14.20 11.88 15.50
C ILE A 178 12.81 12.03 14.90
N ALA A 179 12.22 13.23 14.99
CA ALA A 179 10.88 13.46 14.44
C ALA A 179 10.87 13.22 12.94
N MET A 180 11.83 13.80 12.23
CA MET A 180 11.88 13.61 10.78
C MET A 180 11.97 12.13 10.42
N LEU A 181 12.86 11.40 11.09
CA LEU A 181 13.04 9.99 10.77
C LEU A 181 11.83 9.15 11.18
N ALA A 182 11.17 9.50 12.28
CA ALA A 182 9.98 8.77 12.72
C ALA A 182 8.84 8.97 11.75
N ILE A 183 8.66 10.19 11.24
CA ILE A 183 7.63 10.46 10.24
C ILE A 183 7.93 9.67 8.98
N ALA A 184 9.19 9.70 8.52
CA ALA A 184 9.56 8.93 7.34
C ALA A 184 9.44 7.44 7.55
N ARG A 185 9.51 6.97 8.79
CA ARG A 185 9.43 5.52 9.04
C ARG A 185 8.06 4.97 8.70
N LEU A 186 7.01 5.79 8.82
CA LEU A 186 5.64 5.38 8.52
C LEU A 186 5.24 5.63 7.06
N GLY A 187 6.14 6.19 6.25
CA GLY A 187 5.78 6.55 4.88
C GLY A 187 5.05 7.87 4.76
N ALA A 188 4.93 8.61 5.85
CA ALA A 188 4.42 9.98 5.80
C ALA A 188 5.55 10.92 5.45
N ALA A 189 5.17 12.14 5.06
CA ALA A 189 6.11 13.16 4.63
C ALA A 189 6.22 14.22 5.71
N HIS A 190 7.44 14.52 6.15
CA HIS A 190 7.62 15.56 7.14
C HIS A 190 7.73 16.91 6.45
N SER A 191 7.25 17.94 7.15
CA SER A 191 7.40 19.34 6.72
C SER A 191 8.01 20.09 7.90
N VAL A 192 9.29 20.38 7.82
CA VAL A 192 10.01 21.02 8.91
C VAL A 192 9.86 22.53 8.78
N ILE A 193 9.46 23.17 9.86
CA ILE A 193 9.25 24.61 9.91
C ILE A 193 10.33 25.20 10.81
N PHE A 194 11.24 25.96 10.21
CA PHE A 194 12.34 26.61 10.93
C PHE A 194 11.87 27.31 12.19
N ALA A 195 12.56 27.02 13.31
CA ALA A 195 12.17 27.50 14.62
C ALA A 195 12.27 29.01 14.78
N GLY A 196 12.86 29.73 13.83
CA GLY A 196 12.79 31.17 13.85
C GLY A 196 11.55 31.77 13.21
N PHE A 197 10.62 30.96 12.72
CA PHE A 197 9.42 31.49 12.07
C PHE A 197 8.38 31.94 13.10
N SER A 198 7.62 32.97 12.73
CA SER A 198 6.53 33.48 13.55
C SER A 198 5.28 32.59 13.42
N ALA A 199 4.24 32.94 14.16
CA ALA A 199 3.02 32.13 14.17
C ALA A 199 2.35 32.12 12.80
N GLY A 200 2.35 33.26 12.11
CA GLY A 200 1.72 33.32 10.80
C GLY A 200 2.38 32.41 9.78
N SER A 201 3.70 32.31 9.82
CA SER A 201 4.41 31.44 8.88
C SER A 201 4.12 29.97 9.17
N ILE A 202 4.11 29.61 10.45
CA ILE A 202 3.70 28.27 10.85
C ILE A 202 2.32 27.96 10.29
N LYS A 203 1.39 28.90 10.49
CA LYS A 203 0.02 28.73 10.02
C LYS A 203 -0.04 28.49 8.53
N ASP A 204 0.61 29.36 7.75
CA ASP A 204 0.60 29.21 6.29
C ASP A 204 1.07 27.83 5.87
N ARG A 205 2.19 27.38 6.44
CA ARG A 205 2.75 26.11 5.99
C ARG A 205 1.88 24.93 6.42
N VAL A 206 1.41 24.94 7.68
CA VAL A 206 0.58 23.85 8.17
C VAL A 206 -0.69 23.75 7.36
N ASN A 207 -1.29 24.89 7.00
CA ASN A 207 -2.56 24.85 6.26
C ASN A 207 -2.35 24.43 4.81
N ASP A 208 -1.31 24.93 4.14
CA ASP A 208 -1.12 24.49 2.76
C ASP A 208 -0.86 22.98 2.69
N ALA A 209 -0.22 22.41 3.71
CA ALA A 209 0.05 20.98 3.71
C ALA A 209 -1.07 20.14 4.33
N SER A 210 -2.05 20.76 4.99
CA SER A 210 -3.09 20.04 5.74
C SER A 210 -2.49 19.00 6.67
N CYS A 211 -1.51 19.41 7.49
CA CYS A 211 -0.87 18.48 8.41
C CYS A 211 -1.85 17.96 9.46
N LYS A 212 -1.80 16.65 9.72
CA LYS A 212 -2.64 16.03 10.75
C LYS A 212 -2.05 16.12 12.14
N ALA A 213 -0.74 16.30 12.25
CA ALA A 213 -0.09 16.35 13.55
C ALA A 213 1.10 17.28 13.47
N LEU A 214 1.55 17.72 14.63
CA LEU A 214 2.67 18.63 14.78
C LEU A 214 3.56 18.12 15.91
N ILE A 215 4.88 18.23 15.73
CA ILE A 215 5.86 17.88 16.74
C ILE A 215 6.67 19.14 17.04
N THR A 216 6.68 19.55 18.31
CA THR A 216 7.33 20.78 18.73
C THR A 216 7.85 20.56 20.15
N CYS A 217 8.26 21.65 20.81
CA CYS A 217 8.74 21.56 22.19
C CYS A 217 8.23 22.76 22.98
N ASP A 218 8.42 22.71 24.30
CA ASP A 218 7.84 23.75 25.15
C ASP A 218 8.54 25.08 24.93
N GLU A 219 9.87 25.09 25.06
CA GLU A 219 10.67 26.29 24.82
C GLU A 219 11.98 25.88 24.20
N GLY A 220 12.74 26.88 23.71
CA GLY A 220 14.04 26.66 23.13
C GLY A 220 15.13 27.42 23.87
N LYS A 221 16.37 27.03 23.59
CA LYS A 221 17.56 27.68 24.12
C LYS A 221 18.45 28.10 22.96
N ARG A 222 18.73 29.41 22.86
CA ARG A 222 19.59 29.94 21.81
C ARG A 222 20.44 31.06 22.37
N GLY A 223 21.76 30.89 22.31
CA GLY A 223 22.66 31.91 22.83
C GLY A 223 22.47 32.19 24.30
N GLY A 224 22.02 31.21 25.07
CA GLY A 224 21.72 31.40 26.48
C GLY A 224 20.34 31.96 26.75
N ARG A 225 19.65 32.47 25.73
CA ARG A 225 18.31 33.02 25.87
C ARG A 225 17.26 31.93 25.70
N THR A 226 16.13 32.13 26.36
CA THR A 226 14.98 31.22 26.26
C THR A 226 14.03 31.76 25.20
N THR A 227 13.69 30.91 24.23
CA THR A 227 12.83 31.25 23.11
C THR A 227 11.48 30.57 23.25
N ASN A 228 10.43 31.27 22.79
CA ASN A 228 9.06 30.81 22.93
C ASN A 228 8.68 29.99 21.71
N ILE A 229 8.63 28.67 21.87
CA ILE A 229 8.33 27.77 20.77
C ILE A 229 6.88 27.29 20.82
N LYS A 230 6.48 26.66 21.92
CA LYS A 230 5.10 26.16 22.03
C LYS A 230 4.08 27.29 21.93
N LYS A 231 4.42 28.46 22.47
CA LYS A 231 3.50 29.60 22.45
C LYS A 231 3.13 29.99 21.03
N LEU A 232 4.14 30.09 20.16
CA LEU A 232 3.89 30.43 18.77
C LEU A 232 3.05 29.36 18.07
N CYS A 233 3.28 28.09 18.44
CA CYS A 233 2.47 27.00 17.90
C CYS A 233 1.01 27.15 18.28
N ASP A 234 0.73 27.40 19.57
CA ASP A 234 -0.65 27.60 19.99
C ASP A 234 -1.30 28.74 19.19
N GLU A 235 -0.58 29.86 19.09
CA GLU A 235 -1.08 31.02 18.36
C GLU A 235 -1.44 30.66 16.93
N ALA A 236 -0.55 29.94 16.24
CA ALA A 236 -0.84 29.55 14.86
C ALA A 236 -1.97 28.53 14.80
N LEU A 237 -1.98 27.57 15.72
CA LEU A 237 -2.89 26.44 15.64
C LEU A 237 -4.34 26.86 15.85
N VAL A 238 -4.58 28.01 16.48
CA VAL A 238 -5.97 28.48 16.56
C VAL A 238 -6.62 28.53 15.17
N ASP A 239 -5.81 28.57 14.11
CA ASP A 239 -6.32 28.68 12.74
C ASP A 239 -5.86 27.51 11.85
N CYS A 240 -5.59 26.34 12.45
CA CYS A 240 -5.12 25.17 11.71
C CYS A 240 -6.03 23.99 12.05
N PRO A 241 -7.20 23.91 11.43
CA PRO A 241 -8.18 22.89 11.84
C PRO A 241 -7.80 21.45 11.49
N THR A 242 -6.80 21.21 10.64
CA THR A 242 -6.45 19.83 10.31
C THR A 242 -5.52 19.19 11.35
N VAL A 243 -4.90 19.98 12.22
CA VAL A 243 -3.98 19.42 13.22
C VAL A 243 -4.82 18.82 14.34
N GLU A 244 -4.76 17.50 14.47
CA GLU A 244 -5.55 16.77 15.45
C GLU A 244 -4.81 16.56 16.76
N LYS A 245 -3.48 16.40 16.71
CA LYS A 245 -2.71 16.11 17.91
C LYS A 245 -1.34 16.76 17.77
N VAL A 246 -0.76 17.12 18.92
CA VAL A 246 0.55 17.75 18.98
C VAL A 246 1.40 16.98 19.97
N LEU A 247 2.63 16.67 19.58
CA LEU A 247 3.59 16.05 20.48
C LEU A 247 4.59 17.12 20.92
N VAL A 248 4.81 17.21 22.24
CA VAL A 248 5.55 18.30 22.87
C VAL A 248 6.70 17.71 23.66
N TYR A 249 7.93 18.03 23.27
CA TYR A 249 9.11 17.63 24.03
C TYR A 249 9.41 18.67 25.11
N LYS A 250 9.81 18.18 26.29
CA LYS A 250 10.16 19.04 27.41
C LYS A 250 11.63 19.43 27.28
N ARG A 251 11.87 20.47 26.46
CA ARG A 251 13.23 20.96 26.27
C ARG A 251 13.70 21.75 27.49
N THR A 252 12.81 22.57 28.06
CA THR A 252 13.10 23.27 29.31
C THR A 252 12.32 22.72 30.50
N ASN A 253 11.25 21.97 30.25
CA ASN A 253 10.41 21.44 31.33
C ASN A 253 9.82 22.56 32.18
N ASN A 254 9.61 23.72 31.57
CA ASN A 254 9.00 24.83 32.27
C ASN A 254 7.55 24.50 32.60
N PRO A 255 7.15 24.44 33.88
CA PRO A 255 5.77 24.04 34.21
C PRO A 255 4.72 25.06 33.81
N GLU A 256 5.10 26.30 33.51
CA GLU A 256 4.12 27.31 33.14
C GLU A 256 3.67 27.20 31.69
N ILE A 257 4.19 26.24 30.93
CA ILE A 257 3.86 26.11 29.51
C ILE A 257 2.60 25.27 29.37
N HIS A 258 1.54 25.89 28.86
CA HIS A 258 0.22 25.28 28.82
C HIS A 258 0.12 24.28 27.68
N LEU A 259 -0.56 23.17 27.97
CA LEU A 259 -0.91 22.18 26.96
C LEU A 259 -2.42 22.14 26.84
N THR A 260 -2.92 22.20 25.61
CA THR A 260 -4.36 22.18 25.37
C THR A 260 -4.88 20.76 25.51
N GLU A 261 -5.86 20.58 26.40
CA GLU A 261 -6.41 19.27 26.68
C GLU A 261 -7.01 18.67 25.42
N GLY A 262 -6.72 17.39 25.17
CA GLY A 262 -7.26 16.68 24.04
C GLY A 262 -6.47 16.81 22.75
N ARG A 263 -5.56 17.77 22.67
CA ARG A 263 -4.74 18.00 21.48
C ARG A 263 -3.27 17.77 21.72
N ASP A 264 -2.74 18.27 22.85
CA ASP A 264 -1.31 18.27 23.12
C ASP A 264 -0.95 17.16 24.11
N TYR A 265 0.14 16.46 23.81
CA TYR A 265 0.62 15.36 24.63
C TYR A 265 2.14 15.45 24.70
N TYR A 266 2.68 14.95 25.81
CA TYR A 266 4.12 15.05 26.06
C TYR A 266 4.88 13.92 25.37
N TRP A 267 6.01 14.29 24.77
CA TRP A 267 6.90 13.33 24.11
C TRP A 267 7.22 12.14 25.03
N ASP A 268 7.70 12.42 26.25
CA ASP A 268 8.13 11.35 27.15
C ASP A 268 6.97 10.46 27.56
N VAL A 269 5.85 11.08 27.95
CA VAL A 269 4.70 10.31 28.42
C VAL A 269 4.22 9.35 27.34
N GLU A 270 4.10 9.85 26.10
CA GLU A 270 3.53 9.01 25.04
C GLU A 270 4.54 7.99 24.53
N THR A 271 5.81 8.37 24.37
CA THR A 271 6.78 7.39 23.89
C THR A 271 7.02 6.27 24.90
N ALA A 272 6.78 6.52 26.20
CA ALA A 272 6.92 5.45 27.18
C ALA A 272 5.89 4.33 26.98
N LYS A 273 4.89 4.54 26.13
CA LYS A 273 3.84 3.54 25.93
C LYS A 273 4.17 2.54 24.82
N PHE A 274 5.24 2.76 24.05
CA PHE A 274 5.48 1.95 22.86
C PHE A 274 6.88 1.38 22.85
N PRO A 275 7.09 0.27 22.16
CA PRO A 275 8.38 -0.42 22.20
C PRO A 275 9.42 0.19 21.27
N GLY A 276 10.68 -0.13 21.57
CA GLY A 276 11.84 0.40 20.87
C GLY A 276 12.14 -0.21 19.53
N TYR A 277 11.23 -0.98 18.94
CA TYR A 277 11.32 -1.36 17.55
C TYR A 277 9.92 -1.31 16.95
N LEU A 278 9.83 -0.72 15.75
CA LEU A 278 8.60 -0.63 14.96
C LEU A 278 9.02 -0.92 13.52
N PRO A 279 8.34 -1.81 12.81
CA PRO A 279 8.73 -2.09 11.42
C PRO A 279 8.64 -0.85 10.57
N PRO A 280 9.64 -0.58 9.73
CA PRO A 280 9.49 0.51 8.76
C PRO A 280 8.49 0.14 7.69
N VAL A 281 7.85 1.16 7.13
CA VAL A 281 6.85 1.00 6.08
C VAL A 281 7.54 1.23 4.74
N SER A 282 7.45 0.24 3.86
CA SER A 282 8.00 0.37 2.52
C SER A 282 7.21 1.41 1.74
N VAL A 283 7.92 2.31 1.05
CA VAL A 283 7.29 3.27 0.16
C VAL A 283 7.95 3.17 -1.21
N ASN A 284 7.24 3.67 -2.21
CA ASN A 284 7.76 3.68 -3.57
C ASN A 284 8.85 4.74 -3.70
N SER A 285 9.78 4.48 -4.64
CA SER A 285 10.85 5.45 -4.89
C SER A 285 10.32 6.86 -5.08
N GLU A 286 9.15 7.00 -5.73
CA GLU A 286 8.63 8.31 -6.06
C GLU A 286 7.56 8.79 -5.09
N ASP A 287 7.27 8.04 -4.03
CA ASP A 287 6.42 8.57 -2.99
C ASP A 287 7.13 9.74 -2.30
N PRO A 288 6.39 10.77 -1.88
CA PRO A 288 7.04 11.95 -1.31
C PRO A 288 7.73 11.64 0.01
N LEU A 289 8.99 12.05 0.11
CA LEU A 289 9.71 11.99 1.38
C LEU A 289 9.49 13.25 2.21
N PHE A 290 9.57 14.43 1.60
CA PHE A 290 9.28 15.60 2.44
C PHE A 290 8.84 16.80 1.62
N LEU A 291 8.16 17.71 2.32
CA LEU A 291 7.87 19.06 1.85
C LEU A 291 8.76 20.04 2.60
N LEU A 292 9.36 20.98 1.89
CA LEU A 292 10.15 22.05 2.48
C LEU A 292 9.66 23.36 1.87
N TYR A 293 9.04 24.21 2.68
CA TYR A 293 8.44 25.42 2.15
C TYR A 293 9.53 26.45 1.89
N THR A 294 9.49 27.01 0.70
CA THR A 294 10.52 27.89 0.16
C THR A 294 9.88 29.15 -0.38
N SER A 295 10.61 30.25 -0.28
CA SER A 295 10.12 31.55 -0.71
C SER A 295 10.63 31.85 -2.12
N GLY A 296 9.76 32.47 -2.91
CA GLY A 296 10.11 32.87 -4.25
C GLY A 296 9.50 34.20 -4.59
N SER A 297 9.51 34.56 -5.87
CA SER A 297 8.90 35.82 -6.32
C SER A 297 7.40 35.62 -6.49
N THR A 298 6.72 35.46 -5.36
CA THR A 298 5.29 35.17 -5.38
C THR A 298 4.49 35.81 -4.25
N GLY A 299 5.00 35.74 -3.03
CA GLY A 299 4.23 36.19 -1.87
C GLY A 299 3.80 35.07 -0.94
N THR A 300 3.37 33.91 -1.50
CA THR A 300 3.03 32.74 -0.69
C THR A 300 4.14 31.71 -0.75
N PRO A 301 4.54 31.12 0.40
CA PRO A 301 5.56 30.07 0.37
C PRO A 301 5.08 28.85 -0.40
N LYS A 302 5.99 28.22 -1.14
CA LYS A 302 5.66 27.05 -1.94
C LYS A 302 6.30 25.82 -1.30
N GLY A 303 5.53 24.75 -1.17
CA GLY A 303 6.06 23.55 -0.58
C GLY A 303 6.83 22.72 -1.58
N VAL A 304 8.16 22.86 -1.60
CA VAL A 304 8.98 22.05 -2.50
C VAL A 304 8.91 20.60 -2.05
N VAL A 305 8.52 19.70 -2.96
CA VAL A 305 8.34 18.29 -2.64
C VAL A 305 9.52 17.50 -3.17
N HIS A 306 10.12 16.69 -2.29
CA HIS A 306 11.16 15.77 -2.70
C HIS A 306 10.66 14.35 -2.53
N SER A 307 10.97 13.54 -3.55
CA SER A 307 10.76 12.10 -3.60
C SER A 307 11.71 11.40 -2.63
N THR A 308 11.65 10.07 -2.61
CA THR A 308 12.43 9.28 -1.67
C THR A 308 13.74 8.73 -2.24
N ALA A 309 13.68 7.84 -3.23
CA ALA A 309 14.89 7.16 -3.69
C ALA A 309 15.88 8.14 -4.31
N GLY A 310 15.42 8.95 -5.27
CA GLY A 310 16.32 9.86 -5.94
C GLY A 310 16.95 10.87 -5.00
N TYR A 311 16.16 11.42 -4.07
CA TYR A 311 16.70 12.37 -3.11
C TYR A 311 17.75 11.72 -2.23
N LEU A 312 17.46 10.53 -1.70
CA LEU A 312 18.42 9.83 -0.86
C LEU A 312 19.68 9.48 -1.63
N LEU A 313 19.55 9.03 -2.88
CA LEU A 313 20.74 8.71 -3.66
C LEU A 313 21.59 9.96 -3.89
N GLY A 314 20.97 11.08 -4.22
CA GLY A 314 21.73 12.30 -4.37
C GLY A 314 22.44 12.70 -3.09
N ALA A 315 21.74 12.59 -1.96
CA ALA A 315 22.36 12.95 -0.68
C ALA A 315 23.57 12.08 -0.41
N ALA A 316 23.42 10.76 -0.52
CA ALA A 316 24.54 9.87 -0.25
C ALA A 316 25.68 10.10 -1.24
N LEU A 317 25.34 10.25 -2.52
CA LEU A 317 26.37 10.37 -3.56
C LEU A 317 27.18 11.65 -3.39
N SER A 318 26.50 12.78 -3.21
CA SER A 318 27.23 14.03 -3.04
C SER A 318 28.02 14.03 -1.74
N THR A 319 27.43 13.58 -0.63
CA THR A 319 28.20 13.52 0.61
C THR A 319 29.44 12.65 0.47
N LYS A 320 29.31 11.51 -0.21
CA LYS A 320 30.46 10.60 -0.31
C LYS A 320 31.53 11.18 -1.22
N TYR A 321 31.16 11.63 -2.41
CA TYR A 321 32.16 11.97 -3.43
C TYR A 321 32.62 13.43 -3.37
N ILE A 322 31.73 14.38 -3.10
CA ILE A 322 32.20 15.77 -3.06
C ILE A 322 32.95 16.05 -1.77
N PHE A 323 32.51 15.49 -0.64
CA PHE A 323 33.19 15.72 0.63
C PHE A 323 34.26 14.66 0.96
N ASP A 324 34.29 13.53 0.25
CA ASP A 324 35.21 12.43 0.54
C ASP A 324 34.99 11.89 1.96
N ILE A 325 33.82 11.31 2.15
CA ILE A 325 33.39 10.78 3.45
C ILE A 325 33.60 9.28 3.47
N HIS A 326 34.24 8.80 4.54
CA HIS A 326 34.52 7.39 4.75
C HIS A 326 33.89 6.94 6.07
N PRO A 327 33.78 5.63 6.32
CA PRO A 327 33.17 5.18 7.58
C PRO A 327 33.82 5.77 8.82
N GLU A 328 35.11 6.10 8.77
CA GLU A 328 35.84 6.61 9.93
C GLU A 328 35.60 8.09 10.19
N ASP A 329 34.97 8.81 9.26
CA ASP A 329 34.92 10.26 9.31
C ASP A 329 33.78 10.75 10.19
N ILE A 330 33.81 12.05 10.49
CA ILE A 330 32.85 12.70 11.37
C ILE A 330 32.53 14.06 10.76
N LEU A 331 31.26 14.29 10.45
CA LEU A 331 30.83 15.47 9.69
C LEU A 331 30.12 16.47 10.61
N PHE A 332 30.52 17.73 10.52
CA PHE A 332 29.90 18.83 11.25
C PHE A 332 29.35 19.81 10.23
N THR A 333 28.05 19.73 9.96
CA THR A 333 27.35 20.69 9.12
C THR A 333 26.71 21.73 10.03
N ALA A 334 27.27 22.95 10.02
CA ALA A 334 26.77 24.04 10.86
C ALA A 334 25.58 24.67 10.14
N GLY A 335 24.51 23.88 10.06
CA GLY A 335 23.28 24.32 9.46
C GLY A 335 22.11 24.03 10.37
N ASP A 336 20.91 24.13 9.83
CA ASP A 336 19.68 23.96 10.59
C ASP A 336 18.73 23.16 9.71
N VAL A 337 18.10 22.12 10.27
CA VAL A 337 17.16 21.31 9.51
C VAL A 337 15.96 22.12 9.03
N GLY A 338 15.78 23.34 9.53
CA GLY A 338 14.75 24.21 8.96
C GLY A 338 15.01 24.59 7.53
N TRP A 339 16.20 24.31 7.00
CA TRP A 339 16.61 24.67 5.66
C TRP A 339 17.23 23.45 5.01
N ILE A 340 17.37 23.52 3.68
CA ILE A 340 17.72 22.32 2.93
C ILE A 340 19.11 21.82 3.32
N THR A 341 20.00 22.73 3.72
CA THR A 341 21.36 22.31 4.08
C THR A 341 21.33 21.32 5.23
N GLY A 342 20.56 21.61 6.27
CA GLY A 342 20.39 20.67 7.37
C GLY A 342 19.75 19.36 6.92
N HIS A 343 18.66 19.46 6.14
CA HIS A 343 18.04 18.25 5.59
C HIS A 343 19.08 17.32 4.98
N THR A 344 19.82 17.83 3.99
CA THR A 344 20.62 16.95 3.15
C THR A 344 21.98 16.61 3.75
N TYR A 345 22.63 17.54 4.46
CA TYR A 345 24.01 17.33 4.88
C TYR A 345 24.23 17.33 6.39
N ALA A 346 23.21 17.66 7.19
CA ALA A 346 23.25 17.33 8.61
C ALA A 346 22.51 16.04 8.94
N LEU A 347 21.51 15.67 8.14
CA LEU A 347 20.75 14.45 8.42
C LEU A 347 20.96 13.37 7.36
N TYR A 348 20.35 13.51 6.18
CA TYR A 348 20.21 12.35 5.30
C TYR A 348 21.57 11.85 4.77
N GLY A 349 22.43 12.75 4.31
CA GLY A 349 23.70 12.34 3.72
C GLY A 349 24.58 11.51 4.66
N PRO A 350 24.96 12.11 5.78
CA PRO A 350 25.83 11.38 6.72
C PRO A 350 25.19 10.12 7.29
N LEU A 351 23.91 10.19 7.69
CA LEU A 351 23.27 9.00 8.26
C LEU A 351 23.12 7.89 7.24
N LEU A 352 22.83 8.24 5.97
CA LEU A 352 22.85 7.24 4.92
C LEU A 352 24.22 6.56 4.85
N LEU A 353 25.28 7.35 4.93
CA LEU A 353 26.61 6.76 4.84
C LEU A 353 27.07 6.11 6.14
N GLY A 354 26.28 6.18 7.21
CA GLY A 354 26.58 5.48 8.43
C GLY A 354 27.63 6.11 9.31
N VAL A 355 27.88 7.40 9.17
CA VAL A 355 28.89 8.10 9.97
C VAL A 355 28.20 8.96 11.02
N PRO A 356 28.93 9.45 12.01
CA PRO A 356 28.33 10.38 12.97
C PRO A 356 28.20 11.77 12.36
N THR A 357 27.13 12.46 12.76
CA THR A 357 26.89 13.84 12.34
C THR A 357 26.69 14.69 13.58
N ILE A 358 27.29 15.88 13.57
CA ILE A 358 27.24 16.78 14.71
C ILE A 358 26.06 17.72 14.53
N ILE A 359 25.14 17.69 15.49
CA ILE A 359 23.92 18.48 15.49
C ILE A 359 24.09 19.57 16.55
N PHE A 360 24.26 20.81 16.10
CA PHE A 360 24.60 21.92 16.99
C PHE A 360 23.38 22.83 17.14
N GLU A 361 22.92 22.97 18.39
CA GLU A 361 21.70 23.69 18.72
C GLU A 361 21.91 25.19 18.87
N GLY A 362 23.15 25.63 19.05
CA GLY A 362 23.42 26.99 19.48
C GLY A 362 23.85 27.90 18.33
N THR A 363 24.63 28.92 18.68
CA THR A 363 25.14 29.92 17.75
C THR A 363 26.66 29.87 17.70
N PRO A 364 27.27 30.42 16.65
CA PRO A 364 28.74 30.48 16.59
C PRO A 364 29.37 31.40 17.61
N ALA A 365 28.57 32.18 18.35
CA ALA A 365 29.09 33.22 19.24
C ALA A 365 28.93 32.91 20.72
N TYR A 366 28.27 31.81 21.08
CA TYR A 366 27.94 31.53 22.47
C TYR A 366 28.53 30.20 22.92
N PRO A 367 29.21 30.15 24.07
CA PRO A 367 29.47 31.25 25.02
C PRO A 367 30.48 32.26 24.47
N ASP A 368 31.19 31.91 23.41
CA ASP A 368 32.15 32.82 22.78
C ASP A 368 32.34 32.38 21.34
N TYR A 369 33.15 33.14 20.60
CA TYR A 369 33.31 32.92 19.18
C TYR A 369 34.22 31.74 18.83
N GLY A 370 34.71 30.98 19.82
CA GLY A 370 35.44 29.77 19.54
C GLY A 370 34.61 28.50 19.50
N ARG A 371 33.29 28.61 19.66
CA ARG A 371 32.44 27.44 19.87
C ARG A 371 32.56 26.43 18.72
N PHE A 372 32.50 26.89 17.47
CA PHE A 372 32.66 25.98 16.34
C PHE A 372 33.94 25.16 16.48
N TRP A 373 35.05 25.84 16.80
CA TRP A 373 36.34 25.15 16.84
C TRP A 373 36.47 24.28 18.08
N GLN A 374 35.88 24.71 19.19
CA GLN A 374 35.82 23.87 20.38
C GLN A 374 35.11 22.55 20.07
N ILE A 375 34.01 22.62 19.31
CA ILE A 375 33.27 21.41 18.96
C ILE A 375 34.10 20.52 18.03
N VAL A 376 34.68 21.11 16.99
CA VAL A 376 35.51 20.34 16.06
C VAL A 376 36.62 19.60 16.81
N GLU A 377 37.29 20.31 17.73
CA GLU A 377 38.36 19.69 18.50
C GLU A 377 37.82 18.62 19.44
N LYS A 378 36.76 18.93 20.19
CA LYS A 378 36.19 17.97 21.11
C LYS A 378 35.94 16.62 20.43
N HIS A 379 35.35 16.64 19.23
CA HIS A 379 34.94 15.40 18.58
C HIS A 379 35.85 14.99 17.43
N LYS A 380 36.96 15.69 17.21
CA LYS A 380 37.90 15.35 16.14
C LYS A 380 37.18 15.27 14.80
N ALA A 381 36.34 16.26 14.53
CA ALA A 381 35.61 16.28 13.28
C ALA A 381 36.57 16.33 12.10
N THR A 382 36.27 15.56 11.07
CA THR A 382 37.11 15.51 9.88
C THR A 382 36.58 16.38 8.75
N HIS A 383 35.31 16.78 8.81
CA HIS A 383 34.66 17.53 7.75
C HIS A 383 33.82 18.62 8.38
N PHE A 384 33.93 19.85 7.86
CA PHE A 384 33.24 21.00 8.40
C PHE A 384 32.57 21.75 7.25
N TYR A 385 31.31 22.13 7.42
CA TYR A 385 30.46 22.65 6.35
C TYR A 385 29.72 23.87 6.89
N VAL A 386 29.93 25.03 6.28
CA VAL A 386 29.46 26.29 6.86
C VAL A 386 29.16 27.29 5.75
N ALA A 387 28.39 28.35 6.11
CA ALA A 387 28.04 29.42 5.18
C ALA A 387 28.99 30.59 5.29
N PRO A 388 29.27 31.27 4.18
CA PRO A 388 30.14 32.46 4.25
C PRO A 388 29.69 33.52 5.25
N THR A 389 28.39 33.66 5.54
CA THR A 389 27.96 34.63 6.54
C THR A 389 28.66 34.38 7.88
N ALA A 390 28.71 33.11 8.30
CA ALA A 390 29.38 32.78 9.55
C ALA A 390 30.88 33.03 9.44
N LEU A 391 31.48 32.73 8.27
CA LEU A 391 32.90 32.99 8.10
C LEU A 391 33.22 34.48 8.23
N ARG A 392 32.39 35.34 7.64
CA ARG A 392 32.60 36.77 7.79
C ARG A 392 32.48 37.19 9.25
N LEU A 393 31.47 36.67 9.95
CA LEU A 393 31.31 37.00 11.37
C LEU A 393 32.54 36.60 12.17
N LEU A 394 33.04 35.38 11.94
CA LEU A 394 34.17 34.89 12.73
C LEU A 394 35.46 35.62 12.37
N ARG A 395 35.65 35.97 11.09
CA ARG A 395 36.81 36.77 10.72
C ARG A 395 36.76 38.15 11.39
N LYS A 396 35.55 38.71 11.52
CA LYS A 396 35.42 40.03 12.12
C LYS A 396 35.60 40.00 13.64
N ALA A 397 35.02 39.01 14.32
CA ALA A 397 34.90 39.04 15.76
C ALA A 397 35.63 37.92 16.50
N GLY A 398 36.08 36.86 15.82
CA GLY A 398 36.60 35.73 16.55
C GLY A 398 37.87 35.09 16.02
N GLU A 399 38.68 35.84 15.27
CA GLU A 399 39.91 35.27 14.73
C GLU A 399 40.84 34.83 15.87
N GLN A 400 40.98 35.67 16.90
CA GLN A 400 41.86 35.36 18.01
C GLN A 400 41.48 34.06 18.72
N GLU A 401 40.26 33.56 18.52
CA GLU A 401 39.89 32.32 19.19
C GLU A 401 40.49 31.09 18.51
N ILE A 402 40.76 31.19 17.20
CA ILE A 402 41.14 29.99 16.46
C ILE A 402 42.41 29.36 17.04
N ALA A 403 43.40 30.19 17.38
CA ALA A 403 44.67 29.68 17.86
C ALA A 403 44.54 28.89 19.16
N LYS A 404 43.37 28.90 19.80
CA LYS A 404 43.20 28.16 21.03
C LYS A 404 42.89 26.69 20.82
N TYR A 405 42.66 26.26 19.59
CA TYR A 405 42.12 24.94 19.32
C TYR A 405 42.98 24.17 18.35
N ASP A 406 43.03 22.85 18.56
CA ASP A 406 43.66 21.91 17.65
C ASP A 406 42.63 21.52 16.59
N LEU A 407 42.83 22.00 15.37
CA LEU A 407 41.92 21.72 14.26
C LEU A 407 42.54 20.76 13.25
N SER A 408 43.56 19.99 13.66
CA SER A 408 44.28 19.13 12.75
C SER A 408 43.50 17.89 12.34
N SER A 409 42.36 17.61 12.97
CA SER A 409 41.55 16.49 12.54
C SER A 409 40.83 16.77 11.23
N LEU A 410 40.68 18.03 10.84
CA LEU A 410 39.95 18.40 9.65
C LEU A 410 40.77 18.15 8.38
N ARG A 411 40.07 17.75 7.30
CA ARG A 411 40.66 17.78 5.97
C ARG A 411 39.76 18.34 4.89
N THR A 412 38.44 18.41 5.07
CA THR A 412 37.52 18.97 4.08
C THR A 412 36.75 20.12 4.73
N LEU A 413 36.82 21.28 4.11
CA LEU A 413 36.13 22.49 4.55
C LEU A 413 35.15 22.88 3.45
N GLY A 414 33.86 22.80 3.72
CA GLY A 414 32.84 23.17 2.76
C GLY A 414 32.27 24.55 3.00
N SER A 415 31.77 25.16 1.92
CA SER A 415 31.10 26.46 1.95
C SER A 415 29.82 26.35 1.14
N VAL A 416 28.72 26.93 1.65
CA VAL A 416 27.40 26.72 1.05
C VAL A 416 26.55 27.97 1.17
N GLY A 417 25.68 28.16 0.18
CA GLY A 417 24.50 28.99 0.33
C GLY A 417 24.58 30.34 -0.35
N GLU A 418 25.77 30.77 -0.72
CA GLU A 418 26.01 32.14 -1.15
C GLU A 418 27.43 32.22 -1.69
N PRO A 419 27.75 33.26 -2.44
CA PRO A 419 29.11 33.37 -2.98
C PRO A 419 30.14 33.47 -1.85
N ILE A 420 31.29 32.88 -2.09
CA ILE A 420 32.45 33.02 -1.22
C ILE A 420 33.47 33.82 -2.01
N SER A 421 33.75 35.04 -1.55
CA SER A 421 34.74 35.89 -2.19
C SER A 421 36.11 35.23 -2.16
N PRO A 422 37.00 35.59 -3.08
CA PRO A 422 38.37 35.08 -3.00
C PRO A 422 39.03 35.37 -1.66
N ASP A 423 38.76 36.55 -1.07
CA ASP A 423 39.38 36.89 0.20
C ASP A 423 38.88 35.99 1.32
N ILE A 424 37.57 35.76 1.39
CA ILE A 424 37.04 34.88 2.41
C ILE A 424 37.51 33.45 2.16
N TRP A 425 37.61 33.04 0.89
CA TRP A 425 38.15 31.72 0.58
C TRP A 425 39.55 31.57 1.13
N GLU A 426 40.40 32.59 0.94
CA GLU A 426 41.76 32.54 1.46
C GLU A 426 41.77 32.54 2.99
N TRP A 427 40.90 33.33 3.61
CA TRP A 427 40.84 33.36 5.06
C TRP A 427 40.44 31.99 5.61
N TYR A 428 39.39 31.39 5.04
CA TYR A 428 38.98 30.05 5.40
C TYR A 428 40.13 29.07 5.24
N ASN A 429 40.81 29.14 4.09
CA ASN A 429 41.87 28.19 3.78
C ASN A 429 43.03 28.30 4.77
N GLU A 430 43.38 29.52 5.17
CA GLU A 430 44.55 29.72 6.02
C GLU A 430 44.25 29.55 7.51
N PHE A 431 43.23 30.23 8.02
CA PHE A 431 43.04 30.29 9.46
C PHE A 431 42.34 29.06 10.02
N VAL A 432 41.46 28.43 9.24
CA VAL A 432 40.79 27.21 9.68
C VAL A 432 41.52 25.98 9.20
N GLY A 433 41.86 25.93 7.91
CA GLY A 433 42.52 24.78 7.30
C GLY A 433 44.03 24.76 7.37
N LYS A 434 44.65 25.83 7.83
CA LYS A 434 46.11 25.92 7.93
C LYS A 434 46.79 25.61 6.59
N ASN A 435 46.07 25.85 5.50
CA ASN A 435 46.59 25.59 4.15
C ASN A 435 46.88 24.10 3.94
N GLN A 436 46.18 23.25 4.68
CA GLN A 436 46.35 21.81 4.58
C GLN A 436 45.07 21.07 4.20
N CYS A 437 43.94 21.78 4.10
CA CYS A 437 42.64 21.18 3.82
C CYS A 437 42.21 21.49 2.40
N HIS A 438 41.28 20.69 1.92
CA HIS A 438 40.60 20.95 0.66
C HIS A 438 39.32 21.73 0.95
N ILE A 439 39.07 22.76 0.14
CA ILE A 439 37.87 23.57 0.26
C ILE A 439 36.88 23.17 -0.83
N SER A 440 35.63 22.94 -0.43
CA SER A 440 34.56 22.59 -1.36
C SER A 440 33.50 23.69 -1.34
N ASP A 441 33.59 24.62 -2.27
CA ASP A 441 32.55 25.63 -2.51
C ASP A 441 31.42 24.94 -3.27
N THR A 442 30.34 24.58 -2.57
CA THR A 442 29.26 23.79 -3.16
C THR A 442 28.13 24.72 -3.58
N TYR A 443 27.82 24.72 -4.89
CA TYR A 443 26.68 25.44 -5.41
C TYR A 443 25.50 24.47 -5.55
N TRP A 444 24.34 24.88 -5.05
CA TRP A 444 23.11 24.11 -5.20
C TRP A 444 21.94 24.91 -4.63
N GLN A 445 20.77 24.29 -4.54
CA GLN A 445 19.59 25.02 -4.07
C GLN A 445 18.55 24.04 -3.56
N THR A 446 17.58 24.57 -2.81
CA THR A 446 16.56 23.72 -2.21
C THR A 446 15.94 22.77 -3.22
N GLU A 447 15.64 23.28 -4.42
CA GLU A 447 14.95 22.49 -5.43
C GLU A 447 15.86 21.45 -6.07
N SER A 448 17.18 21.56 -5.91
CA SER A 448 18.08 20.57 -6.50
C SER A 448 18.32 19.37 -5.60
N GLY A 449 17.97 19.46 -4.32
CA GLY A 449 18.12 18.34 -3.42
C GLY A 449 19.53 18.12 -2.91
N SER A 450 20.51 18.27 -3.80
CA SER A 450 21.91 18.01 -3.45
C SER A 450 22.80 18.82 -4.39
N HIS A 451 24.11 18.67 -4.19
CA HIS A 451 25.10 19.49 -4.89
C HIS A 451 24.95 19.40 -6.40
N LEU A 452 25.04 20.56 -7.07
CA LEU A 452 25.02 20.67 -8.51
C LEU A 452 26.40 20.94 -9.12
N ILE A 453 27.18 21.83 -8.52
CA ILE A 453 28.52 22.20 -8.99
C ILE A 453 29.40 22.35 -7.76
N ALA A 454 30.48 21.58 -7.70
CA ALA A 454 31.34 21.60 -6.52
C ALA A 454 32.67 20.92 -6.78
N PRO A 455 33.76 21.37 -6.15
CA PRO A 455 35.05 20.69 -6.33
C PRO A 455 35.13 19.47 -5.42
N LEU A 456 35.25 18.29 -6.01
CA LEU A 456 35.37 17.06 -5.23
C LEU A 456 36.63 17.09 -4.37
N ALA A 457 36.48 16.80 -3.09
CA ALA A 457 37.60 16.85 -2.16
C ALA A 457 38.67 15.84 -2.56
N GLY A 458 39.92 16.31 -2.65
CA GLY A 458 41.04 15.50 -3.04
C GLY A 458 41.17 15.21 -4.52
N VAL A 459 40.30 15.77 -5.36
CA VAL A 459 40.25 15.41 -6.78
C VAL A 459 40.34 16.64 -7.68
N VAL A 460 39.46 17.62 -7.47
CA VAL A 460 39.38 18.79 -8.34
C VAL A 460 40.22 19.89 -7.74
N PRO A 461 41.21 20.45 -8.46
CA PRO A 461 41.90 21.64 -7.98
C PRO A 461 40.98 22.85 -7.98
N ASN A 462 41.27 23.80 -7.08
CA ASN A 462 40.37 24.92 -6.84
C ASN A 462 40.83 26.20 -7.54
N LYS A 463 39.85 26.99 -7.96
CA LYS A 463 40.03 28.42 -8.22
C LYS A 463 39.20 29.15 -7.17
N PRO A 464 39.80 29.93 -6.28
CA PRO A 464 39.02 30.54 -5.19
C PRO A 464 37.88 31.38 -5.72
N GLY A 465 36.67 31.06 -5.28
CA GLY A 465 35.47 31.76 -5.71
C GLY A 465 34.66 31.03 -6.77
N SER A 466 35.20 29.96 -7.34
CA SER A 466 34.54 29.17 -8.36
C SER A 466 34.06 27.84 -7.79
N ALA A 467 32.84 27.45 -8.13
CA ALA A 467 32.32 26.14 -7.72
C ALA A 467 32.93 25.00 -8.53
N SER A 468 33.64 25.30 -9.62
CA SER A 468 34.35 24.33 -10.47
C SER A 468 33.38 23.54 -11.36
N TYR A 469 33.44 22.18 -11.32
CA TYR A 469 32.77 21.35 -12.31
C TYR A 469 31.39 20.92 -11.86
N PRO A 470 30.46 20.74 -12.79
CA PRO A 470 29.16 20.13 -12.43
C PRO A 470 29.34 18.71 -11.95
N PHE A 471 28.44 18.29 -11.06
CA PHE A 471 28.49 16.98 -10.42
C PHE A 471 27.80 15.91 -11.29
N PHE A 472 27.99 14.65 -10.90
CA PHE A 472 27.38 13.53 -11.61
C PHE A 472 25.91 13.79 -11.90
N GLY A 473 25.49 13.55 -13.14
CA GLY A 473 24.10 13.70 -13.54
C GLY A 473 23.66 15.12 -13.80
N ILE A 474 24.56 16.09 -13.68
CA ILE A 474 24.23 17.51 -13.82
C ILE A 474 24.86 17.98 -15.13
N ASP A 475 24.04 18.13 -16.16
CA ASP A 475 24.49 18.62 -17.46
C ASP A 475 24.16 20.12 -17.51
N ALA A 476 25.11 20.94 -17.06
CA ALA A 476 24.89 22.37 -16.93
C ALA A 476 25.15 23.08 -18.25
N ALA A 477 24.48 24.23 -18.42
CA ALA A 477 24.59 25.05 -19.62
C ALA A 477 24.33 26.51 -19.27
N LEU A 478 24.79 27.38 -20.15
CA LEU A 478 24.53 28.81 -20.09
C LEU A 478 23.63 29.20 -21.26
N ILE A 479 22.60 29.99 -20.98
CA ILE A 479 21.62 30.37 -22.00
C ILE A 479 21.69 31.88 -22.18
N ASP A 480 21.71 32.31 -23.43
CA ASP A 480 21.73 33.73 -23.77
C ASP A 480 20.46 34.40 -23.29
N PRO A 481 20.53 35.45 -22.45
CA PRO A 481 19.30 36.04 -21.92
C PRO A 481 18.51 36.81 -22.96
N VAL A 482 19.10 37.14 -24.10
CA VAL A 482 18.39 37.85 -25.15
C VAL A 482 17.68 36.90 -26.10
N THR A 483 18.34 35.80 -26.48
CA THR A 483 17.85 34.90 -27.52
C THR A 483 17.27 33.60 -26.99
N GLY A 484 17.49 33.27 -25.72
CA GLY A 484 16.99 32.03 -25.20
C GLY A 484 17.71 30.80 -25.71
N VAL A 485 18.80 30.98 -26.45
CA VAL A 485 19.55 29.88 -27.06
C VAL A 485 20.77 29.53 -26.20
N GLU A 486 21.03 28.23 -26.07
CA GLU A 486 22.17 27.74 -25.31
C GLU A 486 23.49 28.23 -25.93
N ILE A 487 24.45 28.57 -25.06
CA ILE A 487 25.72 29.14 -25.47
C ILE A 487 26.76 28.03 -25.60
N GLU A 488 27.37 27.91 -26.78
CA GLU A 488 28.42 26.93 -27.01
C GLU A 488 29.78 27.56 -26.69
N GLY A 489 30.71 26.73 -26.24
CA GLY A 489 32.06 27.20 -26.00
C GLY A 489 32.22 27.85 -24.64
N ASN A 490 33.46 28.15 -24.32
CA ASN A 490 33.85 28.66 -23.01
C ASN A 490 34.18 30.14 -23.08
N ASP A 491 34.54 30.71 -21.93
CA ASP A 491 34.66 32.16 -21.77
C ASP A 491 33.31 32.82 -22.05
N ALA A 492 32.28 32.29 -21.38
CA ALA A 492 30.90 32.66 -21.69
C ALA A 492 30.17 32.99 -20.40
N GLU A 493 29.04 33.68 -20.56
CA GLU A 493 28.20 34.05 -19.43
C GLU A 493 26.73 34.02 -19.86
N GLY A 494 25.86 33.70 -18.91
CA GLY A 494 24.43 33.75 -19.19
C GLY A 494 23.62 33.19 -18.04
N VAL A 495 22.39 32.77 -18.37
CA VAL A 495 21.49 32.16 -17.41
C VAL A 495 21.90 30.72 -17.18
N LEU A 496 22.02 30.31 -15.93
CA LEU A 496 22.45 28.96 -15.61
C LEU A 496 21.26 28.02 -15.70
N ALA A 497 21.37 26.99 -16.54
CA ALA A 497 20.29 26.04 -16.72
C ALA A 497 20.86 24.64 -16.76
N ILE A 498 20.00 23.66 -16.51
CA ILE A 498 20.36 22.25 -16.53
C ILE A 498 19.54 21.55 -17.61
N LYS A 499 20.21 20.69 -18.39
CA LYS A 499 19.67 20.16 -19.63
C LYS A 499 18.92 18.85 -19.48
N ASP A 500 18.92 18.25 -18.28
CA ASP A 500 18.12 17.07 -18.03
C ASP A 500 17.94 16.95 -16.53
N HIS A 501 16.89 16.25 -16.13
CA HIS A 501 16.64 16.11 -14.71
C HIS A 501 17.65 15.14 -14.10
N TRP A 502 17.71 15.13 -12.77
CA TRP A 502 18.68 14.36 -12.03
C TRP A 502 17.98 13.75 -10.81
N PRO A 503 18.60 12.73 -10.19
CA PRO A 503 17.86 11.93 -9.20
C PRO A 503 17.20 12.74 -8.09
N SER A 504 17.88 13.73 -7.53
CA SER A 504 17.37 14.43 -6.37
C SER A 504 16.61 15.71 -6.71
N MET A 505 16.29 15.93 -8.00
CA MET A 505 15.52 17.11 -8.37
C MET A 505 14.15 17.07 -7.73
N ALA A 506 13.71 18.23 -7.22
CA ALA A 506 12.35 18.32 -6.68
C ALA A 506 11.35 17.95 -7.76
N ARG A 507 10.27 17.28 -7.35
CA ARG A 507 9.32 16.70 -8.29
C ARG A 507 8.07 17.56 -8.52
N THR A 508 7.68 18.39 -7.55
CA THR A 508 6.51 19.23 -7.72
C THR A 508 6.50 20.29 -6.61
N VAL A 509 5.53 21.18 -6.69
CA VAL A 509 5.14 22.06 -5.59
C VAL A 509 3.80 21.53 -5.07
N TYR A 510 3.73 21.33 -3.75
CA TYR A 510 2.65 20.54 -3.17
C TYR A 510 1.29 21.06 -3.62
N LYS A 511 0.53 20.20 -4.30
CA LYS A 511 -0.82 20.50 -4.80
C LYS A 511 -0.85 21.76 -5.68
N ASN A 512 0.27 22.07 -6.31
CA ASN A 512 0.35 23.23 -7.19
C ASN A 512 1.40 22.98 -8.27
N HIS A 513 1.22 21.90 -9.04
CA HIS A 513 2.20 21.55 -10.05
C HIS A 513 2.31 22.61 -11.14
N THR A 514 1.26 23.41 -11.36
CA THR A 514 1.34 24.46 -12.36
C THR A 514 2.36 25.52 -11.96
N LYS A 515 2.41 25.87 -10.67
CA LYS A 515 3.42 26.81 -10.20
C LYS A 515 4.82 26.25 -10.39
N TYR A 516 4.99 24.96 -10.13
CA TYR A 516 6.26 24.28 -10.39
C TYR A 516 6.68 24.42 -11.84
N MET A 517 5.78 24.06 -12.76
CA MET A 517 6.10 24.16 -14.19
C MET A 517 6.46 25.60 -14.56
N ASP A 518 5.63 26.56 -14.13
CA ASP A 518 5.85 27.95 -14.51
C ASP A 518 7.15 28.50 -13.93
N THR A 519 7.60 27.97 -12.80
CA THR A 519 8.82 28.47 -12.17
C THR A 519 10.08 27.82 -12.73
N TYR A 520 10.07 26.51 -12.94
CA TYR A 520 11.31 25.78 -13.22
C TYR A 520 11.46 25.30 -14.66
N MET A 521 10.38 24.89 -15.32
CA MET A 521 10.47 24.22 -16.62
C MET A 521 10.01 25.04 -17.81
N ASN A 522 9.12 26.02 -17.62
CA ASN A 522 8.55 26.74 -18.74
C ASN A 522 9.36 27.97 -19.17
N PRO A 523 10.12 28.63 -18.29
CA PRO A 523 10.88 29.80 -18.74
C PRO A 523 11.86 29.51 -19.85
N TYR A 524 12.53 28.36 -19.82
CA TYR A 524 13.51 27.97 -20.84
C TYR A 524 13.18 26.54 -21.25
N PRO A 525 12.23 26.37 -22.18
CA PRO A 525 11.70 25.04 -22.48
C PRO A 525 12.81 24.05 -22.85
N GLY A 526 12.73 22.86 -22.27
CA GLY A 526 13.76 21.87 -22.41
C GLY A 526 14.84 21.95 -21.36
N TYR A 527 14.82 22.97 -20.50
CA TYR A 527 15.83 23.17 -19.48
C TYR A 527 15.19 23.32 -18.12
N TYR A 528 16.00 23.13 -17.09
CA TYR A 528 15.66 23.51 -15.73
C TYR A 528 16.28 24.86 -15.43
N PHE A 529 15.45 25.80 -14.97
CA PHE A 529 15.86 27.18 -14.69
C PHE A 529 16.26 27.29 -13.22
N THR A 530 17.55 27.56 -12.97
CA THR A 530 18.05 27.68 -11.60
C THR A 530 17.70 29.00 -10.94
N GLY A 531 17.36 30.02 -11.72
CA GLY A 531 17.22 31.36 -11.19
C GLY A 531 18.53 32.10 -11.01
N ASP A 532 19.66 31.47 -11.35
CA ASP A 532 20.98 32.07 -11.21
C ASP A 532 21.57 32.41 -12.57
N GLY A 533 22.47 33.39 -12.57
CA GLY A 533 23.35 33.62 -13.68
C GLY A 533 24.73 33.10 -13.34
N ALA A 534 25.51 32.81 -14.38
CA ALA A 534 26.82 32.19 -14.17
C ALA A 534 27.70 32.45 -15.37
N ALA A 535 28.98 32.15 -15.19
CA ALA A 535 29.98 32.23 -16.24
C ALA A 535 30.80 30.95 -16.25
N ARG A 536 31.30 30.59 -17.42
CA ARG A 536 32.08 29.39 -17.64
C ARG A 536 33.39 29.79 -18.31
N ASP A 537 34.52 29.45 -17.68
CA ASP A 537 35.83 29.90 -18.14
C ASP A 537 36.44 28.84 -19.06
N HIS A 538 37.67 29.12 -19.53
CA HIS A 538 38.28 28.30 -20.56
C HIS A 538 38.61 26.89 -20.08
N ASP A 539 38.65 26.66 -18.77
CA ASP A 539 38.87 25.34 -18.21
C ASP A 539 37.58 24.60 -17.91
N GLY A 540 36.43 25.23 -18.19
CA GLY A 540 35.15 24.64 -17.86
C GLY A 540 34.67 24.88 -16.44
N TYR A 541 35.40 25.67 -15.64
CA TYR A 541 34.96 25.98 -14.30
C TYR A 541 33.81 26.98 -14.34
N TYR A 542 32.81 26.77 -13.49
CA TYR A 542 31.66 27.65 -13.40
C TYR A 542 31.85 28.67 -12.27
N TRP A 543 31.49 29.91 -12.57
CA TRP A 543 31.54 31.02 -11.62
C TRP A 543 30.11 31.54 -11.44
N ILE A 544 29.55 31.32 -10.24
CA ILE A 544 28.19 31.76 -9.95
C ILE A 544 28.17 33.27 -9.81
N ARG A 545 27.18 33.91 -10.44
CA ARG A 545 27.06 35.35 -10.45
C ARG A 545 25.82 35.86 -9.74
N GLY A 546 24.99 34.98 -9.19
CA GLY A 546 23.88 35.37 -8.35
C GLY A 546 22.55 35.34 -9.08
N ARG A 547 21.49 35.56 -8.30
CA ARG A 547 20.14 35.42 -8.82
C ARG A 547 19.85 36.42 -9.94
N VAL A 548 19.16 35.94 -10.98
CA VAL A 548 18.62 36.83 -12.01
C VAL A 548 17.14 37.15 -11.78
N ASP A 549 16.50 36.48 -10.81
CA ASP A 549 15.05 36.58 -10.64
C ASP A 549 14.67 37.35 -9.38
N ASP A 550 15.56 38.22 -8.90
CA ASP A 550 15.26 39.13 -7.79
C ASP A 550 14.85 38.40 -6.51
N VAL A 551 15.29 37.16 -6.34
CA VAL A 551 15.13 36.48 -5.05
C VAL A 551 16.26 36.96 -4.14
N VAL A 552 15.93 37.25 -2.88
CA VAL A 552 16.86 37.83 -1.93
C VAL A 552 17.22 36.80 -0.87
N ASN A 553 18.52 36.68 -0.59
CA ASN A 553 19.06 35.71 0.35
C ASN A 553 19.79 36.47 1.45
N VAL A 554 19.20 36.50 2.64
CA VAL A 554 19.73 37.24 3.78
C VAL A 554 20.26 36.24 4.80
N SER A 555 21.58 36.23 4.99
CA SER A 555 22.22 35.32 5.94
C SER A 555 21.82 33.87 5.67
N GLY A 556 21.75 33.50 4.39
CA GLY A 556 21.43 32.14 4.02
C GLY A 556 19.96 31.82 4.00
N HIS A 557 19.11 32.78 4.35
CA HIS A 557 17.67 32.59 4.37
C HIS A 557 17.09 33.17 3.08
N ARG A 558 16.36 32.35 2.32
CA ARG A 558 15.68 32.83 1.12
C ARG A 558 14.39 33.51 1.54
N LEU A 559 14.26 34.80 1.19
CA LEU A 559 13.12 35.61 1.55
C LEU A 559 12.32 35.99 0.32
N SER A 560 11.08 36.38 0.55
CA SER A 560 10.20 36.88 -0.49
C SER A 560 10.01 38.37 -0.23
N THR A 561 10.57 39.19 -1.11
CA THR A 561 10.33 40.63 -1.04
C THR A 561 8.84 40.93 -1.06
N ALA A 562 8.06 40.15 -1.80
CA ALA A 562 6.61 40.39 -1.86
C ALA A 562 5.95 40.07 -0.54
N GLU A 563 6.40 39.01 0.14
CA GLU A 563 5.84 38.69 1.46
C GLU A 563 6.14 39.80 2.46
N ILE A 564 7.35 40.38 2.38
CA ILE A 564 7.69 41.48 3.28
C ILE A 564 6.83 42.70 2.97
N GLU A 565 6.62 42.99 1.68
CA GLU A 565 5.73 44.08 1.31
C GLU A 565 4.33 43.86 1.90
N ALA A 566 3.79 42.65 1.75
CA ALA A 566 2.46 42.36 2.30
C ALA A 566 2.44 42.55 3.81
N ALA A 567 3.48 42.08 4.50
CA ALA A 567 3.54 42.27 5.95
C ALA A 567 3.53 43.74 6.31
N LEU A 568 4.30 44.57 5.59
CA LEU A 568 4.32 45.99 5.87
C LEU A 568 2.95 46.62 5.61
N ILE A 569 2.27 46.17 4.56
CA ILE A 569 0.96 46.73 4.23
C ILE A 569 -0.07 46.35 5.28
N GLU A 570 0.07 45.19 5.92
CA GLU A 570 -0.87 44.81 6.97
C GLU A 570 -1.02 45.93 8.00
N ASP A 571 0.05 46.67 8.26
CA ASP A 571 -0.03 47.85 9.11
C ASP A 571 -0.89 48.91 8.42
N LYS A 572 -2.00 49.28 9.05
CA LYS A 572 -2.98 50.15 8.42
C LYS A 572 -2.48 51.59 8.30
N LYS A 573 -1.36 51.92 8.95
CA LYS A 573 -0.75 53.23 8.78
C LYS A 573 -0.05 53.36 7.43
N VAL A 574 0.21 52.24 6.76
CA VAL A 574 0.91 52.19 5.49
C VAL A 574 -0.08 52.16 4.34
N SER A 575 0.20 52.95 3.30
CA SER A 575 -0.57 52.94 2.05
C SER A 575 0.12 52.14 0.95
N GLU A 576 1.44 52.29 0.80
CA GLU A 576 2.17 51.56 -0.22
C GLU A 576 3.51 51.10 0.31
N ALA A 577 3.97 49.95 -0.18
CA ALA A 577 5.25 49.39 0.24
C ALA A 577 5.92 48.70 -0.93
N ALA A 578 7.23 48.94 -1.07
CA ALA A 578 8.06 48.26 -2.07
C ALA A 578 9.36 47.85 -1.40
N VAL A 579 9.70 46.57 -1.48
CA VAL A 579 10.88 46.02 -0.83
C VAL A 579 11.83 45.51 -1.88
N VAL A 580 13.12 45.88 -1.75
CA VAL A 580 14.15 45.45 -2.68
C VAL A 580 15.35 44.91 -1.90
N GLY A 581 16.28 44.30 -2.62
CA GLY A 581 17.47 43.75 -2.03
C GLY A 581 18.71 44.48 -2.50
N ILE A 582 19.73 44.51 -1.65
CA ILE A 582 21.01 45.15 -1.94
C ILE A 582 22.12 44.33 -1.32
N HIS A 583 23.35 44.60 -1.75
CA HIS A 583 24.51 43.96 -1.15
C HIS A 583 24.66 44.39 0.31
N ASP A 584 25.24 43.50 1.12
CA ASP A 584 25.51 43.78 2.52
C ASP A 584 26.77 43.02 2.93
N ASP A 585 27.73 43.75 3.51
CA ASP A 585 29.01 43.15 3.87
C ASP A 585 28.88 42.11 4.97
N ILE A 586 27.76 42.10 5.70
CA ILE A 586 27.61 41.17 6.81
C ILE A 586 26.72 39.99 6.42
N THR A 587 25.51 40.29 5.96
CA THR A 587 24.52 39.26 5.65
C THR A 587 24.49 38.85 4.18
N GLY A 588 25.44 39.33 3.36
CA GLY A 588 25.46 39.00 1.96
C GLY A 588 24.51 39.89 1.20
N GLN A 589 23.22 39.75 1.46
CA GLN A 589 22.22 40.69 0.99
C GLN A 589 21.41 41.22 2.16
N ALA A 590 20.89 42.42 1.96
CA ALA A 590 20.02 43.08 2.92
C ALA A 590 18.75 43.53 2.21
N VAL A 591 17.68 43.59 2.98
CA VAL A 591 16.37 44.00 2.49
C VAL A 591 16.14 45.44 2.88
N ILE A 592 15.79 46.27 1.90
CA ILE A 592 15.49 47.68 2.09
C ILE A 592 14.02 47.89 1.74
N ALA A 593 13.26 48.45 2.68
CA ALA A 593 11.84 48.63 2.52
C ALA A 593 11.55 50.11 2.32
N TYR A 594 10.76 50.43 1.29
CA TYR A 594 10.29 51.79 1.04
C TYR A 594 8.79 51.81 1.32
N VAL A 595 8.38 52.75 2.16
CA VAL A 595 7.01 52.82 2.64
C VAL A 595 6.49 54.22 2.41
N ALA A 596 5.30 54.32 1.82
CA ALA A 596 4.53 55.56 1.78
C ALA A 596 3.35 55.39 2.72
N LEU A 597 3.18 56.35 3.62
CA LEU A 597 2.16 56.33 4.65
C LEU A 597 0.93 57.10 4.19
N LYS A 598 -0.18 56.87 4.89
CA LYS A 598 -1.44 57.52 4.53
C LYS A 598 -1.44 58.98 4.94
N GLU A 599 -1.36 59.24 6.25
CA GLU A 599 -1.27 60.61 6.78
C GLU A 599 -0.21 60.59 7.88
N GLY A 600 1.03 60.88 7.50
CA GLY A 600 2.13 60.81 8.45
C GLY A 600 2.76 62.14 8.79
N ASN A 601 3.93 62.42 8.23
CA ASN A 601 4.68 63.64 8.54
C ASN A 601 5.29 63.54 9.92
N SER A 602 5.76 64.66 10.47
CA SER A 602 6.40 64.68 11.78
C SER A 602 7.65 63.83 11.77
N ASP A 603 8.81 64.46 11.63
CA ASP A 603 10.08 63.75 11.59
C ASP A 603 10.51 63.24 12.96
N GLU A 604 9.89 63.72 14.04
CA GLU A 604 10.18 63.17 15.36
C GLU A 604 9.58 61.78 15.54
N ASP A 605 8.46 61.51 14.87
CA ASP A 605 7.86 60.17 14.89
C ASP A 605 8.52 59.21 13.92
N SER A 606 9.47 59.70 13.09
CA SER A 606 10.05 58.87 12.05
C SER A 606 10.72 57.63 12.62
N GLU A 607 11.69 57.82 13.53
CA GLU A 607 12.39 56.69 14.12
C GLU A 607 11.40 55.68 14.70
N GLY A 608 10.40 56.16 15.43
CA GLY A 608 9.48 55.26 16.10
C GLY A 608 8.61 54.49 15.14
N LEU A 609 8.07 55.16 14.11
CA LEU A 609 7.25 54.46 13.14
C LEU A 609 8.05 53.47 12.31
N ARG A 610 9.32 53.80 12.02
CA ARG A 610 10.18 52.84 11.33
C ARG A 610 10.39 51.59 12.18
N LYS A 611 10.68 51.79 13.47
CA LYS A 611 10.80 50.64 14.37
C LYS A 611 9.50 49.83 14.41
N GLU A 612 8.36 50.52 14.42
CA GLU A 612 7.07 49.82 14.44
C GLU A 612 6.91 48.93 13.22
N LEU A 613 7.26 49.45 12.03
CA LEU A 613 7.14 48.65 10.82
C LEU A 613 8.10 47.47 10.82
N VAL A 614 9.32 47.70 11.29
CA VAL A 614 10.29 46.61 11.40
C VAL A 614 9.72 45.50 12.30
N LEU A 615 9.15 45.89 13.44
CA LEU A 615 8.56 44.89 14.34
C LEU A 615 7.37 44.19 13.68
N GLN A 616 6.60 44.93 12.88
CA GLN A 616 5.50 44.31 12.13
C GLN A 616 6.02 43.17 11.26
N VAL A 617 7.10 43.43 10.52
CA VAL A 617 7.68 42.37 9.69
C VAL A 617 8.19 41.23 10.58
N ARG A 618 8.82 41.56 11.71
CA ARG A 618 9.34 40.52 12.60
C ARG A 618 8.23 39.60 13.08
N LYS A 619 7.06 40.15 13.39
CA LYS A 619 5.98 39.34 13.94
C LYS A 619 5.13 38.67 12.87
N THR A 620 5.16 39.16 11.62
CA THR A 620 4.39 38.49 10.57
C THR A 620 5.16 37.30 10.01
N ILE A 621 6.43 37.50 9.66
CA ILE A 621 7.21 36.44 9.03
C ILE A 621 8.12 35.79 10.07
N GLY A 622 8.94 36.59 10.72
CA GLY A 622 9.90 36.09 11.67
C GLY A 622 11.01 37.09 11.86
N PRO A 623 11.79 36.96 12.94
CA PRO A 623 12.86 37.95 13.18
C PRO A 623 13.85 38.06 12.04
N PHE A 624 14.15 36.96 11.36
CA PHE A 624 15.21 36.98 10.37
C PHE A 624 14.80 37.62 9.06
N ALA A 625 13.53 37.96 8.89
CA ALA A 625 13.02 38.60 7.68
C ALA A 625 12.89 40.10 7.85
N ALA A 626 13.36 40.66 8.96
CA ALA A 626 13.20 42.08 9.19
C ALA A 626 14.05 42.87 8.20
N PRO A 627 13.53 43.97 7.66
CA PRO A 627 14.35 44.81 6.77
C PRO A 627 15.53 45.39 7.52
N LYS A 628 16.67 45.50 6.82
CA LYS A 628 17.80 46.26 7.37
C LYS A 628 17.41 47.71 7.60
N SER A 629 16.56 48.26 6.74
CA SER A 629 16.22 49.67 6.84
C SER A 629 14.86 49.92 6.23
N VAL A 630 14.11 50.84 6.84
CA VAL A 630 12.82 51.30 6.36
C VAL A 630 12.97 52.78 6.00
N ILE A 631 12.60 53.11 4.75
CA ILE A 631 12.70 54.46 4.21
C ILE A 631 11.29 54.99 4.00
N ILE A 632 10.97 56.09 4.67
CA ILE A 632 9.65 56.73 4.55
C ILE A 632 9.71 57.75 3.41
N VAL A 633 8.87 57.53 2.40
CA VAL A 633 8.79 58.39 1.22
C VAL A 633 7.35 58.84 1.06
N GLN A 634 7.13 59.83 0.20
CA GLN A 634 5.78 60.33 0.00
C GLN A 634 5.02 59.63 -1.12
N ASP A 635 5.71 59.05 -2.11
CA ASP A 635 5.05 58.12 -3.01
C ASP A 635 6.13 57.37 -3.77
N LEU A 636 5.77 56.26 -4.23
CA LEU A 636 6.67 55.36 -4.93
C LEU A 636 6.64 55.64 -6.42
N PRO A 637 7.72 55.39 -7.16
CA PRO A 637 7.69 55.67 -8.60
C PRO A 637 6.84 54.62 -9.29
N LYS A 638 6.04 55.07 -10.27
CA LYS A 638 5.12 54.16 -10.94
C LYS A 638 5.09 54.41 -12.45
N THR A 639 4.74 53.35 -13.17
CA THR A 639 4.58 53.45 -14.61
C THR A 639 3.29 54.19 -14.95
N ARG A 640 3.09 54.43 -16.25
CA ARG A 640 1.84 55.01 -16.72
C ARG A 640 0.65 54.17 -16.28
N SER A 641 0.82 52.86 -16.21
CA SER A 641 -0.21 51.93 -15.80
C SER A 641 -0.42 51.89 -14.30
N GLY A 642 0.36 52.64 -13.53
CA GLY A 642 0.17 52.74 -12.10
C GLY A 642 0.92 51.72 -11.27
N LYS A 643 1.80 50.92 -11.88
CA LYS A 643 2.51 49.87 -11.18
C LYS A 643 3.87 50.36 -10.71
N ILE A 644 4.30 49.83 -9.55
CA ILE A 644 5.54 50.29 -8.93
C ILE A 644 6.73 49.81 -9.74
N MET A 645 7.70 50.70 -9.96
CA MET A 645 8.93 50.38 -10.67
C MET A 645 10.03 50.13 -9.65
N ARG A 646 10.21 48.85 -9.28
CA ARG A 646 11.23 48.53 -8.30
C ARG A 646 12.65 48.70 -8.84
N ARG A 647 12.84 48.69 -10.16
CA ARG A 647 14.17 48.90 -10.71
C ARG A 647 14.77 50.20 -10.19
N ILE A 648 13.97 51.26 -10.12
CA ILE A 648 14.48 52.54 -9.65
C ILE A 648 14.89 52.45 -8.20
N LEU A 649 14.10 51.76 -7.36
CA LEU A 649 14.45 51.63 -5.96
C LEU A 649 15.73 50.81 -5.80
N ARG A 650 15.91 49.77 -6.61
CA ARG A 650 17.14 49.00 -6.56
C ARG A 650 18.34 49.87 -6.92
N LYS A 651 18.24 50.63 -8.02
CA LYS A 651 19.38 51.44 -8.44
C LYS A 651 19.70 52.53 -7.42
N VAL A 652 18.67 53.09 -6.78
CA VAL A 652 18.93 54.12 -5.77
C VAL A 652 19.56 53.50 -4.53
N SER A 653 19.04 52.36 -4.09
CA SER A 653 19.52 51.73 -2.86
C SER A 653 20.95 51.21 -2.98
N SER A 654 21.50 51.09 -4.19
CA SER A 654 22.89 50.71 -4.37
C SER A 654 23.76 51.90 -4.80
N ASN A 655 23.33 53.12 -4.46
CA ASN A 655 24.10 54.32 -4.77
C ASN A 655 24.44 54.40 -6.25
N GLU A 656 23.47 54.00 -7.09
CA GLU A 656 23.60 54.17 -8.54
C GLU A 656 22.44 55.03 -9.04
N ALA A 657 22.22 56.19 -8.41
CA ALA A 657 21.18 57.10 -8.88
C ALA A 657 21.48 57.56 -10.30
N ASP A 658 22.71 58.00 -10.55
CA ASP A 658 23.21 58.00 -11.92
C ASP A 658 23.09 56.58 -12.45
N GLN A 659 22.63 56.45 -13.69
CA GLN A 659 22.29 55.18 -14.35
C GLN A 659 20.78 54.96 -14.32
N LEU A 660 20.04 55.82 -13.61
CA LEU A 660 18.58 55.72 -13.66
C LEU A 660 18.07 55.97 -15.07
N GLY A 661 18.64 56.95 -15.77
CA GLY A 661 18.29 57.21 -17.14
C GLY A 661 17.00 58.00 -17.29
N ASP A 662 16.44 57.90 -18.50
CA ASP A 662 15.20 58.59 -18.86
C ASP A 662 14.04 58.12 -18.00
N ILE A 663 13.51 59.01 -17.16
CA ILE A 663 12.38 58.68 -16.30
C ILE A 663 11.11 59.39 -16.74
N SER A 664 11.10 59.97 -17.95
CA SER A 664 9.89 60.60 -18.47
C SER A 664 8.80 59.59 -18.81
N THR A 665 9.12 58.29 -18.79
CA THR A 665 8.12 57.25 -18.98
C THR A 665 7.30 56.97 -17.73
N LEU A 666 7.72 57.49 -16.56
CA LEU A 666 6.97 57.31 -15.33
C LEU A 666 5.74 58.21 -15.32
N SER A 667 4.72 57.77 -14.60
CA SER A 667 3.58 58.66 -14.36
C SER A 667 3.95 59.77 -13.39
N ASN A 668 4.88 59.53 -12.47
CA ASN A 668 5.25 60.50 -11.44
C ASN A 668 6.77 60.64 -11.35
N PRO A 669 7.41 61.11 -12.43
CA PRO A 669 8.87 61.27 -12.39
C PRO A 669 9.34 62.12 -11.22
N GLN A 670 8.54 63.12 -10.82
CA GLN A 670 8.92 63.98 -9.71
C GLN A 670 9.25 63.19 -8.45
N SER A 671 8.61 62.04 -8.25
CA SER A 671 8.86 61.23 -7.07
C SER A 671 10.32 60.82 -6.94
N VAL A 672 10.99 60.55 -8.06
CA VAL A 672 12.34 59.97 -8.02
C VAL A 672 13.26 60.79 -7.10
N GLU A 673 13.28 62.10 -7.31
CA GLU A 673 14.10 62.99 -6.49
C GLU A 673 13.94 62.64 -5.01
N GLY A 674 12.69 62.65 -4.54
CA GLY A 674 12.44 62.32 -3.15
C GLY A 674 13.07 61.00 -2.74
N ILE A 675 12.82 59.95 -3.53
CA ILE A 675 13.37 58.64 -3.20
C ILE A 675 14.85 58.80 -2.88
N ILE A 676 15.60 59.43 -3.79
CA ILE A 676 17.04 59.54 -3.58
C ILE A 676 17.31 60.26 -2.27
N SER A 677 16.73 61.44 -2.12
CA SER A 677 16.98 62.22 -0.91
C SER A 677 16.63 61.39 0.32
N ALA A 678 15.47 60.72 0.29
CA ALA A 678 15.05 59.99 1.47
C ALA A 678 16.05 58.88 1.78
N PHE A 679 16.51 58.16 0.75
CA PHE A 679 17.49 57.11 1.00
C PHE A 679 18.76 57.68 1.60
N GLY A 680 19.14 58.88 1.16
CA GLY A 680 20.33 59.51 1.71
C GLY A 680 20.16 59.88 3.17
N ALA A 681 18.95 60.30 3.55
CA ALA A 681 18.76 60.81 4.90
C ALA A 681 18.52 59.71 5.92
N GLN A 682 17.90 58.60 5.50
CA GLN A 682 17.37 57.63 6.46
C GLN A 682 18.11 56.31 6.49
N PHE A 683 18.86 55.96 5.45
CA PHE A 683 19.53 54.66 5.44
C PHE A 683 20.51 54.56 6.59
N GLY A 684 21.35 55.58 6.77
CA GLY A 684 22.17 55.67 7.96
C GLY A 684 21.32 55.71 9.22
N LYS A 685 20.92 56.91 9.64
CA LYS A 685 20.02 57.08 10.78
C LYS A 685 18.81 56.18 10.67
N GLN B 20 -20.62 -36.68 -43.99
CA GLN B 20 -20.69 -35.36 -44.62
C GLN B 20 -22.04 -34.71 -44.35
N THR B 21 -23.07 -35.52 -44.18
CA THR B 21 -24.42 -35.04 -43.93
C THR B 21 -24.68 -34.94 -42.43
N HIS B 22 -25.49 -33.95 -42.06
CA HIS B 22 -25.87 -33.71 -40.68
C HIS B 22 -27.37 -33.93 -40.52
N ASN B 23 -27.75 -34.70 -39.50
CA ASN B 23 -29.15 -34.90 -39.16
C ASN B 23 -29.63 -33.98 -38.05
N VAL B 24 -28.71 -33.34 -37.33
CA VAL B 24 -29.04 -32.44 -36.24
C VAL B 24 -28.60 -31.01 -36.57
N VAL B 25 -27.34 -30.83 -36.94
CA VAL B 25 -26.78 -29.49 -37.14
C VAL B 25 -27.06 -29.12 -38.60
N HIS B 26 -28.31 -28.71 -38.85
CA HIS B 26 -28.73 -28.41 -40.21
C HIS B 26 -27.94 -27.25 -40.80
N GLU B 27 -27.50 -26.30 -39.96
CA GLU B 27 -26.74 -25.15 -40.43
C GLU B 27 -25.52 -25.57 -41.25
N ALA B 28 -24.96 -26.74 -40.97
CA ALA B 28 -23.66 -27.10 -41.50
C ALA B 28 -23.74 -27.85 -42.82
N ASN B 29 -24.93 -28.26 -43.24
CA ASN B 29 -25.06 -29.04 -44.46
C ASN B 29 -24.78 -28.17 -45.67
N GLY B 30 -23.91 -28.66 -46.56
CA GLY B 30 -23.56 -27.96 -47.78
C GLY B 30 -22.72 -26.71 -47.59
N VAL B 31 -21.96 -26.61 -46.50
CA VAL B 31 -21.17 -25.41 -46.20
C VAL B 31 -19.72 -25.70 -46.51
N LYS B 32 -19.17 -24.99 -47.50
CA LYS B 32 -17.77 -25.13 -47.87
C LYS B 32 -16.91 -24.33 -46.90
N LEU B 33 -15.83 -24.93 -46.42
CA LEU B 33 -14.87 -24.18 -45.63
C LEU B 33 -14.32 -23.02 -46.45
N ARG B 34 -14.04 -21.91 -45.76
CA ARG B 34 -13.57 -20.67 -46.38
C ARG B 34 -12.17 -20.40 -45.85
N GLU B 35 -11.17 -20.72 -46.67
CA GLU B 35 -9.78 -20.54 -46.26
C GLU B 35 -9.44 -19.05 -46.15
N THR B 36 -8.46 -18.74 -45.33
CA THR B 36 -8.01 -17.37 -45.20
C THR B 36 -7.47 -16.87 -46.53
N PRO B 37 -7.91 -15.71 -47.03
CA PRO B 37 -7.39 -15.22 -48.31
C PRO B 37 -5.91 -14.88 -48.23
N LYS B 38 -5.24 -15.01 -49.38
CA LYS B 38 -3.79 -14.79 -49.44
C LYS B 38 -3.42 -13.35 -49.10
N GLU B 39 -4.31 -12.40 -49.39
CA GLU B 39 -4.02 -11.01 -49.07
C GLU B 39 -3.82 -10.82 -47.58
N PHE B 40 -4.52 -11.60 -46.75
CA PHE B 40 -4.32 -11.53 -45.31
C PHE B 40 -2.86 -11.69 -44.95
N PHE B 41 -2.22 -12.72 -45.51
CA PHE B 41 -0.82 -12.96 -45.19
C PHE B 41 0.10 -11.97 -45.88
N GLU B 42 -0.33 -11.40 -47.00
CA GLU B 42 0.46 -10.34 -47.61
C GLU B 42 0.49 -9.09 -46.73
N ARG B 43 -0.61 -8.79 -46.04
CA ARG B 43 -0.68 -7.58 -45.23
C ARG B 43 -0.17 -7.80 -43.81
N GLN B 44 -0.13 -9.05 -43.36
CA GLN B 44 0.37 -9.38 -42.05
C GLN B 44 1.82 -8.91 -41.90
N PRO B 45 2.15 -8.13 -40.85
CA PRO B 45 3.49 -7.54 -40.78
C PRO B 45 4.58 -8.53 -40.40
N ASN B 46 4.26 -9.63 -39.72
CA ASN B 46 5.25 -10.61 -39.30
C ASN B 46 4.67 -12.00 -39.48
N LYS B 47 5.55 -12.99 -39.31
CA LYS B 47 5.12 -14.39 -39.25
C LYS B 47 3.99 -14.53 -38.23
N GLY B 48 2.96 -15.29 -38.59
CA GLY B 48 1.82 -15.48 -37.71
C GLY B 48 2.22 -16.13 -36.39
N HIS B 49 1.37 -15.92 -35.39
CA HIS B 49 1.65 -16.48 -34.07
C HIS B 49 1.41 -17.97 -34.00
N ILE B 50 0.59 -18.51 -34.90
CA ILE B 50 0.34 -19.95 -35.00
C ILE B 50 0.37 -20.32 -36.48
N HIS B 51 1.05 -21.43 -36.79
CA HIS B 51 1.27 -21.78 -38.19
C HIS B 51 -0.01 -22.30 -38.85
N ASP B 52 -0.70 -23.25 -38.21
CA ASP B 52 -1.86 -23.87 -38.82
C ASP B 52 -2.76 -24.45 -37.74
N VAL B 53 -3.82 -25.13 -38.20
CA VAL B 53 -4.83 -25.65 -37.29
C VAL B 53 -4.28 -26.78 -36.42
N ASN B 54 -3.33 -27.55 -36.94
CA ASN B 54 -2.76 -28.63 -36.13
C ASN B 54 -1.98 -28.07 -34.94
N GLN B 55 -1.20 -27.01 -35.17
CA GLN B 55 -0.53 -26.37 -34.04
C GLN B 55 -1.54 -25.78 -33.07
N TYR B 56 -2.60 -25.15 -33.59
CA TYR B 56 -3.62 -24.63 -32.71
C TYR B 56 -4.18 -25.74 -31.82
N LYS B 57 -4.44 -26.91 -32.39
CA LYS B 57 -5.05 -27.99 -31.62
C LYS B 57 -4.08 -28.54 -30.58
N GLN B 58 -2.79 -28.66 -30.93
CA GLN B 58 -1.82 -29.09 -29.91
C GLN B 58 -1.81 -28.13 -28.73
N MET B 59 -1.78 -26.83 -29.03
CA MET B 59 -1.75 -25.84 -27.96
C MET B 59 -3.05 -25.87 -27.15
N TYR B 60 -4.19 -26.04 -27.84
CA TYR B 60 -5.48 -26.07 -27.15
C TYR B 60 -5.58 -27.26 -26.23
N GLU B 61 -5.20 -28.44 -26.72
CA GLU B 61 -5.19 -29.62 -25.87
C GLU B 61 -4.32 -29.41 -24.64
N GLN B 62 -3.16 -28.77 -24.80
CA GLN B 62 -2.36 -28.52 -23.61
C GLN B 62 -3.08 -27.56 -22.67
N SER B 63 -3.74 -26.54 -23.22
CA SER B 63 -4.43 -25.56 -22.39
C SER B 63 -5.58 -26.19 -21.61
N ILE B 64 -6.10 -27.31 -22.09
CA ILE B 64 -7.17 -28.01 -21.36
C ILE B 64 -6.60 -29.04 -20.38
N LYS B 65 -5.65 -29.87 -20.82
CA LYS B 65 -5.14 -30.95 -19.99
C LYS B 65 -4.12 -30.48 -18.97
N ASP B 66 -3.38 -29.40 -19.27
CA ASP B 66 -2.28 -28.94 -18.43
C ASP B 66 -2.32 -27.43 -18.34
N PRO B 67 -3.35 -26.89 -17.70
CA PRO B 67 -3.44 -25.42 -17.59
C PRO B 67 -2.21 -24.81 -16.95
N GLN B 68 -1.60 -25.49 -15.98
CA GLN B 68 -0.44 -24.94 -15.29
C GLN B 68 0.71 -24.72 -16.28
N GLY B 69 1.10 -25.78 -16.98
CA GLY B 69 2.20 -25.68 -17.93
C GLY B 69 1.90 -24.83 -19.16
N PHE B 70 0.63 -24.60 -19.47
CA PHE B 70 0.28 -23.76 -20.61
C PHE B 70 0.19 -22.28 -20.23
N PHE B 71 -0.56 -21.95 -19.19
CA PHE B 71 -0.81 -20.56 -18.83
C PHE B 71 0.27 -19.93 -17.95
N GLY B 72 1.08 -20.71 -17.22
CA GLY B 72 2.16 -20.11 -16.44
C GLY B 72 3.12 -19.32 -17.31
N PRO B 73 3.70 -20.00 -18.31
CA PRO B 73 4.64 -19.30 -19.21
C PRO B 73 4.00 -18.14 -19.94
N LEU B 74 2.76 -18.29 -20.40
CA LEU B 74 2.10 -17.19 -21.09
C LEU B 74 1.85 -16.01 -20.14
N ALA B 75 1.47 -16.30 -18.90
CA ALA B 75 1.26 -15.21 -17.94
C ALA B 75 2.55 -14.46 -17.67
N LYS B 76 3.67 -15.17 -17.63
CA LYS B 76 4.96 -14.49 -17.44
C LYS B 76 5.41 -13.78 -18.70
N GLU B 77 5.00 -14.25 -19.88
CA GLU B 77 5.40 -13.62 -21.13
C GLU B 77 4.62 -12.33 -21.38
N LEU B 78 3.31 -12.34 -21.14
CA LEU B 78 2.45 -11.25 -21.61
C LEU B 78 2.20 -10.18 -20.56
N LEU B 79 2.41 -10.47 -19.29
CA LEU B 79 2.14 -9.53 -18.20
C LEU B 79 3.42 -9.25 -17.41
N SER B 80 3.52 -8.03 -16.90
CA SER B 80 4.61 -7.61 -16.03
C SER B 80 4.18 -7.67 -14.57
N TRP B 81 4.95 -8.40 -13.75
CA TRP B 81 4.58 -8.70 -12.37
C TRP B 81 5.41 -7.91 -11.38
N ASP B 82 4.76 -7.42 -10.34
CA ASP B 82 5.44 -6.83 -9.19
C ASP B 82 5.84 -7.88 -8.16
N HIS B 83 5.04 -8.93 -8.03
CA HIS B 83 5.36 -10.08 -7.20
C HIS B 83 4.97 -11.33 -7.99
N ASP B 84 5.84 -12.34 -7.95
CA ASP B 84 5.59 -13.57 -8.68
C ASP B 84 4.46 -14.37 -8.05
N PHE B 85 3.77 -15.14 -8.88
CA PHE B 85 2.74 -16.04 -8.39
C PHE B 85 3.34 -17.39 -8.05
N HIS B 86 2.72 -18.06 -7.07
CA HIS B 86 3.17 -19.38 -6.64
C HIS B 86 2.26 -20.50 -7.12
N THR B 87 1.03 -20.20 -7.53
CA THR B 87 0.08 -21.22 -7.97
C THR B 87 -0.69 -20.71 -9.18
N VAL B 88 -0.66 -21.48 -10.28
CA VAL B 88 -1.30 -21.00 -11.51
C VAL B 88 -2.81 -21.02 -11.38
N LYS B 89 -3.37 -22.07 -10.79
CA LYS B 89 -4.79 -22.34 -10.90
C LYS B 89 -5.29 -22.96 -9.61
N SER B 90 -6.43 -22.47 -9.13
CA SER B 90 -7.04 -22.97 -7.91
C SER B 90 -8.55 -22.94 -8.04
N GLY B 91 -9.21 -23.80 -7.28
CA GLY B 91 -10.65 -23.77 -7.14
C GLY B 91 -11.38 -24.56 -8.21
N THR B 92 -12.69 -24.68 -8.00
CA THR B 92 -13.57 -25.40 -8.90
C THR B 92 -14.83 -24.59 -9.18
N LEU B 93 -15.50 -24.92 -10.28
CA LEU B 93 -16.78 -24.28 -10.58
C LEU B 93 -17.80 -24.59 -9.50
N LYS B 94 -17.87 -25.85 -9.07
CA LYS B 94 -18.90 -26.27 -8.11
C LYS B 94 -18.85 -25.46 -6.83
N ASN B 95 -17.66 -25.06 -6.38
CA ASN B 95 -17.51 -24.29 -5.16
C ASN B 95 -17.38 -22.80 -5.40
N GLY B 96 -17.38 -22.35 -6.66
CA GLY B 96 -17.34 -20.93 -6.94
C GLY B 96 -16.16 -20.19 -6.33
N ASP B 97 -14.99 -20.82 -6.31
CA ASP B 97 -13.79 -20.24 -5.71
C ASP B 97 -12.63 -20.25 -6.69
N ALA B 98 -12.92 -19.98 -7.96
CA ALA B 98 -11.87 -19.94 -8.98
C ALA B 98 -10.86 -18.85 -8.67
N ALA B 99 -9.58 -19.16 -8.88
CA ALA B 99 -8.50 -18.21 -8.69
C ALA B 99 -7.33 -18.59 -9.58
N TRP B 100 -6.60 -17.59 -10.06
CA TRP B 100 -5.48 -17.81 -10.95
C TRP B 100 -4.30 -16.94 -10.55
N PHE B 101 -3.10 -17.51 -10.66
CA PHE B 101 -1.87 -16.78 -10.38
C PHE B 101 -1.88 -16.27 -8.94
N LEU B 102 -2.21 -17.18 -8.02
CA LEU B 102 -2.31 -16.84 -6.61
C LEU B 102 -0.95 -16.39 -6.07
N GLY B 103 -0.98 -15.40 -5.18
CA GLY B 103 0.23 -14.79 -4.67
C GLY B 103 0.83 -13.72 -5.56
N GLY B 104 0.39 -13.62 -6.81
CA GLY B 104 0.95 -12.63 -7.70
C GLY B 104 0.47 -11.23 -7.39
N GLU B 105 1.30 -10.25 -7.73
CA GLU B 105 0.92 -8.85 -7.66
C GLU B 105 1.32 -8.15 -8.96
N LEU B 106 0.50 -7.19 -9.37
CA LEU B 106 0.70 -6.46 -10.62
C LEU B 106 -0.18 -5.22 -10.55
N ASN B 107 -0.11 -4.40 -11.59
CA ASN B 107 -1.01 -3.26 -11.75
C ASN B 107 -1.46 -3.16 -13.19
N ALA B 108 -2.77 -2.95 -13.39
CA ALA B 108 -3.32 -2.96 -14.74
C ALA B 108 -2.87 -1.75 -15.54
N SER B 109 -2.79 -0.57 -14.90
CA SER B 109 -2.37 0.61 -15.64
C SER B 109 -0.89 0.56 -15.99
N TYR B 110 -0.08 -0.08 -15.14
CA TYR B 110 1.32 -0.28 -15.48
C TYR B 110 1.46 -1.16 -16.71
N ASN B 111 0.63 -2.21 -16.81
CA ASN B 111 0.72 -3.11 -17.95
C ASN B 111 0.11 -2.52 -19.21
N CYS B 112 -0.84 -1.59 -19.08
CA CYS B 112 -1.46 -0.97 -20.25
C CYS B 112 -0.79 0.33 -20.67
N VAL B 113 0.03 0.94 -19.81
CA VAL B 113 0.56 2.27 -20.10
C VAL B 113 2.05 2.36 -19.81
N ASP B 114 2.44 2.31 -18.53
CA ASP B 114 3.82 2.62 -18.14
C ASP B 114 4.85 1.90 -19.00
N ARG B 115 4.74 0.58 -19.12
CA ARG B 115 5.82 -0.17 -19.75
C ARG B 115 5.98 0.22 -21.22
N HIS B 116 4.87 0.49 -21.90
CA HIS B 116 4.94 0.90 -23.30
C HIS B 116 5.46 2.33 -23.42
N ALA B 117 5.08 3.20 -22.49
CA ALA B 117 5.60 4.58 -22.49
C ALA B 117 7.10 4.60 -22.29
N PHE B 118 7.63 3.75 -21.38
CA PHE B 118 9.08 3.69 -21.21
C PHE B 118 9.76 3.15 -22.46
N ALA B 119 9.12 2.17 -23.12
CA ALA B 119 9.76 1.56 -24.29
C ALA B 119 9.70 2.49 -25.52
N ASN B 120 8.55 3.11 -25.78
CA ASN B 120 8.39 4.00 -26.93
C ASN B 120 7.35 5.06 -26.61
N PRO B 121 7.75 6.13 -25.93
CA PRO B 121 6.75 7.10 -25.46
C PRO B 121 5.99 7.80 -26.56
N ASP B 122 6.53 7.88 -27.77
CA ASP B 122 5.87 8.57 -28.86
C ASP B 122 4.95 7.68 -29.68
N LYS B 123 4.87 6.40 -29.36
CA LYS B 123 3.96 5.53 -30.08
C LYS B 123 2.53 5.92 -29.77
N PRO B 124 1.66 6.04 -30.76
CA PRO B 124 0.25 6.35 -30.49
C PRO B 124 -0.39 5.28 -29.62
N ALA B 125 -1.25 5.72 -28.68
CA ALA B 125 -2.00 4.83 -27.82
C ALA B 125 -3.50 4.98 -28.03
N LEU B 126 -4.07 6.18 -27.82
CA LEU B 126 -5.50 6.42 -28.01
C LEU B 126 -5.66 7.32 -29.23
N ILE B 127 -6.15 6.74 -30.33
CA ILE B 127 -6.52 7.51 -31.52
C ILE B 127 -7.99 7.87 -31.32
N CYS B 128 -8.24 9.12 -30.93
CA CYS B 128 -9.58 9.54 -30.50
C CYS B 128 -10.27 10.26 -31.65
N GLU B 129 -11.40 9.71 -32.08
CA GLU B 129 -12.24 10.33 -33.10
C GLU B 129 -13.49 10.84 -32.40
N ALA B 130 -13.63 12.16 -32.33
CA ALA B 130 -14.72 12.79 -31.64
C ALA B 130 -15.99 12.77 -32.50
N ASP B 131 -17.13 13.05 -31.86
CA ASP B 131 -18.40 13.10 -32.57
C ASP B 131 -18.27 13.94 -33.84
N ASP B 132 -17.68 15.12 -33.71
CA ASP B 132 -17.27 15.95 -34.83
C ASP B 132 -15.77 15.83 -35.01
N GLU B 133 -15.33 15.48 -36.22
CA GLU B 133 -13.92 15.21 -36.46
C GLU B 133 -13.02 16.41 -36.15
N LYS B 134 -13.56 17.63 -36.15
CA LYS B 134 -12.74 18.79 -35.79
C LYS B 134 -12.16 18.66 -34.39
N ASP B 135 -12.76 17.84 -33.54
CA ASP B 135 -12.32 17.69 -32.16
C ASP B 135 -11.49 16.42 -31.93
N SER B 136 -11.11 15.72 -33.00
CA SER B 136 -10.32 14.50 -32.89
C SER B 136 -8.87 14.83 -32.51
N HIS B 137 -8.20 13.86 -31.90
CA HIS B 137 -6.82 14.04 -31.44
C HIS B 137 -6.23 12.66 -31.14
N ILE B 138 -4.92 12.64 -30.90
CA ILE B 138 -4.18 11.41 -30.65
C ILE B 138 -3.31 11.58 -29.41
N LEU B 139 -3.45 10.65 -28.47
CA LEU B 139 -2.59 10.58 -27.31
C LEU B 139 -1.55 9.49 -27.50
N THR B 140 -0.28 9.84 -27.31
CA THR B 140 0.77 8.84 -27.29
C THR B 140 0.76 8.10 -25.95
N TYR B 141 1.56 7.03 -25.87
CA TYR B 141 1.68 6.31 -24.61
C TYR B 141 2.25 7.19 -23.51
N GLY B 142 3.19 8.09 -23.86
CA GLY B 142 3.68 9.05 -22.88
C GLY B 142 2.61 10.04 -22.44
N ASP B 143 1.85 10.59 -23.41
CA ASP B 143 0.74 11.47 -23.07
C ASP B 143 -0.23 10.77 -22.13
N LEU B 144 -0.56 9.51 -22.43
CA LEU B 144 -1.52 8.76 -21.63
C LEU B 144 -0.98 8.51 -20.23
N LEU B 145 0.31 8.21 -20.11
CA LEU B 145 0.89 8.03 -18.77
C LEU B 145 0.72 9.31 -17.96
N ARG B 146 1.01 10.47 -18.57
CA ARG B 146 0.89 11.72 -17.82
C ARG B 146 -0.56 12.00 -17.42
N GLU B 147 -1.51 11.81 -18.33
CA GLU B 147 -2.90 12.12 -18.00
C GLU B 147 -3.46 11.16 -16.96
N VAL B 148 -3.16 9.87 -17.10
CA VAL B 148 -3.57 8.90 -16.08
C VAL B 148 -2.94 9.24 -14.73
N SER B 149 -1.65 9.62 -14.72
CA SER B 149 -1.00 9.96 -13.46
C SER B 149 -1.67 11.16 -12.80
N LYS B 150 -2.01 12.18 -13.59
CA LYS B 150 -2.63 13.37 -13.01
C LYS B 150 -4.01 13.07 -12.45
N VAL B 151 -4.85 12.37 -13.22
CA VAL B 151 -6.18 12.03 -12.69
C VAL B 151 -6.05 11.14 -11.45
N ALA B 152 -5.13 10.17 -11.48
CA ALA B 152 -4.94 9.32 -10.33
C ALA B 152 -4.46 10.12 -9.13
N GLY B 153 -3.67 11.17 -9.37
CA GLY B 153 -3.28 12.04 -8.28
C GLY B 153 -4.46 12.78 -7.67
N VAL B 154 -5.36 13.25 -8.53
CA VAL B 154 -6.57 13.90 -8.01
C VAL B 154 -7.35 12.91 -7.14
N LEU B 155 -7.60 11.71 -7.66
CA LEU B 155 -8.35 10.72 -6.89
C LEU B 155 -7.64 10.35 -5.59
N GLN B 156 -6.31 10.22 -5.63
CA GLN B 156 -5.55 9.90 -4.42
C GLN B 156 -5.68 11.00 -3.37
N SER B 157 -5.59 12.27 -3.81
CA SER B 157 -5.74 13.37 -2.87
C SER B 157 -7.13 13.42 -2.27
N TRP B 158 -8.11 12.78 -2.90
CA TRP B 158 -9.46 12.70 -2.38
C TRP B 158 -9.69 11.50 -1.46
N GLY B 159 -8.69 10.64 -1.28
CA GLY B 159 -8.81 9.49 -0.41
C GLY B 159 -9.17 8.18 -1.08
N ILE B 160 -9.26 8.14 -2.41
CA ILE B 160 -9.56 6.89 -3.10
C ILE B 160 -8.38 5.95 -2.96
N LYS B 161 -8.65 4.70 -2.60
CA LYS B 161 -7.59 3.74 -2.36
C LYS B 161 -8.10 2.34 -2.66
N LYS B 162 -7.18 1.37 -2.53
CA LYS B 162 -7.49 -0.04 -2.75
C LYS B 162 -8.76 -0.41 -2.00
N GLY B 163 -9.66 -1.12 -2.69
CA GLY B 163 -10.90 -1.54 -2.09
C GLY B 163 -12.06 -0.59 -2.28
N ASP B 164 -11.81 0.60 -2.81
CA ASP B 164 -12.90 1.50 -3.16
C ASP B 164 -13.41 1.20 -4.56
N THR B 165 -14.64 1.64 -4.80
CA THR B 165 -15.23 1.65 -6.13
C THR B 165 -15.43 3.09 -6.55
N VAL B 166 -15.25 3.35 -7.84
CA VAL B 166 -15.39 4.67 -8.43
C VAL B 166 -16.21 4.54 -9.69
N ALA B 167 -17.28 5.33 -9.79
CA ALA B 167 -18.16 5.27 -10.95
C ALA B 167 -17.62 6.14 -12.07
N VAL B 168 -17.84 5.70 -13.30
CA VAL B 168 -17.56 6.47 -14.50
C VAL B 168 -18.84 6.58 -15.32
N TYR B 169 -19.21 7.81 -15.67
CA TYR B 169 -20.38 8.10 -16.50
C TYR B 169 -19.89 9.08 -17.57
N LEU B 170 -19.34 8.53 -18.65
CA LEU B 170 -18.65 9.32 -19.65
C LEU B 170 -18.92 8.76 -21.04
N PRO B 171 -18.94 9.61 -22.07
CA PRO B 171 -19.01 9.10 -23.44
C PRO B 171 -17.73 8.36 -23.80
N MET B 172 -17.76 7.76 -24.99
CA MET B 172 -16.66 6.91 -25.47
C MET B 172 -15.57 7.81 -26.04
N ASN B 173 -14.69 8.29 -25.17
CA ASN B 173 -13.64 9.21 -25.59
C ASN B 173 -12.45 9.04 -24.66
N ALA B 174 -11.46 9.92 -24.83
CA ALA B 174 -10.21 9.77 -24.09
C ALA B 174 -10.44 9.81 -22.59
N GLN B 175 -11.37 10.65 -22.13
CA GLN B 175 -11.57 10.82 -20.69
C GLN B 175 -12.10 9.55 -20.05
N ALA B 176 -12.93 8.78 -20.75
CA ALA B 176 -13.39 7.51 -20.20
C ALA B 176 -12.23 6.54 -20.00
N ILE B 177 -11.38 6.40 -21.02
CA ILE B 177 -10.23 5.51 -20.94
C ILE B 177 -9.29 5.94 -19.82
N ILE B 178 -9.02 7.25 -19.74
CA ILE B 178 -8.12 7.78 -18.72
C ILE B 178 -8.70 7.53 -17.34
N ALA B 179 -10.01 7.78 -17.16
CA ALA B 179 -10.63 7.56 -15.86
C ALA B 179 -10.50 6.10 -15.44
N MET B 180 -10.82 5.17 -16.34
CA MET B 180 -10.71 3.76 -15.99
C MET B 180 -9.28 3.41 -15.56
N LEU B 181 -8.30 3.83 -16.36
CA LEU B 181 -6.91 3.48 -16.05
C LEU B 181 -6.40 4.16 -14.78
N ALA B 182 -6.85 5.39 -14.50
CA ALA B 182 -6.45 6.10 -13.29
C ALA B 182 -7.02 5.43 -12.06
N ILE B 183 -8.27 4.97 -12.13
CA ILE B 183 -8.88 4.25 -11.02
C ILE B 183 -8.12 2.95 -10.77
N ALA B 184 -7.82 2.21 -11.84
CA ALA B 184 -7.07 0.97 -11.65
C ALA B 184 -5.65 1.24 -11.14
N ARG B 185 -5.11 2.43 -11.39
CA ARG B 185 -3.75 2.73 -10.97
C ARG B 185 -3.61 2.76 -9.45
N LEU B 186 -4.68 3.12 -8.74
CA LEU B 186 -4.70 3.18 -7.29
C LEU B 186 -5.12 1.87 -6.66
N GLY B 187 -5.43 0.85 -7.45
CA GLY B 187 -5.94 -0.39 -6.91
C GLY B 187 -7.41 -0.35 -6.56
N ALA B 188 -8.12 0.71 -6.91
CA ALA B 188 -9.56 0.75 -6.79
C ALA B 188 -10.17 0.10 -8.03
N ALA B 189 -11.46 -0.22 -7.92
CA ALA B 189 -12.20 -0.86 -9.00
C ALA B 189 -13.13 0.15 -9.64
N HIS B 190 -13.04 0.30 -10.95
CA HIS B 190 -13.95 1.20 -11.65
C HIS B 190 -15.24 0.47 -11.98
N SER B 191 -16.32 1.24 -12.02
CA SER B 191 -17.62 0.75 -12.47
C SER B 191 -18.13 1.73 -13.52
N VAL B 192 -18.04 1.34 -14.78
CA VAL B 192 -18.39 2.21 -15.90
C VAL B 192 -19.89 2.09 -16.16
N ILE B 193 -20.56 3.23 -16.21
CA ILE B 193 -22.00 3.31 -16.41
C ILE B 193 -22.23 3.93 -17.79
N PHE B 194 -22.80 3.14 -18.71
CA PHE B 194 -23.04 3.60 -20.07
C PHE B 194 -23.70 4.98 -20.05
N ALA B 195 -23.10 5.92 -20.80
CA ALA B 195 -23.53 7.32 -20.79
C ALA B 195 -24.93 7.53 -21.35
N GLY B 196 -25.54 6.52 -21.96
CA GLY B 196 -26.94 6.62 -22.33
C GLY B 196 -27.94 6.25 -21.27
N PHE B 197 -27.48 5.89 -20.07
CA PHE B 197 -28.37 5.44 -19.01
C PHE B 197 -29.08 6.61 -18.34
N SER B 198 -30.29 6.34 -17.87
CA SER B 198 -31.12 7.32 -17.18
C SER B 198 -30.61 7.54 -15.75
N ALA B 199 -31.24 8.48 -15.06
CA ALA B 199 -30.82 8.79 -13.69
C ALA B 199 -31.08 7.62 -12.75
N GLY B 200 -32.22 6.95 -12.91
CA GLY B 200 -32.51 5.81 -12.05
C GLY B 200 -31.50 4.68 -12.21
N SER B 201 -31.04 4.46 -13.44
CA SER B 201 -30.06 3.41 -13.67
C SER B 201 -28.72 3.76 -13.02
N ILE B 202 -28.29 5.02 -13.17
CA ILE B 202 -27.10 5.51 -12.49
C ILE B 202 -27.21 5.27 -10.99
N LYS B 203 -28.36 5.66 -10.42
CA LYS B 203 -28.58 5.55 -8.99
C LYS B 203 -28.48 4.10 -8.53
N ASP B 204 -29.20 3.20 -9.21
CA ASP B 204 -29.13 1.78 -8.84
C ASP B 204 -27.69 1.29 -8.81
N ARG B 205 -26.92 1.57 -9.88
CA ARG B 205 -25.58 1.01 -9.95
C ARG B 205 -24.64 1.62 -8.91
N VAL B 206 -24.69 2.95 -8.75
CA VAL B 206 -23.84 3.62 -7.77
C VAL B 206 -24.14 3.14 -6.36
N ASN B 207 -25.42 2.92 -6.04
CA ASN B 207 -25.76 2.50 -4.68
C ASN B 207 -25.37 1.04 -4.45
N ASP B 208 -25.59 0.16 -5.43
CA ASP B 208 -25.17 -1.23 -5.24
C ASP B 208 -23.67 -1.33 -5.05
N ALA B 209 -22.90 -0.46 -5.71
CA ALA B 209 -21.45 -0.50 -5.57
C ALA B 209 -20.92 0.35 -4.41
N SER B 210 -21.74 1.20 -3.81
CA SER B 210 -21.29 2.15 -2.79
C SER B 210 -20.05 2.94 -3.24
N CYS B 211 -20.14 3.53 -4.44
CA CYS B 211 -19.03 4.29 -4.99
C CYS B 211 -18.74 5.53 -4.16
N LYS B 212 -17.45 5.78 -3.91
CA LYS B 212 -17.00 6.94 -3.15
C LYS B 212 -16.80 8.19 -4.01
N ALA B 213 -16.64 8.03 -5.32
CA ALA B 213 -16.43 9.17 -6.19
C ALA B 213 -17.01 8.85 -7.55
N LEU B 214 -17.22 9.90 -8.35
CA LEU B 214 -17.78 9.78 -9.68
C LEU B 214 -17.01 10.68 -10.63
N ILE B 215 -16.75 10.19 -11.83
CA ILE B 215 -16.06 10.95 -12.87
C ILE B 215 -17.01 11.06 -14.05
N THR B 216 -17.30 12.28 -14.47
CA THR B 216 -18.27 12.52 -15.53
C THR B 216 -17.88 13.78 -16.29
N CYS B 217 -18.80 14.28 -17.12
CA CYS B 217 -18.57 15.50 -17.88
C CYS B 217 -19.85 16.33 -17.89
N ASP B 218 -19.72 17.58 -18.34
CA ASP B 218 -20.85 18.52 -18.27
C ASP B 218 -21.97 18.11 -19.22
N GLU B 219 -21.65 17.96 -20.52
CA GLU B 219 -22.61 17.50 -21.51
C GLU B 219 -21.86 16.63 -22.50
N GLY B 220 -22.62 15.90 -23.33
CA GLY B 220 -22.01 15.07 -24.35
C GLY B 220 -22.43 15.48 -25.74
N LYS B 221 -21.69 15.01 -26.75
CA LYS B 221 -22.05 15.24 -28.15
C LYS B 221 -22.20 13.88 -28.81
N ARG B 222 -23.37 13.62 -29.37
CA ARG B 222 -23.65 12.37 -30.06
C ARG B 222 -24.49 12.67 -31.29
N GLY B 223 -23.98 12.32 -32.46
CA GLY B 223 -24.71 12.59 -33.69
C GLY B 223 -25.02 14.05 -33.91
N GLY B 224 -24.17 14.94 -33.41
CA GLY B 224 -24.44 16.36 -33.50
C GLY B 224 -25.35 16.89 -32.41
N ARG B 225 -26.01 16.03 -31.65
CA ARG B 225 -26.92 16.47 -30.60
C ARG B 225 -26.16 16.60 -29.28
N THR B 226 -26.65 17.50 -28.44
CA THR B 226 -26.10 17.70 -27.11
C THR B 226 -26.92 16.87 -26.12
N THR B 227 -26.24 16.02 -25.37
CA THR B 227 -26.87 15.13 -24.40
C THR B 227 -26.58 15.65 -23.00
N ASN B 228 -27.56 15.50 -22.10
CA ASN B 228 -27.47 16.04 -20.74
C ASN B 228 -26.88 14.96 -19.85
N ILE B 229 -25.61 15.10 -19.54
CA ILE B 229 -24.90 14.07 -18.79
C ILE B 229 -24.85 14.49 -17.32
N LYS B 230 -24.26 15.66 -17.05
CA LYS B 230 -24.17 16.15 -15.68
C LYS B 230 -25.54 16.32 -15.06
N LYS B 231 -26.54 16.72 -15.84
CA LYS B 231 -27.89 16.91 -15.32
C LYS B 231 -28.45 15.60 -14.78
N LEU B 232 -28.33 14.53 -15.56
CA LEU B 232 -28.79 13.22 -15.09
C LEU B 232 -27.98 12.76 -13.89
N CYS B 233 -26.68 13.06 -13.87
CA CYS B 233 -25.86 12.72 -12.70
C CYS B 233 -26.36 13.41 -11.44
N ASP B 234 -26.65 14.71 -11.52
CA ASP B 234 -27.19 15.41 -10.35
C ASP B 234 -28.49 14.75 -9.90
N GLU B 235 -29.37 14.48 -10.85
CA GLU B 235 -30.64 13.85 -10.54
C GLU B 235 -30.41 12.56 -9.77
N ALA B 236 -29.48 11.73 -10.24
CA ALA B 236 -29.19 10.47 -9.56
C ALA B 236 -28.53 10.69 -8.20
N LEU B 237 -27.60 11.64 -8.12
CA LEU B 237 -26.77 11.81 -6.93
C LEU B 237 -27.57 12.33 -5.74
N VAL B 238 -28.71 12.97 -5.97
CA VAL B 238 -29.51 13.40 -4.81
C VAL B 238 -29.77 12.21 -3.88
N ASP B 239 -29.66 10.97 -4.39
CA ASP B 239 -29.95 9.77 -3.63
C ASP B 239 -28.76 8.82 -3.53
N CYS B 240 -27.54 9.32 -3.65
CA CYS B 240 -26.33 8.49 -3.62
C CYS B 240 -25.39 9.07 -2.55
N PRO B 241 -25.64 8.79 -1.28
CA PRO B 241 -24.87 9.43 -0.21
C PRO B 241 -23.42 8.98 -0.12
N THR B 242 -23.04 7.85 -0.75
CA THR B 242 -21.67 7.41 -0.66
C THR B 242 -20.74 8.18 -1.60
N VAL B 243 -21.28 8.91 -2.56
CA VAL B 243 -20.45 9.68 -3.49
C VAL B 243 -20.04 10.97 -2.79
N GLU B 244 -18.75 11.10 -2.51
CA GLU B 244 -18.23 12.25 -1.78
C GLU B 244 -17.76 13.36 -2.70
N LYS B 245 -17.24 13.02 -3.89
CA LYS B 245 -16.70 14.01 -4.79
C LYS B 245 -16.93 13.56 -6.22
N VAL B 246 -17.03 14.55 -7.11
CA VAL B 246 -17.27 14.33 -8.53
C VAL B 246 -16.25 15.13 -9.32
N LEU B 247 -15.62 14.50 -10.30
CA LEU B 247 -14.72 15.17 -11.24
C LEU B 247 -15.47 15.35 -12.56
N VAL B 248 -15.48 16.58 -13.07
CA VAL B 248 -16.32 16.97 -14.20
C VAL B 248 -15.43 17.50 -15.32
N TYR B 249 -15.44 16.81 -16.45
CA TYR B 249 -14.69 17.27 -17.63
C TYR B 249 -15.54 18.24 -18.43
N LYS B 250 -14.88 19.29 -18.95
CA LYS B 250 -15.55 20.29 -19.78
C LYS B 250 -15.56 19.82 -21.23
N ARG B 251 -16.53 18.96 -21.55
CA ARG B 251 -16.68 18.46 -22.91
C ARG B 251 -17.28 19.51 -23.83
N THR B 252 -18.28 20.27 -23.36
CA THR B 252 -18.83 21.39 -24.11
C THR B 252 -18.48 22.74 -23.51
N ASN B 253 -18.07 22.78 -22.24
CA ASN B 253 -17.76 24.04 -21.57
C ASN B 253 -18.98 24.96 -21.53
N ASN B 254 -20.17 24.38 -21.47
CA ASN B 254 -21.38 25.18 -21.37
C ASN B 254 -21.39 25.88 -20.01
N PRO B 255 -21.41 27.22 -19.97
CA PRO B 255 -21.33 27.91 -18.66
C PRO B 255 -22.57 27.76 -17.81
N GLU B 256 -23.69 27.34 -18.38
CA GLU B 256 -24.91 27.20 -17.58
C GLU B 256 -24.95 25.90 -16.77
N ILE B 257 -23.92 25.06 -16.86
CA ILE B 257 -23.93 23.76 -16.20
C ILE B 257 -23.43 23.92 -14.78
N HIS B 258 -24.31 23.66 -13.81
CA HIS B 258 -24.04 23.94 -12.41
C HIS B 258 -23.16 22.88 -11.76
N LEU B 259 -22.24 23.33 -10.92
CA LEU B 259 -21.43 22.45 -10.08
C LEU B 259 -21.76 22.70 -8.62
N THR B 260 -22.01 21.62 -7.88
CA THR B 260 -22.37 21.72 -6.47
C THR B 260 -21.13 21.99 -5.63
N GLU B 261 -21.15 23.09 -4.87
CA GLU B 261 -19.99 23.48 -4.08
C GLU B 261 -19.67 22.41 -3.05
N GLY B 262 -18.37 22.09 -2.94
CA GLY B 262 -17.91 21.10 -1.98
C GLY B 262 -17.95 19.68 -2.48
N ARG B 263 -18.63 19.41 -3.59
CA ARG B 263 -18.70 18.07 -4.13
C ARG B 263 -18.11 17.98 -5.53
N ASP B 264 -18.42 18.92 -6.42
CA ASP B 264 -18.02 18.84 -7.81
C ASP B 264 -16.82 19.74 -8.09
N TYR B 265 -15.87 19.21 -8.86
CA TYR B 265 -14.65 19.90 -9.20
C TYR B 265 -14.34 19.63 -10.67
N TYR B 266 -13.65 20.57 -11.30
CA TYR B 266 -13.37 20.46 -12.73
C TYR B 266 -12.13 19.62 -13.00
N TRP B 267 -12.24 18.75 -14.00
CA TRP B 267 -11.11 17.92 -14.43
C TRP B 267 -9.86 18.75 -14.68
N ASP B 268 -9.97 19.80 -15.50
CA ASP B 268 -8.79 20.57 -15.86
C ASP B 268 -8.19 21.28 -14.66
N VAL B 269 -9.06 21.89 -13.84
CA VAL B 269 -8.60 22.65 -12.67
C VAL B 269 -7.81 21.75 -11.72
N GLU B 270 -8.34 20.56 -11.42
CA GLU B 270 -7.69 19.71 -10.43
C GLU B 270 -6.47 18.98 -11.01
N THR B 271 -6.56 18.48 -12.25
CA THR B 271 -5.39 17.78 -12.79
C THR B 271 -4.21 18.73 -12.98
N ALA B 272 -4.46 20.03 -13.19
CA ALA B 272 -3.33 20.95 -13.31
C ALA B 272 -2.51 21.05 -12.03
N LYS B 273 -3.00 20.52 -10.92
CA LYS B 273 -2.31 20.65 -9.64
C LYS B 273 -1.31 19.53 -9.37
N PHE B 274 -1.27 18.49 -10.20
CA PHE B 274 -0.54 17.27 -9.90
C PHE B 274 0.44 16.90 -11.01
N PRO B 275 1.50 16.17 -10.69
CA PRO B 275 2.52 15.85 -11.69
C PRO B 275 2.12 14.69 -12.59
N GLY B 276 2.79 14.65 -13.75
CA GLY B 276 2.57 13.66 -14.78
C GLY B 276 3.17 12.30 -14.53
N TYR B 277 3.63 12.03 -13.30
CA TYR B 277 3.93 10.66 -12.90
C TYR B 277 3.44 10.43 -11.48
N LEU B 278 2.77 9.30 -11.27
CA LEU B 278 2.33 8.88 -9.97
C LEU B 278 2.61 7.38 -9.90
N PRO B 279 3.24 6.89 -8.83
CA PRO B 279 3.52 5.45 -8.74
C PRO B 279 2.25 4.63 -8.79
N PRO B 280 2.23 3.55 -9.57
CA PRO B 280 1.09 2.63 -9.49
C PRO B 280 1.13 1.81 -8.21
N VAL B 281 -0.07 1.40 -7.78
CA VAL B 281 -0.25 0.60 -6.56
C VAL B 281 -0.36 -0.87 -6.95
N SER B 282 0.49 -1.70 -6.39
CA SER B 282 0.39 -3.13 -6.64
C SER B 282 -0.88 -3.70 -6.01
N VAL B 283 -1.56 -4.57 -6.76
CA VAL B 283 -2.72 -5.30 -6.26
C VAL B 283 -2.47 -6.79 -6.46
N ASN B 284 -3.22 -7.59 -5.72
CA ASN B 284 -3.15 -9.03 -5.85
C ASN B 284 -3.85 -9.47 -7.14
N SER B 285 -3.40 -10.60 -7.68
CA SER B 285 -4.02 -11.15 -8.89
C SER B 285 -5.54 -11.21 -8.76
N GLU B 286 -6.05 -11.54 -7.57
CA GLU B 286 -7.47 -11.76 -7.37
C GLU B 286 -8.19 -10.56 -6.74
N ASP B 287 -7.51 -9.45 -6.53
CA ASP B 287 -8.20 -8.22 -6.16
C ASP B 287 -9.07 -7.75 -7.33
N PRO B 288 -10.24 -7.18 -7.07
CA PRO B 288 -11.15 -6.81 -8.17
C PRO B 288 -10.57 -5.70 -9.03
N LEU B 289 -10.60 -5.91 -10.34
CA LEU B 289 -10.22 -4.86 -11.29
C LEU B 289 -11.41 -3.97 -11.62
N PHE B 290 -12.58 -4.55 -11.87
CA PHE B 290 -13.75 -3.72 -12.13
C PHE B 290 -15.04 -4.47 -11.84
N LEU B 291 -16.08 -3.67 -11.62
CA LEU B 291 -17.46 -4.09 -11.61
C LEU B 291 -18.12 -3.59 -12.90
N LEU B 292 -18.83 -4.48 -13.58
CA LEU B 292 -19.59 -4.09 -14.78
C LEU B 292 -21.03 -4.55 -14.59
N TYR B 293 -21.93 -3.60 -14.46
CA TYR B 293 -23.33 -3.92 -14.21
C TYR B 293 -24.02 -4.32 -15.51
N THR B 294 -24.88 -5.31 -15.41
CA THR B 294 -25.53 -5.90 -16.57
C THR B 294 -26.97 -5.44 -16.59
N SER B 295 -27.49 -5.24 -17.79
CA SER B 295 -28.87 -4.78 -17.99
C SER B 295 -29.79 -5.93 -18.39
N THR B 298 -32.48 -8.82 -17.44
CA THR B 298 -33.92 -8.65 -17.52
C THR B 298 -34.46 -8.06 -16.21
N GLY B 299 -33.88 -8.50 -15.08
CA GLY B 299 -34.38 -8.11 -13.78
C GLY B 299 -33.66 -6.96 -13.11
N THR B 300 -32.91 -7.24 -12.04
CA THR B 300 -32.15 -6.24 -11.30
C THR B 300 -30.70 -6.23 -11.77
N PRO B 301 -30.08 -5.07 -11.99
CA PRO B 301 -28.68 -5.08 -12.44
C PRO B 301 -27.78 -5.71 -11.40
N LYS B 302 -26.90 -6.59 -11.87
CA LYS B 302 -25.93 -7.28 -11.03
C LYS B 302 -24.53 -6.89 -11.48
N GLY B 303 -23.68 -6.58 -10.50
CA GLY B 303 -22.31 -6.18 -10.78
C GLY B 303 -21.39 -7.36 -11.04
N VAL B 304 -21.14 -7.67 -12.31
CA VAL B 304 -20.19 -8.72 -12.65
C VAL B 304 -18.80 -8.24 -12.27
N VAL B 305 -18.13 -9.00 -11.40
CA VAL B 305 -16.83 -8.61 -10.86
C VAL B 305 -15.75 -9.39 -11.60
N HIS B 306 -14.74 -8.68 -12.11
CA HIS B 306 -13.61 -9.34 -12.75
C HIS B 306 -12.35 -9.13 -11.93
N SER B 307 -11.56 -10.20 -11.83
CA SER B 307 -10.25 -10.18 -11.21
C SER B 307 -9.29 -9.33 -12.04
N THR B 308 -8.05 -9.22 -11.57
CA THR B 308 -7.05 -8.41 -12.26
C THR B 308 -6.18 -9.26 -13.19
N ALA B 309 -5.41 -10.19 -12.64
CA ALA B 309 -4.43 -10.90 -13.45
C ALA B 309 -5.10 -11.77 -14.51
N GLY B 310 -6.04 -12.61 -14.11
CA GLY B 310 -6.67 -13.52 -15.05
C GLY B 310 -7.42 -12.81 -16.16
N TYR B 311 -8.15 -11.75 -15.81
CA TYR B 311 -8.87 -10.99 -16.82
C TYR B 311 -7.89 -10.37 -17.82
N LEU B 312 -6.82 -9.75 -17.33
CA LEU B 312 -5.84 -9.13 -18.22
C LEU B 312 -5.20 -10.17 -19.11
N LEU B 313 -4.86 -11.34 -18.56
CA LEU B 313 -4.27 -12.39 -19.39
C LEU B 313 -5.24 -12.82 -20.48
N GLY B 314 -6.51 -13.03 -20.13
CA GLY B 314 -7.49 -13.39 -21.15
C GLY B 314 -7.60 -12.34 -22.23
N ALA B 315 -7.62 -11.06 -21.83
CA ALA B 315 -7.73 -9.97 -22.80
C ALA B 315 -6.55 -9.98 -23.75
N ALA B 316 -5.34 -10.03 -23.20
CA ALA B 316 -4.14 -10.00 -24.05
C ALA B 316 -4.08 -11.22 -24.95
N LEU B 317 -4.36 -12.40 -24.38
CA LEU B 317 -4.23 -13.64 -25.14
C LEU B 317 -5.23 -13.68 -26.30
N SER B 318 -6.49 -13.37 -26.02
CA SER B 318 -7.50 -13.42 -27.07
C SER B 318 -7.25 -12.34 -28.12
N THR B 319 -6.90 -11.12 -27.69
CA THR B 319 -6.58 -10.07 -28.65
C THR B 319 -5.42 -10.48 -29.54
N LYS B 320 -4.41 -11.13 -28.97
CA LYS B 320 -3.23 -11.49 -29.76
C LYS B 320 -3.54 -12.60 -30.75
N TYR B 321 -4.14 -13.70 -30.29
CA TYR B 321 -4.22 -14.89 -31.12
C TYR B 321 -5.48 -14.96 -31.99
N ILE B 322 -6.63 -14.51 -31.48
CA ILE B 322 -7.85 -14.57 -32.28
C ILE B 322 -7.87 -13.49 -33.33
N PHE B 323 -7.39 -12.30 -33.00
CA PHE B 323 -7.36 -11.20 -33.97
C PHE B 323 -6.04 -11.14 -34.74
N ASP B 324 -5.00 -11.86 -34.30
CA ASP B 324 -3.67 -11.79 -34.90
C ASP B 324 -3.13 -10.36 -34.86
N ILE B 325 -2.85 -9.91 -33.64
CA ILE B 325 -2.39 -8.55 -33.39
C ILE B 325 -0.89 -8.55 -33.19
N HIS B 326 -0.20 -7.66 -33.91
CA HIS B 326 1.23 -7.48 -33.82
C HIS B 326 1.54 -6.05 -33.42
N PRO B 327 2.78 -5.76 -33.01
CA PRO B 327 3.11 -4.38 -32.60
C PRO B 327 2.80 -3.33 -33.66
N GLU B 328 2.83 -3.69 -34.93
CA GLU B 328 2.61 -2.73 -36.02
C GLU B 328 1.14 -2.43 -36.28
N ASP B 329 0.22 -3.17 -35.68
CA ASP B 329 -1.18 -3.11 -36.06
C ASP B 329 -1.92 -1.98 -35.33
N ILE B 330 -3.14 -1.71 -35.80
CA ILE B 330 -3.99 -0.64 -35.30
C ILE B 330 -5.42 -1.18 -35.23
N LEU B 331 -6.01 -1.19 -34.04
CA LEU B 331 -7.29 -1.84 -33.79
C LEU B 331 -8.39 -0.80 -33.62
N PHE B 332 -9.51 -1.00 -34.32
CA PHE B 332 -10.69 -0.15 -34.23
C PHE B 332 -11.85 -1.02 -33.73
N THR B 333 -12.12 -0.97 -32.43
CA THR B 333 -13.27 -1.64 -31.84
C THR B 333 -14.39 -0.62 -31.73
N ALA B 334 -15.39 -0.75 -32.61
CA ALA B 334 -16.53 0.18 -32.65
C ALA B 334 -17.55 -0.25 -31.60
N GLY B 335 -17.13 -0.14 -30.35
CA GLY B 335 -17.96 -0.44 -29.22
C GLY B 335 -17.92 0.69 -28.23
N ASP B 336 -18.40 0.45 -27.02
CA ASP B 336 -18.49 1.48 -25.99
C ASP B 336 -18.04 0.88 -24.68
N VAL B 337 -17.16 1.60 -23.96
CA VAL B 337 -16.68 1.10 -22.68
C VAL B 337 -17.81 0.90 -21.69
N GLY B 338 -19.01 1.38 -21.99
CA GLY B 338 -20.14 1.03 -21.15
C GLY B 338 -20.48 -0.45 -21.17
N TRP B 339 -19.87 -1.21 -22.07
CA TRP B 339 -20.17 -2.63 -22.23
C TRP B 339 -18.86 -3.41 -22.28
N ILE B 340 -18.96 -4.73 -22.14
CA ILE B 340 -17.75 -5.53 -21.96
C ILE B 340 -16.87 -5.47 -23.20
N THR B 341 -17.49 -5.29 -24.38
CA THR B 341 -16.71 -5.23 -25.62
C THR B 341 -15.71 -4.08 -25.59
N GLY B 342 -16.17 -2.89 -25.19
CA GLY B 342 -15.25 -1.78 -25.04
C GLY B 342 -14.19 -2.03 -23.99
N HIS B 343 -14.60 -2.50 -22.80
CA HIS B 343 -13.65 -2.86 -21.76
C HIS B 343 -12.51 -3.68 -22.32
N THR B 344 -12.84 -4.82 -22.92
CA THR B 344 -11.83 -5.82 -23.21
C THR B 344 -11.12 -5.57 -24.52
N TYR B 345 -11.79 -5.05 -25.56
CA TYR B 345 -11.18 -4.97 -26.87
C TYR B 345 -11.05 -3.55 -27.40
N ALA B 346 -11.58 -2.54 -26.71
CA ALA B 346 -11.20 -1.16 -26.99
C ALA B 346 -10.12 -0.65 -26.04
N LEU B 347 -10.05 -1.17 -24.82
CA LEU B 347 -9.07 -0.72 -23.84
C LEU B 347 -8.02 -1.79 -23.53
N TYR B 348 -8.39 -2.79 -22.71
CA TYR B 348 -7.38 -3.60 -22.03
C TYR B 348 -6.57 -4.45 -23.01
N GLY B 349 -7.22 -5.14 -23.94
CA GLY B 349 -6.52 -6.00 -24.87
C GLY B 349 -5.45 -5.28 -25.67
N PRO B 350 -5.88 -4.27 -26.44
CA PRO B 350 -4.90 -3.55 -27.28
C PRO B 350 -3.83 -2.83 -26.48
N LEU B 351 -4.19 -2.13 -25.40
CA LEU B 351 -3.17 -1.41 -24.64
C LEU B 351 -2.22 -2.38 -23.96
N LEU B 352 -2.73 -3.54 -23.50
CA LEU B 352 -1.85 -4.57 -22.97
C LEU B 352 -0.81 -4.98 -24.01
N LEU B 353 -1.23 -5.16 -25.26
CA LEU B 353 -0.26 -5.52 -26.28
C LEU B 353 0.55 -4.33 -26.78
N GLY B 354 0.26 -3.11 -26.31
CA GLY B 354 1.05 -1.95 -26.66
C GLY B 354 0.78 -1.37 -28.03
N VAL B 355 -0.39 -1.62 -28.61
CA VAL B 355 -0.71 -1.07 -29.94
C VAL B 355 -1.69 0.08 -29.80
N PRO B 356 -1.90 0.88 -30.84
CA PRO B 356 -2.90 1.94 -30.77
C PRO B 356 -4.31 1.38 -30.89
N THR B 357 -5.24 2.03 -30.19
CA THR B 357 -6.65 1.68 -30.21
C THR B 357 -7.46 2.92 -30.59
N ILE B 358 -8.43 2.73 -31.48
CA ILE B 358 -9.25 3.83 -31.98
C ILE B 358 -10.49 3.94 -31.10
N ILE B 359 -10.68 5.10 -30.48
CA ILE B 359 -11.76 5.39 -29.56
C ILE B 359 -12.70 6.36 -30.27
N PHE B 360 -13.87 5.88 -30.68
CA PHE B 360 -14.81 6.66 -31.48
C PHE B 360 -16.00 7.08 -30.62
N GLU B 361 -16.20 8.39 -30.50
CA GLU B 361 -17.21 8.98 -29.63
C GLU B 361 -18.60 9.06 -30.27
N GLY B 362 -18.70 8.96 -31.59
CA GLY B 362 -19.92 9.30 -32.30
C GLY B 362 -20.74 8.10 -32.73
N THR B 363 -21.50 8.27 -33.81
CA THR B 363 -22.36 7.24 -34.37
C THR B 363 -21.86 6.88 -35.77
N PRO B 364 -22.26 5.71 -36.28
CA PRO B 364 -21.85 5.34 -37.65
C PRO B 364 -22.43 6.23 -38.73
N ALA B 365 -23.35 7.13 -38.38
CA ALA B 365 -24.09 7.92 -39.36
C ALA B 365 -23.73 9.40 -39.36
N TYR B 366 -22.88 9.86 -38.45
CA TYR B 366 -22.64 11.28 -38.30
C TYR B 366 -21.17 11.61 -38.49
N PRO B 367 -20.83 12.61 -39.33
CA PRO B 367 -21.75 13.47 -40.11
C PRO B 367 -22.43 12.74 -41.28
N ASP B 368 -21.94 11.57 -41.69
CA ASP B 368 -22.59 10.81 -42.76
C ASP B 368 -22.25 9.33 -42.57
N TYR B 369 -22.87 8.50 -43.41
CA TYR B 369 -22.84 7.06 -43.24
C TYR B 369 -21.52 6.42 -43.67
N GLY B 370 -20.54 7.21 -44.10
CA GLY B 370 -19.21 6.70 -44.34
C GLY B 370 -18.24 6.82 -43.19
N ARG B 371 -18.67 7.32 -42.01
CA ARG B 371 -17.71 7.69 -40.97
C ARG B 371 -16.80 6.53 -40.55
N PHE B 372 -17.37 5.35 -40.32
CA PHE B 372 -16.54 4.19 -39.97
C PHE B 372 -15.40 4.02 -40.96
N TRP B 373 -15.72 4.05 -42.25
CA TRP B 373 -14.74 3.76 -43.30
C TRP B 373 -13.77 4.91 -43.46
N GLN B 374 -14.26 6.13 -43.28
CA GLN B 374 -13.38 7.29 -43.27
C GLN B 374 -12.34 7.18 -42.15
N ILE B 375 -12.75 6.67 -40.98
CA ILE B 375 -11.82 6.51 -39.87
C ILE B 375 -10.78 5.43 -40.19
N VAL B 376 -11.25 4.28 -40.68
CA VAL B 376 -10.33 3.21 -41.05
C VAL B 376 -9.29 3.72 -42.04
N GLU B 377 -9.75 4.48 -43.06
CA GLU B 377 -8.83 4.98 -44.06
C GLU B 377 -7.86 5.99 -43.45
N LYS B 378 -8.39 6.95 -42.69
CA LYS B 378 -7.58 7.98 -42.07
C LYS B 378 -6.41 7.40 -41.30
N HIS B 379 -6.67 6.37 -40.48
CA HIS B 379 -5.64 5.86 -39.58
C HIS B 379 -5.04 4.53 -40.04
N LYS B 380 -5.40 4.05 -41.24
CA LYS B 380 -4.88 2.80 -41.78
C LYS B 380 -5.07 1.66 -40.78
N ALA B 381 -6.27 1.58 -40.22
CA ALA B 381 -6.56 0.52 -39.28
C ALA B 381 -6.43 -0.84 -39.95
N THR B 382 -5.84 -1.79 -39.22
CA THR B 382 -5.64 -3.15 -39.70
C THR B 382 -6.69 -4.12 -39.18
N HIS B 383 -7.42 -3.74 -38.12
CA HIS B 383 -8.38 -4.62 -37.45
C HIS B 383 -9.63 -3.81 -37.15
N PHE B 384 -10.79 -4.39 -37.43
CA PHE B 384 -12.08 -3.73 -37.25
C PHE B 384 -13.03 -4.72 -36.59
N TYR B 385 -13.74 -4.26 -35.56
CA TYR B 385 -14.53 -5.11 -34.68
C TYR B 385 -15.84 -4.39 -34.39
N VAL B 386 -16.97 -5.00 -34.76
CA VAL B 386 -18.26 -4.32 -34.69
C VAL B 386 -19.36 -5.35 -34.51
N ALA B 387 -20.53 -4.87 -34.10
CA ALA B 387 -21.67 -5.76 -33.89
C ALA B 387 -22.54 -5.84 -35.14
N PRO B 388 -23.14 -7.00 -35.40
CA PRO B 388 -24.02 -7.11 -36.58
C PRO B 388 -25.10 -6.04 -36.66
N THR B 389 -25.58 -5.50 -35.53
CA THR B 389 -26.60 -4.45 -35.58
C THR B 389 -26.12 -3.28 -36.43
N ALA B 390 -24.88 -2.84 -36.20
CA ALA B 390 -24.33 -1.73 -36.98
C ALA B 390 -24.16 -2.12 -38.44
N LEU B 391 -23.74 -3.36 -38.70
CA LEU B 391 -23.59 -3.80 -40.08
C LEU B 391 -24.93 -3.74 -40.81
N ARG B 392 -26.02 -4.18 -40.16
CA ARG B 392 -27.33 -4.10 -40.78
C ARG B 392 -27.71 -2.65 -41.05
N LEU B 393 -27.47 -1.76 -40.09
CA LEU B 393 -27.79 -0.35 -40.31
C LEU B 393 -27.06 0.20 -41.53
N LEU B 394 -25.76 -0.08 -41.62
CA LEU B 394 -24.97 0.48 -42.72
C LEU B 394 -25.34 -0.17 -44.04
N ARG B 395 -25.68 -1.46 -44.02
CA ARG B 395 -26.15 -2.11 -45.24
C ARG B 395 -27.46 -1.48 -45.71
N LYS B 396 -28.34 -1.13 -44.79
CA LYS B 396 -29.63 -0.58 -45.18
C LYS B 396 -29.51 0.84 -45.69
N ALA B 397 -28.69 1.68 -45.05
CA ALA B 397 -28.72 3.11 -45.31
C ALA B 397 -27.47 3.69 -45.94
N GLY B 398 -26.35 2.96 -45.93
CA GLY B 398 -25.09 3.52 -46.38
C GLY B 398 -24.17 2.62 -47.18
N GLU B 399 -24.70 1.62 -47.89
CA GLU B 399 -23.82 0.67 -48.57
C GLU B 399 -22.89 1.36 -49.56
N GLN B 400 -23.43 2.25 -50.39
CA GLN B 400 -22.63 2.88 -51.42
C GLN B 400 -21.49 3.72 -50.86
N GLU B 401 -21.54 4.08 -49.58
CA GLU B 401 -20.44 4.87 -49.04
C GLU B 401 -19.17 4.03 -48.87
N ILE B 402 -19.31 2.71 -48.69
CA ILE B 402 -18.14 1.91 -48.33
C ILE B 402 -17.06 2.02 -49.39
N ALA B 403 -17.45 1.88 -50.66
CA ALA B 403 -16.49 1.90 -51.76
C ALA B 403 -15.81 3.25 -51.93
N LYS B 404 -16.24 4.30 -51.23
CA LYS B 404 -15.62 5.60 -51.42
C LYS B 404 -14.31 5.75 -50.67
N TYR B 405 -13.93 4.74 -49.87
CA TYR B 405 -12.78 4.84 -48.98
C TYR B 405 -11.84 3.67 -49.25
N ASP B 406 -10.55 3.93 -49.08
CA ASP B 406 -9.52 2.91 -49.20
C ASP B 406 -9.48 2.11 -47.90
N LEU B 407 -9.93 0.86 -47.95
CA LEU B 407 -9.98 -0.02 -46.79
C LEU B 407 -8.96 -1.16 -46.90
N SER B 408 -7.95 -1.01 -47.75
CA SER B 408 -6.99 -2.08 -48.01
C SER B 408 -5.99 -2.30 -46.88
N SER B 409 -5.96 -1.42 -45.86
CA SER B 409 -5.12 -1.68 -44.70
C SER B 409 -5.68 -2.79 -43.81
N LEU B 410 -6.97 -3.10 -43.95
CA LEU B 410 -7.61 -4.09 -43.09
C LEU B 410 -7.23 -5.51 -43.49
N ARG B 411 -7.10 -6.38 -42.50
CA ARG B 411 -7.04 -7.81 -42.75
C ARG B 411 -7.90 -8.64 -41.82
N THR B 412 -8.32 -8.12 -40.67
CA THR B 412 -9.16 -8.85 -39.73
C THR B 412 -10.44 -8.07 -39.48
N LEU B 413 -11.57 -8.72 -39.70
CA LEU B 413 -12.91 -8.16 -39.47
C LEU B 413 -13.58 -9.01 -38.40
N GLY B 414 -13.85 -8.42 -37.25
CA GLY B 414 -14.50 -9.13 -36.16
C GLY B 414 -15.98 -8.80 -36.09
N SER B 415 -16.75 -9.75 -35.56
CA SER B 415 -18.18 -9.60 -35.31
C SER B 415 -18.49 -10.09 -33.91
N VAL B 416 -19.33 -9.36 -33.18
CA VAL B 416 -19.55 -9.63 -31.76
C VAL B 416 -21.00 -9.34 -31.37
N GLY B 417 -21.48 -10.10 -30.39
CA GLY B 417 -22.62 -9.72 -29.58
C GLY B 417 -23.91 -10.45 -29.88
N GLU B 418 -24.01 -11.10 -31.02
CA GLU B 418 -25.26 -11.62 -31.55
C GLU B 418 -24.94 -12.47 -32.76
N PRO B 419 -25.87 -13.31 -33.20
CA PRO B 419 -25.59 -14.13 -34.38
C PRO B 419 -25.34 -13.25 -35.60
N ILE B 420 -24.42 -13.72 -36.44
CA ILE B 420 -24.19 -13.13 -37.75
C ILE B 420 -24.67 -14.17 -38.76
N SER B 421 -25.77 -13.86 -39.45
CA SER B 421 -26.32 -14.77 -40.43
C SER B 421 -25.32 -15.01 -41.56
N PRO B 422 -25.42 -16.14 -42.24
CA PRO B 422 -24.56 -16.35 -43.42
C PRO B 422 -24.64 -15.21 -44.41
N ASP B 423 -25.83 -14.64 -44.58
CA ASP B 423 -26.02 -13.55 -45.54
C ASP B 423 -25.29 -12.28 -45.10
N ILE B 424 -25.45 -11.90 -43.82
CA ILE B 424 -24.72 -10.74 -43.32
C ILE B 424 -23.22 -11.01 -43.35
N TRP B 425 -22.83 -12.24 -43.04
CA TRP B 425 -21.42 -12.61 -43.11
C TRP B 425 -20.87 -12.41 -44.52
N GLU B 426 -21.61 -12.86 -45.54
CA GLU B 426 -21.16 -12.67 -46.92
C GLU B 426 -21.10 -11.20 -47.30
N TRP B 427 -22.09 -10.41 -46.85
CA TRP B 427 -22.07 -8.99 -47.11
C TRP B 427 -20.85 -8.33 -46.47
N TYR B 428 -20.61 -8.63 -45.19
CA TYR B 428 -19.44 -8.13 -44.48
C TYR B 428 -18.17 -8.51 -45.24
N ASN B 429 -18.06 -9.78 -45.63
CA ASN B 429 -16.86 -10.28 -46.29
C ASN B 429 -16.62 -9.58 -47.62
N GLU B 430 -17.68 -9.30 -48.38
CA GLU B 430 -17.51 -8.76 -49.73
C GLU B 430 -17.37 -7.24 -49.71
N PHE B 431 -18.31 -6.54 -49.08
CA PHE B 431 -18.37 -5.09 -49.24
C PHE B 431 -17.36 -4.36 -48.36
N VAL B 432 -17.03 -4.92 -47.20
CA VAL B 432 -16.03 -4.31 -46.32
C VAL B 432 -14.65 -4.94 -46.56
N GLY B 433 -14.57 -6.27 -46.58
CA GLY B 433 -13.31 -6.96 -46.74
C GLY B 433 -12.88 -7.19 -48.16
N LYS B 434 -13.74 -6.92 -49.13
CA LYS B 434 -13.42 -7.13 -50.55
C LYS B 434 -12.96 -8.56 -50.79
N ASN B 435 -13.41 -9.49 -49.95
CA ASN B 435 -13.08 -10.90 -50.03
C ASN B 435 -11.60 -11.17 -49.79
N GLN B 436 -10.93 -10.27 -49.07
CA GLN B 436 -9.49 -10.38 -48.84
C GLN B 436 -9.13 -10.48 -47.37
N CYS B 437 -10.10 -10.33 -46.47
CA CYS B 437 -9.87 -10.31 -45.03
C CYS B 437 -10.35 -11.60 -44.40
N HIS B 438 -9.83 -11.88 -43.21
CA HIS B 438 -10.32 -12.94 -42.36
C HIS B 438 -11.41 -12.38 -41.43
N ILE B 439 -12.50 -13.13 -41.30
CA ILE B 439 -13.61 -12.74 -40.43
C ILE B 439 -13.57 -13.59 -39.16
N SER B 440 -13.68 -12.92 -38.00
CA SER B 440 -13.69 -13.57 -36.70
C SER B 440 -15.04 -13.29 -36.03
N ASP B 441 -15.94 -14.26 -36.13
CA ASP B 441 -17.20 -14.27 -35.39
C ASP B 441 -16.90 -14.72 -33.97
N THR B 442 -16.83 -13.76 -33.03
CA THR B 442 -16.43 -14.03 -31.66
C THR B 442 -17.64 -14.22 -30.78
N TYR B 443 -17.78 -15.42 -30.20
CA TYR B 443 -18.80 -15.70 -29.20
C TYR B 443 -18.20 -15.57 -27.81
N TRP B 444 -18.89 -14.84 -26.93
CA TRP B 444 -18.49 -14.68 -25.53
C TRP B 444 -19.56 -13.87 -24.82
N GLN B 445 -19.31 -13.49 -23.57
CA GLN B 445 -20.32 -12.78 -22.80
C GLN B 445 -19.60 -12.00 -21.69
N THR B 446 -20.34 -11.07 -21.09
CA THR B 446 -19.76 -10.22 -20.05
C THR B 446 -19.06 -11.06 -18.98
N GLU B 447 -19.68 -12.16 -18.57
CA GLU B 447 -19.14 -12.97 -17.48
C GLU B 447 -17.91 -13.77 -17.89
N SER B 448 -17.65 -13.93 -19.19
CA SER B 448 -16.49 -14.70 -19.62
C SER B 448 -15.22 -13.87 -19.72
N GLY B 449 -15.33 -12.54 -19.70
CA GLY B 449 -14.17 -11.66 -19.72
C GLY B 449 -13.59 -11.48 -21.11
N SER B 450 -13.48 -12.56 -21.88
CA SER B 450 -12.87 -12.53 -23.18
C SER B 450 -13.44 -13.65 -24.03
N HIS B 451 -12.94 -13.77 -25.27
CA HIS B 451 -13.51 -14.68 -26.24
C HIS B 451 -13.55 -16.12 -25.73
N LEU B 452 -14.69 -16.78 -25.98
CA LEU B 452 -14.87 -18.19 -25.65
C LEU B 452 -14.74 -19.10 -26.87
N ILE B 453 -15.36 -18.73 -27.99
CA ILE B 453 -15.33 -19.50 -29.23
C ILE B 453 -15.17 -18.52 -30.38
N ALA B 454 -14.12 -18.69 -31.17
CA ALA B 454 -13.86 -17.75 -32.26
C ALA B 454 -12.84 -18.32 -33.23
N PRO B 455 -12.95 -17.99 -34.52
CA PRO B 455 -11.93 -18.44 -35.49
C PRO B 455 -10.68 -17.58 -35.40
N LEU B 456 -9.56 -18.20 -35.05
CA LEU B 456 -8.30 -17.47 -34.98
C LEU B 456 -7.93 -16.91 -36.35
N ALA B 457 -7.64 -15.61 -36.40
CA ALA B 457 -7.34 -14.97 -37.67
C ALA B 457 -6.10 -15.58 -38.31
N GLY B 458 -6.23 -15.94 -39.59
CA GLY B 458 -5.15 -16.53 -40.33
C GLY B 458 -4.90 -17.99 -40.06
N VAL B 459 -5.72 -18.64 -39.24
CA VAL B 459 -5.46 -20.01 -38.79
C VAL B 459 -6.64 -20.94 -39.04
N VAL B 460 -7.82 -20.55 -38.56
CA VAL B 460 -9.00 -21.40 -38.61
C VAL B 460 -9.81 -21.05 -39.86
N PRO B 461 -10.12 -22.02 -40.73
CA PRO B 461 -11.04 -21.73 -41.83
C PRO B 461 -12.45 -21.50 -41.31
N ASN B 462 -13.20 -20.69 -42.05
CA ASN B 462 -14.50 -20.23 -41.58
C ASN B 462 -15.63 -21.03 -42.19
N LYS B 463 -16.68 -21.22 -41.40
CA LYS B 463 -18.01 -21.54 -41.91
C LYS B 463 -18.91 -20.36 -41.58
N PRO B 464 -19.46 -19.64 -42.55
CA PRO B 464 -20.24 -18.43 -42.23
C PRO B 464 -21.36 -18.75 -41.27
N GLY B 465 -21.39 -18.04 -40.14
CA GLY B 465 -22.39 -18.23 -39.12
C GLY B 465 -21.92 -19.08 -37.96
N SER B 466 -20.78 -19.72 -38.06
CA SER B 466 -20.21 -20.54 -37.00
C SER B 466 -19.06 -19.82 -36.33
N ALA B 467 -19.05 -19.86 -35.00
CA ALA B 467 -17.93 -19.33 -34.23
C ALA B 467 -16.71 -20.26 -34.27
N SER B 468 -16.88 -21.49 -34.74
CA SER B 468 -15.82 -22.49 -34.92
C SER B 468 -15.37 -23.11 -33.60
N TYR B 469 -14.01 -23.01 -33.24
CA TYR B 469 -13.43 -23.81 -32.17
C TYR B 469 -13.41 -23.07 -30.83
N PRO B 470 -13.54 -23.78 -29.71
CA PRO B 470 -13.33 -23.12 -28.41
C PRO B 470 -11.89 -22.65 -28.27
N PHE B 471 -11.72 -21.57 -27.51
CA PHE B 471 -10.43 -20.92 -27.36
C PHE B 471 -9.63 -21.56 -26.22
N PHE B 472 -8.37 -21.17 -26.11
CA PHE B 472 -7.48 -21.67 -25.05
C PHE B 472 -8.17 -21.64 -23.69
N GLY B 473 -8.06 -22.74 -22.95
CA GLY B 473 -8.60 -22.82 -21.62
C GLY B 473 -10.10 -23.01 -21.53
N ILE B 474 -10.79 -23.09 -22.66
CA ILE B 474 -12.24 -23.18 -22.72
C ILE B 474 -12.60 -24.61 -23.13
N ASP B 475 -13.02 -25.42 -22.17
CA ASP B 475 -13.39 -26.80 -22.43
C ASP B 475 -14.90 -26.82 -22.61
N ALA B 476 -15.34 -26.57 -23.83
CA ALA B 476 -16.76 -26.45 -24.11
C ALA B 476 -17.39 -27.83 -24.30
N ALA B 477 -18.68 -27.91 -24.00
CA ALA B 477 -19.43 -29.15 -24.12
C ALA B 477 -20.88 -28.80 -24.39
N LEU B 478 -21.61 -29.79 -24.89
CA LEU B 478 -23.06 -29.70 -25.07
C LEU B 478 -23.72 -30.60 -24.03
N ILE B 479 -24.71 -30.05 -23.34
CA ILE B 479 -25.39 -30.68 -22.22
C ILE B 479 -26.86 -30.88 -22.58
N ASP B 480 -27.39 -32.05 -22.27
CA ASP B 480 -28.81 -32.29 -22.43
C ASP B 480 -29.55 -31.40 -21.44
N PRO B 481 -30.48 -30.55 -21.88
CA PRO B 481 -31.09 -29.59 -20.94
C PRO B 481 -31.97 -30.22 -19.89
N VAL B 482 -32.44 -31.45 -20.11
CA VAL B 482 -33.31 -32.12 -19.14
C VAL B 482 -32.50 -32.83 -18.06
N THR B 483 -31.39 -33.48 -18.43
CA THR B 483 -30.66 -34.35 -17.53
C THR B 483 -29.33 -33.79 -17.07
N GLY B 484 -28.82 -32.74 -17.71
CA GLY B 484 -27.52 -32.20 -17.36
C GLY B 484 -26.35 -33.06 -17.78
N VAL B 485 -26.58 -34.11 -18.56
CA VAL B 485 -25.53 -35.05 -18.92
C VAL B 485 -24.91 -34.62 -20.24
N GLU B 486 -23.59 -34.68 -20.30
CA GLU B 486 -22.86 -34.23 -21.49
C GLU B 486 -23.18 -35.09 -22.69
N ILE B 487 -23.30 -34.45 -23.85
CA ILE B 487 -23.63 -35.13 -25.09
C ILE B 487 -22.32 -35.45 -25.80
N GLU B 488 -22.07 -36.73 -26.03
CA GLU B 488 -20.85 -37.17 -26.68
C GLU B 488 -21.04 -37.22 -28.19
N GLY B 489 -19.94 -36.98 -28.90
CA GLY B 489 -19.93 -37.07 -30.34
C GLY B 489 -20.43 -35.80 -31.00
N ASN B 490 -20.27 -35.76 -32.31
CA ASN B 490 -20.58 -34.58 -33.11
C ASN B 490 -21.89 -34.79 -33.84
N ASP B 491 -22.30 -33.75 -34.59
CA ASP B 491 -23.65 -33.69 -35.15
C ASP B 491 -24.67 -33.69 -34.02
N ALA B 492 -24.45 -32.79 -33.04
CA ALA B 492 -25.20 -32.79 -31.80
C ALA B 492 -25.66 -31.37 -31.47
N GLU B 493 -26.64 -31.28 -30.56
CA GLU B 493 -27.18 -30.00 -30.13
C GLU B 493 -27.53 -30.06 -28.65
N GLY B 494 -27.41 -28.91 -27.99
CA GLY B 494 -27.85 -28.83 -26.60
C GLY B 494 -27.46 -27.51 -25.97
N VAL B 495 -27.39 -27.53 -24.64
CA VAL B 495 -26.99 -26.36 -23.85
C VAL B 495 -25.48 -26.24 -23.91
N LEU B 496 -24.98 -25.03 -24.21
CA LEU B 496 -23.54 -24.80 -24.24
C LEU B 496 -23.05 -24.61 -22.81
N ALA B 497 -22.11 -25.44 -22.38
CA ALA B 497 -21.57 -25.38 -21.02
C ALA B 497 -20.05 -25.49 -21.07
N ILE B 498 -19.39 -25.03 -20.00
CA ILE B 498 -17.93 -25.06 -19.90
C ILE B 498 -17.56 -25.95 -18.73
N LYS B 499 -16.59 -26.84 -18.93
CA LYS B 499 -16.32 -27.91 -17.97
C LYS B 499 -15.30 -27.54 -16.90
N ASP B 500 -14.66 -26.38 -16.99
CA ASP B 500 -13.75 -25.90 -15.96
C ASP B 500 -13.63 -24.39 -16.11
N HIS B 501 -13.25 -23.72 -15.03
CA HIS B 501 -13.10 -22.28 -15.10
C HIS B 501 -11.83 -21.93 -15.89
N TRP B 502 -11.73 -20.66 -16.25
CA TRP B 502 -10.67 -20.15 -17.11
C TRP B 502 -10.20 -18.81 -16.56
N PRO B 503 -9.02 -18.35 -16.98
CA PRO B 503 -8.40 -17.20 -16.28
C PRO B 503 -9.29 -15.97 -16.16
N SER B 504 -9.98 -15.58 -17.23
CA SER B 504 -10.74 -14.34 -17.24
C SER B 504 -12.21 -14.52 -16.86
N MET B 505 -12.59 -15.70 -16.35
CA MET B 505 -13.97 -15.90 -15.90
C MET B 505 -14.29 -14.94 -14.76
N ALA B 506 -15.49 -14.36 -14.79
CA ALA B 506 -15.92 -13.52 -13.68
C ALA B 506 -15.92 -14.30 -12.38
N ARG B 507 -15.58 -13.61 -11.29
CA ARG B 507 -15.36 -14.28 -10.01
C ARG B 507 -16.56 -14.21 -9.08
N THR B 508 -17.42 -13.21 -9.20
CA THR B 508 -18.59 -13.12 -8.33
C THR B 508 -19.53 -12.06 -8.90
N VAL B 509 -20.68 -11.93 -8.24
CA VAL B 509 -21.57 -10.78 -8.40
C VAL B 509 -21.43 -9.95 -7.13
N TYR B 510 -21.17 -8.65 -7.30
CA TYR B 510 -20.72 -7.82 -6.19
C TYR B 510 -21.66 -7.93 -5.00
N LYS B 511 -21.12 -8.42 -3.88
CA LYS B 511 -21.83 -8.59 -2.63
C LYS B 511 -23.08 -9.45 -2.77
N ASN B 512 -23.08 -10.36 -3.74
CA ASN B 512 -24.21 -11.25 -3.96
C ASN B 512 -23.73 -12.57 -4.57
N HIS B 513 -22.78 -13.23 -3.91
CA HIS B 513 -22.19 -14.43 -4.47
C HIS B 513 -23.21 -15.56 -4.63
N THR B 514 -24.27 -15.57 -3.82
CA THR B 514 -25.28 -16.62 -3.98
C THR B 514 -26.02 -16.48 -5.32
N LYS B 515 -26.31 -15.25 -5.74
CA LYS B 515 -26.92 -15.05 -7.05
C LYS B 515 -25.99 -15.54 -8.16
N TYR B 516 -24.69 -15.26 -8.03
CA TYR B 516 -23.68 -15.77 -8.96
C TYR B 516 -23.72 -17.29 -9.03
N MET B 517 -23.66 -17.97 -7.88
CA MET B 517 -23.70 -19.43 -7.85
C MET B 517 -24.97 -19.95 -8.51
N ASP B 518 -26.13 -19.38 -8.15
CA ASP B 518 -27.39 -19.86 -8.68
C ASP B 518 -27.51 -19.63 -10.18
N THR B 519 -26.86 -18.58 -10.70
CA THR B 519 -26.99 -18.26 -12.11
C THR B 519 -26.05 -19.10 -12.97
N TYR B 520 -24.81 -19.27 -12.53
CA TYR B 520 -23.77 -19.84 -13.38
C TYR B 520 -23.33 -21.24 -13.02
N MET B 521 -23.31 -21.60 -11.73
CA MET B 521 -22.71 -22.86 -11.29
C MET B 521 -23.71 -23.90 -10.82
N ASN B 522 -24.89 -23.50 -10.35
CA ASN B 522 -25.85 -24.44 -9.78
C ASN B 522 -26.85 -25.02 -10.77
N PRO B 523 -27.20 -24.34 -11.86
CA PRO B 523 -28.17 -24.94 -12.80
C PRO B 523 -27.70 -26.28 -13.33
N TYR B 524 -26.41 -26.42 -13.61
CA TYR B 524 -25.83 -27.67 -14.11
C TYR B 524 -24.55 -27.94 -13.34
N PRO B 525 -24.66 -28.53 -12.15
CA PRO B 525 -23.48 -28.63 -11.26
C PRO B 525 -22.31 -29.32 -11.93
N GLY B 526 -21.12 -28.76 -11.71
CA GLY B 526 -19.91 -29.19 -12.38
C GLY B 526 -19.62 -28.48 -13.67
N TYR B 527 -20.53 -27.63 -14.15
CA TYR B 527 -20.36 -26.89 -15.38
C TYR B 527 -20.60 -25.41 -15.12
N TYR B 528 -20.12 -24.60 -16.06
CA TYR B 528 -20.51 -23.20 -16.16
C TYR B 528 -21.62 -23.10 -17.20
N PHE B 529 -22.73 -22.46 -16.82
CA PHE B 529 -23.92 -22.35 -17.67
C PHE B 529 -23.90 -21.03 -18.43
N THR B 530 -23.78 -21.09 -19.77
CA THR B 530 -23.75 -19.87 -20.56
C THR B 530 -25.13 -19.26 -20.75
N GLY B 531 -26.19 -20.03 -20.57
CA GLY B 531 -27.51 -19.57 -20.94
C GLY B 531 -27.84 -19.69 -22.41
N ASP B 532 -26.90 -20.17 -23.23
CA ASP B 532 -27.09 -20.30 -24.66
C ASP B 532 -27.20 -21.76 -25.05
N GLY B 533 -27.87 -22.01 -26.18
CA GLY B 533 -27.83 -23.31 -26.82
C GLY B 533 -26.91 -23.25 -28.03
N ALA B 534 -26.43 -24.43 -28.43
CA ALA B 534 -25.48 -24.50 -29.54
C ALA B 534 -25.51 -25.89 -30.14
N ALA B 535 -24.90 -26.01 -31.31
CA ALA B 535 -24.75 -27.27 -32.01
C ALA B 535 -23.30 -27.45 -32.42
N ARG B 536 -22.89 -28.71 -32.51
CA ARG B 536 -21.51 -29.08 -32.85
C ARG B 536 -21.55 -30.03 -34.03
N ASP B 537 -20.88 -29.67 -35.12
CA ASP B 537 -20.93 -30.40 -36.37
C ASP B 537 -19.76 -31.39 -36.48
N HIS B 538 -19.70 -32.11 -37.60
CA HIS B 538 -18.76 -33.22 -37.73
C HIS B 538 -17.31 -32.76 -37.75
N ASP B 539 -17.06 -31.48 -37.96
CA ASP B 539 -15.71 -30.94 -37.88
C ASP B 539 -15.38 -30.37 -36.50
N GLY B 540 -16.31 -30.42 -35.55
CA GLY B 540 -16.11 -29.84 -34.24
C GLY B 540 -16.43 -28.36 -34.14
N TYR B 541 -16.94 -27.75 -35.21
CA TYR B 541 -17.33 -26.35 -35.18
C TYR B 541 -18.63 -26.16 -34.41
N TYR B 542 -18.69 -25.09 -33.62
CA TYR B 542 -19.87 -24.76 -32.83
C TYR B 542 -20.73 -23.73 -33.54
N TRP B 543 -22.03 -23.95 -33.51
CA TRP B 543 -23.02 -23.04 -34.07
C TRP B 543 -23.89 -22.55 -32.92
N ILE B 544 -23.78 -21.27 -32.58
CA ILE B 544 -24.56 -20.72 -31.49
C ILE B 544 -26.02 -20.63 -31.91
N ARG B 545 -26.93 -21.09 -31.05
CA ARG B 545 -28.34 -21.13 -31.41
C ARG B 545 -29.21 -20.21 -30.56
N GLY B 546 -28.64 -19.45 -29.65
CA GLY B 546 -29.40 -18.43 -28.95
C GLY B 546 -29.87 -18.88 -27.59
N ARG B 547 -30.54 -17.95 -26.91
CA ARG B 547 -30.91 -18.12 -25.51
C ARG B 547 -31.76 -19.37 -25.31
N VAL B 548 -31.58 -20.03 -24.17
CA VAL B 548 -32.44 -21.14 -23.76
C VAL B 548 -33.58 -20.54 -22.93
N ASP B 549 -34.43 -21.41 -22.38
CA ASP B 549 -35.73 -20.99 -21.85
C ASP B 549 -35.80 -20.92 -20.33
N ASP B 550 -34.67 -20.73 -19.66
CA ASP B 550 -34.68 -20.43 -18.22
C ASP B 550 -35.38 -21.51 -17.40
N VAL B 551 -34.69 -22.63 -17.19
CA VAL B 551 -35.13 -23.71 -16.31
C VAL B 551 -34.68 -23.46 -14.87
N VAL B 552 -35.54 -23.85 -13.92
CA VAL B 552 -35.28 -23.74 -12.49
C VAL B 552 -35.03 -25.14 -11.98
N ASN B 553 -33.98 -25.32 -11.17
CA ASN B 553 -33.50 -26.65 -10.81
C ASN B 553 -33.92 -26.99 -9.39
N VAL B 554 -34.91 -27.86 -9.25
CA VAL B 554 -35.45 -28.26 -7.97
C VAL B 554 -35.04 -29.72 -7.75
N SER B 555 -34.05 -29.94 -6.89
CA SER B 555 -33.58 -31.30 -6.56
C SER B 555 -33.35 -32.13 -7.83
N GLY B 556 -32.75 -31.50 -8.85
CA GLY B 556 -32.41 -32.18 -10.08
C GLY B 556 -33.49 -32.21 -11.15
N HIS B 557 -34.70 -31.72 -10.86
CA HIS B 557 -35.75 -31.59 -11.89
C HIS B 557 -35.76 -30.15 -12.38
N ARG B 558 -35.58 -29.99 -13.68
CA ARG B 558 -35.58 -28.67 -14.30
C ARG B 558 -37.00 -28.31 -14.74
N LEU B 559 -37.53 -27.24 -14.19
CA LEU B 559 -38.89 -26.81 -14.42
C LEU B 559 -38.91 -25.52 -15.23
N SER B 560 -40.02 -25.28 -15.92
CA SER B 560 -40.24 -24.07 -16.70
C SER B 560 -41.30 -23.24 -15.98
N THR B 561 -40.88 -22.07 -15.49
CA THR B 561 -41.84 -21.15 -14.88
C THR B 561 -42.97 -20.82 -15.85
N ALA B 562 -42.65 -20.72 -17.15
CA ALA B 562 -43.67 -20.37 -18.13
C ALA B 562 -44.67 -21.50 -18.31
N GLU B 563 -44.21 -22.75 -18.32
CA GLU B 563 -45.13 -23.88 -18.43
C GLU B 563 -46.05 -23.96 -17.23
N ILE B 564 -45.51 -23.71 -16.03
CA ILE B 564 -46.33 -23.76 -14.82
C ILE B 564 -47.35 -22.63 -14.83
N GLU B 565 -46.93 -21.43 -15.25
CA GLU B 565 -47.88 -20.33 -15.40
C GLU B 565 -49.00 -20.70 -16.35
N ALA B 566 -48.67 -21.25 -17.52
CA ALA B 566 -49.68 -21.64 -18.49
C ALA B 566 -50.64 -22.67 -17.90
N ALA B 567 -50.10 -23.69 -17.23
CA ALA B 567 -50.95 -24.72 -16.63
C ALA B 567 -51.89 -24.12 -15.59
N LEU B 568 -51.38 -23.21 -14.76
CA LEU B 568 -52.25 -22.56 -13.78
C LEU B 568 -53.33 -21.73 -14.47
N ILE B 569 -52.97 -21.06 -15.57
CA ILE B 569 -53.93 -20.22 -16.28
C ILE B 569 -55.03 -21.05 -16.93
N GLU B 570 -54.71 -22.28 -17.34
CA GLU B 570 -55.74 -23.15 -17.91
C GLU B 570 -56.95 -23.28 -16.98
N ASP B 571 -56.73 -23.23 -15.67
CA ASP B 571 -57.84 -23.23 -14.72
C ASP B 571 -58.65 -21.94 -14.89
N LYS B 572 -59.93 -22.08 -15.25
CA LYS B 572 -60.71 -20.92 -15.64
C LYS B 572 -61.12 -20.03 -14.46
N LYS B 573 -61.04 -20.52 -13.22
CA LYS B 573 -61.25 -19.63 -12.08
C LYS B 573 -60.04 -18.77 -11.78
N VAL B 574 -58.89 -19.04 -12.39
CA VAL B 574 -57.69 -18.26 -12.16
C VAL B 574 -57.72 -17.09 -13.14
N SER B 575 -57.37 -15.91 -12.65
CA SER B 575 -57.33 -14.71 -13.48
C SER B 575 -55.93 -14.38 -13.95
N GLU B 576 -54.94 -14.43 -13.06
CA GLU B 576 -53.56 -14.16 -13.40
C GLU B 576 -52.65 -15.07 -12.60
N ALA B 577 -51.51 -15.44 -13.19
CA ALA B 577 -50.56 -16.34 -12.55
C ALA B 577 -49.14 -15.91 -12.89
N ALA B 578 -48.29 -15.85 -11.86
CA ALA B 578 -46.88 -15.53 -12.04
C ALA B 578 -46.05 -16.49 -11.19
N VAL B 579 -45.12 -17.21 -11.82
CA VAL B 579 -44.32 -18.22 -11.16
C VAL B 579 -42.86 -17.76 -11.19
N VAL B 580 -42.19 -17.82 -10.03
CA VAL B 580 -40.80 -17.41 -9.93
C VAL B 580 -39.99 -18.48 -9.20
N GLY B 581 -38.68 -18.34 -9.29
CA GLY B 581 -37.77 -19.22 -8.60
C GLY B 581 -36.92 -18.45 -7.61
N ILE B 582 -36.54 -19.11 -6.52
CA ILE B 582 -35.69 -18.51 -5.49
C ILE B 582 -34.69 -19.55 -5.00
N HIS B 583 -33.66 -19.06 -4.33
CA HIS B 583 -32.66 -19.97 -3.74
C HIS B 583 -33.31 -20.81 -2.65
N ASP B 584 -32.79 -22.02 -2.47
CA ASP B 584 -33.25 -22.92 -1.42
C ASP B 584 -32.06 -23.75 -0.98
N ASP B 585 -31.79 -23.74 0.33
CA ASP B 585 -30.60 -24.42 0.84
C ASP B 585 -30.65 -25.94 0.68
N ILE B 586 -31.83 -26.51 0.51
CA ILE B 586 -31.99 -27.97 0.42
C ILE B 586 -32.15 -28.43 -1.02
N THR B 587 -33.12 -27.86 -1.73
CA THR B 587 -33.43 -28.28 -3.09
C THR B 587 -32.72 -27.44 -4.15
N GLY B 588 -31.81 -26.55 -3.74
CA GLY B 588 -31.10 -25.71 -4.68
C GLY B 588 -31.92 -24.51 -5.09
N GLN B 589 -33.01 -24.76 -5.81
CA GLN B 589 -34.00 -23.75 -6.14
C GLN B 589 -35.37 -24.22 -5.68
N ALA B 590 -36.24 -23.25 -5.40
CA ALA B 590 -37.63 -23.52 -5.10
C ALA B 590 -38.51 -22.64 -5.98
N VAL B 591 -39.66 -23.17 -6.35
CA VAL B 591 -40.60 -22.48 -7.23
C VAL B 591 -41.78 -22.00 -6.40
N ILE B 592 -42.10 -20.71 -6.51
CA ILE B 592 -43.24 -20.12 -5.83
C ILE B 592 -44.19 -19.54 -6.88
N ALA B 593 -45.45 -19.93 -6.80
CA ALA B 593 -46.49 -19.49 -7.73
C ALA B 593 -47.44 -18.54 -7.02
N TYR B 594 -47.70 -17.39 -7.64
CA TYR B 594 -48.65 -16.41 -7.15
C TYR B 594 -49.84 -16.33 -8.11
N VAL B 595 -51.04 -16.43 -7.56
CA VAL B 595 -52.26 -16.48 -8.36
C VAL B 595 -53.25 -15.41 -7.88
N GLU B 607 -58.05 -22.64 0.75
CA GLU B 607 -57.26 -23.83 1.05
C GLU B 607 -57.45 -24.90 -0.01
N GLY B 608 -58.71 -25.12 -0.39
CA GLY B 608 -59.01 -26.17 -1.35
C GLY B 608 -58.54 -25.84 -2.77
N LEU B 609 -58.72 -24.58 -3.18
CA LEU B 609 -58.31 -24.19 -4.53
C LEU B 609 -56.80 -24.28 -4.71
N ARG B 610 -56.02 -24.05 -3.65
CA ARG B 610 -54.58 -24.20 -3.73
C ARG B 610 -54.19 -25.65 -4.05
N LYS B 611 -54.80 -26.60 -3.33
CA LYS B 611 -54.58 -28.00 -3.64
C LYS B 611 -55.02 -28.35 -5.06
N GLU B 612 -56.15 -27.79 -5.48
CA GLU B 612 -56.64 -28.07 -6.84
C GLU B 612 -55.64 -27.59 -7.88
N LEU B 613 -55.08 -26.39 -7.68
CA LEU B 613 -54.10 -25.85 -8.63
C LEU B 613 -52.81 -26.66 -8.63
N VAL B 614 -52.33 -27.07 -7.46
CA VAL B 614 -51.13 -27.90 -7.41
C VAL B 614 -51.36 -29.21 -8.17
N LEU B 615 -52.52 -29.85 -7.95
CA LEU B 615 -52.82 -31.09 -8.65
C LEU B 615 -52.94 -30.85 -10.15
N GLN B 616 -53.51 -29.70 -10.54
CA GLN B 616 -53.59 -29.33 -11.95
C GLN B 616 -52.20 -29.30 -12.57
N VAL B 617 -51.25 -28.62 -11.92
CA VAL B 617 -49.89 -28.57 -12.44
C VAL B 617 -49.28 -29.96 -12.49
N ARG B 618 -49.52 -30.79 -11.47
CA ARG B 618 -48.94 -32.13 -11.47
C ARG B 618 -49.44 -32.94 -12.66
N LYS B 619 -50.74 -32.85 -12.96
CA LYS B 619 -51.30 -33.67 -14.02
C LYS B 619 -51.09 -33.09 -15.41
N THR B 620 -50.78 -31.80 -15.51
CA THR B 620 -50.48 -31.17 -16.80
C THR B 620 -49.01 -31.34 -17.18
N ILE B 621 -48.10 -31.04 -16.27
CA ILE B 621 -46.66 -31.07 -16.54
C ILE B 621 -46.01 -32.35 -16.05
N GLY B 622 -46.23 -32.70 -14.78
CA GLY B 622 -45.61 -33.87 -14.20
C GLY B 622 -45.62 -33.82 -12.68
N PRO B 623 -45.40 -34.99 -12.04
CA PRO B 623 -45.52 -35.03 -10.57
C PRO B 623 -44.56 -34.11 -9.84
N PHE B 624 -43.33 -33.98 -10.35
CA PHE B 624 -42.26 -33.21 -9.72
C PHE B 624 -42.24 -31.75 -10.15
N ALA B 625 -43.18 -31.31 -10.99
CA ALA B 625 -43.23 -29.93 -11.45
C ALA B 625 -44.15 -29.06 -10.62
N ALA B 626 -44.70 -29.59 -9.54
CA ALA B 626 -45.60 -28.79 -8.69
C ALA B 626 -44.82 -27.70 -7.97
N PRO B 627 -45.39 -26.50 -7.84
CA PRO B 627 -44.72 -25.46 -7.04
C PRO B 627 -44.58 -25.91 -5.60
N LYS B 628 -43.50 -25.44 -4.96
CA LYS B 628 -43.35 -25.65 -3.52
C LYS B 628 -44.56 -25.10 -2.77
N SER B 629 -45.13 -23.99 -3.26
CA SER B 629 -46.28 -23.37 -2.61
C SER B 629 -47.02 -22.53 -3.64
N VAL B 630 -48.34 -22.51 -3.52
CA VAL B 630 -49.19 -21.65 -4.34
C VAL B 630 -49.81 -20.63 -3.39
N ILE B 631 -49.58 -19.36 -3.69
CA ILE B 631 -50.04 -18.24 -2.86
C ILE B 631 -51.12 -17.52 -3.65
N ILE B 632 -52.32 -17.42 -3.08
CA ILE B 632 -53.44 -16.77 -3.74
C ILE B 632 -53.34 -15.28 -3.46
N VAL B 633 -53.14 -14.49 -4.52
CA VAL B 633 -53.01 -13.05 -4.39
C VAL B 633 -54.01 -12.38 -5.33
N GLN B 634 -54.36 -11.14 -4.99
CA GLN B 634 -55.27 -10.34 -5.77
C GLN B 634 -54.54 -9.30 -6.61
N ASP B 635 -53.22 -9.20 -6.47
CA ASP B 635 -52.41 -8.21 -7.18
C ASP B 635 -51.10 -8.83 -7.63
N LEU B 636 -50.51 -8.23 -8.68
CA LEU B 636 -49.27 -8.70 -9.27
C LEU B 636 -48.56 -7.53 -9.95
N PRO B 637 -47.24 -7.60 -10.10
CA PRO B 637 -46.46 -6.47 -10.66
C PRO B 637 -46.47 -6.41 -12.18
N LYS B 638 -46.53 -5.17 -12.70
CA LYS B 638 -46.40 -4.95 -14.14
C LYS B 638 -46.05 -3.49 -14.46
N THR B 639 -46.79 -2.55 -13.87
CA THR B 639 -46.58 -1.11 -14.07
C THR B 639 -46.20 -0.78 -15.53
N MET B 645 -43.60 -7.86 -14.29
CA MET B 645 -42.35 -7.75 -13.55
C MET B 645 -42.26 -8.80 -12.45
N ARG B 646 -41.70 -9.96 -12.77
CA ARG B 646 -41.59 -11.02 -11.78
C ARG B 646 -40.53 -10.71 -10.72
N ARG B 647 -39.61 -9.79 -11.01
CA ARG B 647 -38.54 -9.45 -10.06
C ARG B 647 -39.10 -9.14 -8.68
N ILE B 648 -40.22 -8.40 -8.62
CA ILE B 648 -40.82 -8.04 -7.35
C ILE B 648 -41.26 -9.30 -6.61
N LEU B 649 -41.84 -10.26 -7.33
CA LEU B 649 -42.26 -11.51 -6.71
C LEU B 649 -41.05 -12.31 -6.20
N ARG B 650 -39.94 -12.30 -6.96
CA ARG B 650 -38.76 -13.01 -6.50
C ARG B 650 -38.27 -12.42 -5.18
N LYS B 651 -38.14 -11.09 -5.12
CA LYS B 651 -37.66 -10.47 -3.88
C LYS B 651 -38.66 -10.66 -2.74
N VAL B 652 -39.96 -10.69 -3.04
CA VAL B 652 -40.95 -10.86 -1.99
C VAL B 652 -40.86 -12.27 -1.40
N SER B 653 -40.75 -13.29 -2.25
CA SER B 653 -40.70 -14.67 -1.78
C SER B 653 -39.46 -14.96 -0.94
N SER B 654 -38.47 -14.06 -0.96
CA SER B 654 -37.25 -14.20 -0.17
C SER B 654 -37.24 -13.29 1.05
N ASN B 655 -38.42 -12.95 1.57
CA ASN B 655 -38.55 -12.14 2.77
C ASN B 655 -37.84 -10.79 2.62
N ASN B 668 -48.89 0.63 -12.21
CA ASN B 668 -49.72 0.23 -11.07
C ASN B 668 -48.89 -0.18 -9.86
N PRO B 669 -48.08 0.75 -9.34
CA PRO B 669 -47.27 0.45 -8.16
C PRO B 669 -48.07 -0.03 -6.95
N GLN B 670 -49.29 0.48 -6.75
CA GLN B 670 -50.10 0.07 -5.61
C GLN B 670 -50.18 -1.45 -5.48
N SER B 671 -50.25 -2.15 -6.62
CA SER B 671 -50.42 -3.60 -6.60
C SER B 671 -49.41 -4.26 -5.68
N VAL B 672 -48.21 -3.69 -5.57
CA VAL B 672 -47.14 -4.33 -4.80
C VAL B 672 -47.67 -4.79 -3.44
N GLU B 673 -48.37 -3.90 -2.73
CA GLU B 673 -48.86 -4.26 -1.40
C GLU B 673 -49.49 -5.64 -1.38
N GLY B 674 -50.46 -5.88 -2.26
CA GLY B 674 -51.16 -7.16 -2.27
C GLY B 674 -50.22 -8.35 -2.31
N ILE B 675 -49.28 -8.35 -3.27
CA ILE B 675 -48.32 -9.44 -3.37
C ILE B 675 -47.77 -9.79 -2.01
N ILE B 676 -47.30 -8.77 -1.29
CA ILE B 676 -46.67 -8.99 0.01
C ILE B 676 -47.70 -9.55 1.00
N SER B 677 -48.87 -8.91 1.08
CA SER B 677 -49.85 -9.29 2.09
C SER B 677 -50.16 -10.78 2.02
N ALA B 678 -50.47 -11.27 0.82
CA ALA B 678 -50.83 -12.67 0.66
C ALA B 678 -49.65 -13.57 0.99
N PHE B 679 -48.43 -13.19 0.59
CA PHE B 679 -47.28 -14.00 0.95
C PHE B 679 -47.15 -14.10 2.46
N GLY B 680 -47.54 -13.04 3.17
CA GLY B 680 -47.53 -13.11 4.63
C GLY B 680 -48.47 -14.17 5.16
N ALA B 681 -49.58 -14.40 4.46
CA ALA B 681 -50.63 -15.34 4.86
C ALA B 681 -50.12 -16.49 5.70
N GLN C 20 25.59 -37.37 44.52
CA GLN C 20 24.39 -38.16 44.20
C GLN C 20 23.16 -37.55 44.84
N THR C 21 23.31 -37.05 46.06
CA THR C 21 22.19 -36.50 46.81
C THR C 21 22.07 -34.99 46.58
N HIS C 22 20.88 -34.48 46.84
CA HIS C 22 20.58 -33.05 46.73
C HIS C 22 20.28 -32.50 48.11
N ASN C 23 20.92 -31.37 48.45
CA ASN C 23 20.62 -30.67 49.69
C ASN C 23 19.53 -29.63 49.53
N VAL C 24 19.38 -29.10 48.32
CA VAL C 24 18.42 -28.03 48.04
C VAL C 24 17.19 -28.60 47.34
N VAL C 25 17.41 -29.26 46.21
CA VAL C 25 16.32 -29.81 45.41
C VAL C 25 15.86 -31.11 46.04
N HIS C 26 15.07 -31.01 47.12
CA HIS C 26 14.62 -32.20 47.82
C HIS C 26 13.75 -33.10 46.93
N GLU C 27 13.06 -32.50 45.96
CA GLU C 27 12.22 -33.28 45.05
C GLU C 27 13.02 -34.26 44.20
N ALA C 28 14.31 -34.01 44.01
CA ALA C 28 15.12 -34.80 43.09
C ALA C 28 15.74 -36.03 43.73
N ASN C 29 15.65 -36.19 45.05
CA ASN C 29 16.30 -37.30 45.72
C ASN C 29 15.58 -38.61 45.44
N GLY C 30 16.33 -39.62 45.03
CA GLY C 30 15.79 -40.95 44.82
C GLY C 30 14.74 -41.04 43.74
N VAL C 31 14.94 -40.35 42.62
CA VAL C 31 13.98 -40.34 41.52
C VAL C 31 14.63 -41.03 40.32
N LYS C 32 14.10 -42.19 39.94
CA LYS C 32 14.61 -42.93 38.80
C LYS C 32 14.16 -42.29 37.49
N LEU C 33 15.09 -42.13 36.56
CA LEU C 33 14.75 -41.66 35.22
C LEU C 33 13.78 -42.63 34.56
N ARG C 34 12.92 -42.09 33.70
CA ARG C 34 11.84 -42.83 33.06
C ARG C 34 12.02 -42.72 31.55
N GLU C 35 12.70 -43.70 30.97
CA GLU C 35 12.89 -43.71 29.52
C GLU C 35 11.54 -43.86 28.82
N THR C 36 11.47 -43.36 27.59
CA THR C 36 10.22 -43.47 26.85
C THR C 36 9.98 -44.93 26.48
N PRO C 37 8.73 -45.41 26.56
CA PRO C 37 8.46 -46.83 26.28
C PRO C 37 8.70 -47.19 24.81
N LYS C 38 8.97 -48.49 24.61
CA LYS C 38 9.20 -49.03 23.27
C LYS C 38 8.01 -48.81 22.35
N GLU C 39 6.79 -48.86 22.90
CA GLU C 39 5.60 -48.73 22.08
C GLU C 39 5.49 -47.34 21.46
N PHE C 40 6.07 -46.33 22.11
CA PHE C 40 6.13 -45.01 21.49
C PHE C 40 6.80 -45.09 20.12
N PHE C 41 7.97 -45.75 20.06
CA PHE C 41 8.68 -45.84 18.80
C PHE C 41 8.01 -46.81 17.84
N GLU C 42 7.26 -47.79 18.36
CA GLU C 42 6.49 -48.66 17.47
C GLU C 42 5.38 -47.88 16.76
N ARG C 43 4.66 -47.01 17.50
CA ARG C 43 3.54 -46.27 16.92
C ARG C 43 3.99 -45.03 16.14
N GLN C 44 5.27 -44.70 16.18
CA GLN C 44 5.77 -43.52 15.50
C GLN C 44 5.76 -43.76 13.98
N PRO C 45 5.16 -42.87 13.19
CA PRO C 45 5.03 -43.15 11.75
C PRO C 45 6.32 -42.99 10.97
N ASN C 46 7.29 -42.21 11.47
CA ASN C 46 8.52 -41.95 10.74
C ASN C 46 9.68 -41.88 11.73
N LYS C 47 10.88 -41.79 11.18
CA LYS C 47 12.06 -41.59 12.02
C LYS C 47 11.91 -40.30 12.81
N GLY C 48 12.21 -40.38 14.11
CA GLY C 48 12.09 -39.21 14.96
C GLY C 48 12.88 -38.02 14.45
N HIS C 49 12.52 -36.84 14.95
CA HIS C 49 13.16 -35.61 14.50
C HIS C 49 14.51 -35.38 15.19
N ILE C 50 14.71 -35.97 16.37
CA ILE C 50 15.99 -35.93 17.05
C ILE C 50 16.28 -37.32 17.59
N HIS C 51 17.54 -37.75 17.49
CA HIS C 51 17.85 -39.14 17.81
C HIS C 51 17.91 -39.39 19.31
N ASP C 52 18.69 -38.60 20.05
CA ASP C 52 18.85 -38.83 21.48
C ASP C 52 19.13 -37.50 22.18
N VAL C 53 19.37 -37.58 23.49
CA VAL C 53 19.55 -36.37 24.28
C VAL C 53 20.83 -35.65 23.91
N ASN C 54 21.85 -36.37 23.44
CA ASN C 54 23.09 -35.71 23.07
C ASN C 54 22.89 -34.81 21.85
N GLN C 55 22.18 -35.31 20.83
CA GLN C 55 21.88 -34.46 19.68
C GLN C 55 21.01 -33.28 20.10
N TYR C 56 20.05 -33.51 21.00
CA TYR C 56 19.25 -32.40 21.47
C TYR C 56 20.13 -31.33 22.12
N LYS C 57 21.11 -31.74 22.92
CA LYS C 57 21.93 -30.74 23.61
C LYS C 57 22.87 -30.03 22.64
N GLN C 58 23.35 -30.72 21.60
CA GLN C 58 24.10 -30.03 20.56
C GLN C 58 23.24 -28.94 19.90
N MET C 59 22.04 -29.32 19.46
CA MET C 59 21.15 -28.35 18.82
C MET C 59 20.80 -27.22 19.77
N TYR C 60 20.58 -27.53 21.04
CA TYR C 60 20.20 -26.52 22.01
C TYR C 60 21.32 -25.53 22.25
N GLU C 61 22.54 -26.03 22.45
CA GLU C 61 23.67 -25.12 22.62
C GLU C 61 23.85 -24.24 21.40
N GLN C 62 23.65 -24.79 20.20
CA GLN C 62 23.73 -23.94 19.02
C GLN C 62 22.63 -22.87 19.05
N SER C 63 21.42 -23.24 19.48
CA SER C 63 20.33 -22.27 19.56
C SER C 63 20.58 -21.18 20.59
N ILE C 64 21.43 -21.44 21.57
CA ILE C 64 21.78 -20.43 22.58
C ILE C 64 22.96 -19.57 22.12
N LYS C 65 24.01 -20.20 21.58
CA LYS C 65 25.23 -19.48 21.23
C LYS C 65 25.16 -18.83 19.86
N ASP C 66 24.38 -19.39 18.95
CA ASP C 66 24.29 -18.90 17.56
C ASP C 66 22.82 -18.94 17.13
N PRO C 67 21.99 -18.07 17.71
CA PRO C 67 20.57 -18.04 17.31
C PRO C 67 20.38 -17.75 15.84
N GLN C 68 21.26 -16.93 15.25
CA GLN C 68 21.13 -16.62 13.84
CA GLN C 68 21.13 -16.61 13.83
C GLN C 68 21.17 -17.88 12.99
N GLY C 69 22.28 -18.61 13.06
CA GLY C 69 22.49 -19.80 12.25
C GLY C 69 21.61 -20.98 12.63
N PHE C 70 20.98 -20.95 13.80
CA PHE C 70 20.06 -22.01 14.19
C PHE C 70 18.64 -21.72 13.72
N PHE C 71 18.14 -20.51 13.98
CA PHE C 71 16.75 -20.18 13.73
C PHE C 71 16.47 -19.69 12.32
N GLY C 72 17.44 -19.12 11.61
CA GLY C 72 17.21 -18.70 10.25
C GLY C 72 16.76 -19.85 9.36
N PRO C 73 17.60 -20.90 9.28
CA PRO C 73 17.23 -22.07 8.48
C PRO C 73 15.89 -22.67 8.89
N LEU C 74 15.60 -22.73 10.19
CA LEU C 74 14.33 -23.29 10.64
C LEU C 74 13.16 -22.40 10.24
N ALA C 75 13.35 -21.08 10.31
CA ALA C 75 12.30 -20.17 9.87
C ALA C 75 12.02 -20.36 8.39
N LYS C 76 13.06 -20.59 7.58
CA LYS C 76 12.83 -20.82 6.16
C LYS C 76 12.21 -22.18 5.92
N GLU C 77 12.52 -23.17 6.76
CA GLU C 77 12.00 -24.52 6.55
C GLU C 77 10.52 -24.60 6.91
N LEU C 78 10.13 -24.02 8.04
CA LEU C 78 8.81 -24.28 8.62
C LEU C 78 7.75 -23.27 8.22
N LEU C 79 8.14 -22.09 7.75
CA LEU C 79 7.19 -21.06 7.37
C LEU C 79 7.37 -20.68 5.91
N SER C 80 6.27 -20.30 5.28
CA SER C 80 6.26 -19.80 3.91
C SER C 80 6.23 -18.28 3.95
N TRP C 81 7.20 -17.65 3.27
CA TRP C 81 7.40 -16.22 3.32
C TRP C 81 6.94 -15.56 2.03
N ASP C 82 6.30 -14.38 2.15
CA ASP C 82 5.98 -13.53 1.02
C ASP C 82 7.11 -12.57 0.69
N HIS C 83 7.97 -12.26 1.67
CA HIS C 83 9.16 -11.45 1.47
C HIS C 83 10.21 -11.99 2.43
N ASP C 84 11.42 -12.21 1.95
CA ASP C 84 12.46 -12.75 2.81
C ASP C 84 12.82 -11.78 3.92
N PHE C 85 13.32 -12.31 5.03
CA PHE C 85 13.86 -11.47 6.08
C PHE C 85 15.35 -11.25 5.87
N HIS C 86 15.86 -10.14 6.43
CA HIS C 86 17.27 -9.79 6.29
C HIS C 86 18.07 -9.91 7.59
N THR C 87 17.42 -10.00 8.75
CA THR C 87 18.10 -10.08 10.04
C THR C 87 17.32 -11.03 10.95
N VAL C 88 17.99 -12.08 11.43
CA VAL C 88 17.28 -13.08 12.23
C VAL C 88 16.83 -12.49 13.57
N LYS C 89 17.68 -11.68 14.20
CA LYS C 89 17.48 -11.33 15.61
C LYS C 89 18.03 -9.93 15.89
N SER C 90 17.27 -9.15 16.64
CA SER C 90 17.66 -7.81 17.04
C SER C 90 17.09 -7.50 18.42
N GLY C 91 17.68 -6.51 19.09
CA GLY C 91 17.17 -6.01 20.36
C GLY C 91 17.72 -6.77 21.56
N THR C 92 17.41 -6.25 22.75
CA THR C 92 17.79 -6.86 24.01
C THR C 92 16.62 -6.82 24.98
N LEU C 93 16.69 -7.70 25.99
CA LEU C 93 15.67 -7.70 27.05
C LEU C 93 15.68 -6.38 27.82
N LYS C 94 16.87 -5.87 28.15
CA LYS C 94 16.97 -4.66 28.96
C LYS C 94 16.32 -3.46 28.28
N ASN C 95 16.30 -3.43 26.95
CA ASN C 95 15.69 -2.33 26.21
C ASN C 95 14.31 -2.66 25.66
N GLY C 96 13.81 -3.87 25.92
CA GLY C 96 12.44 -4.22 25.50
C GLY C 96 12.16 -3.96 24.04
N ASP C 97 13.13 -4.23 23.16
CA ASP C 97 13.02 -3.96 21.74
C ASP C 97 13.32 -5.21 20.92
N ALA C 98 12.89 -6.36 21.42
CA ALA C 98 13.18 -7.61 20.76
C ALA C 98 12.45 -7.70 19.43
N ALA C 99 13.11 -8.33 18.46
CA ALA C 99 12.55 -8.49 17.13
C ALA C 99 13.22 -9.66 16.43
N TRP C 100 12.45 -10.37 15.60
CA TRP C 100 12.96 -11.53 14.90
C TRP C 100 12.51 -11.50 13.44
N PHE C 101 13.40 -11.93 12.55
CA PHE C 101 13.09 -12.04 11.12
C PHE C 101 12.66 -10.69 10.57
N LEU C 102 13.51 -9.69 10.81
CA LEU C 102 13.19 -8.33 10.43
C LEU C 102 13.20 -8.19 8.91
N GLY C 103 12.26 -7.41 8.39
CA GLY C 103 12.08 -7.26 6.97
C GLY C 103 11.24 -8.32 6.32
N GLY C 104 11.04 -9.47 6.98
CA GLY C 104 10.21 -10.51 6.40
C GLY C 104 8.74 -10.13 6.38
N GLU C 105 8.02 -10.75 5.44
CA GLU C 105 6.57 -10.64 5.35
C GLU C 105 5.96 -12.01 5.14
N LEU C 106 4.77 -12.21 5.72
CA LEU C 106 4.08 -13.49 5.64
C LEU C 106 2.63 -13.26 6.04
N ASN C 107 1.84 -14.33 6.00
CA ASN C 107 0.47 -14.27 6.49
C ASN C 107 0.16 -15.54 7.28
N ALA C 108 -0.41 -15.37 8.47
CA ALA C 108 -0.64 -16.51 9.34
C ALA C 108 -1.68 -17.47 8.75
N SER C 109 -2.74 -16.93 8.13
CA SER C 109 -3.74 -17.83 7.58
C SER C 109 -3.23 -18.55 6.33
N TYR C 110 -2.34 -17.92 5.55
CA TYR C 110 -1.73 -18.64 4.44
C TYR C 110 -0.96 -19.85 4.93
N ASN C 111 -0.19 -19.68 6.02
CA ASN C 111 0.63 -20.76 6.54
C ASN C 111 -0.18 -21.82 7.28
N CYS C 112 -1.33 -21.44 7.85
CA CYS C 112 -2.16 -22.40 8.55
C CYS C 112 -3.19 -23.08 7.64
N VAL C 113 -3.51 -22.49 6.49
CA VAL C 113 -4.60 -23.00 5.66
C VAL C 113 -4.18 -23.15 4.20
N ASP C 114 -3.94 -22.02 3.52
CA ASP C 114 -3.81 -22.02 2.07
C ASP C 114 -2.85 -23.10 1.58
N ARG C 115 -1.63 -23.13 2.12
CA ARG C 115 -0.59 -23.99 1.54
C ARG C 115 -0.94 -25.47 1.71
N HIS C 116 -1.55 -25.83 2.83
CA HIS C 116 -1.99 -27.21 3.01
C HIS C 116 -3.18 -27.52 2.11
N ALA C 117 -4.08 -26.54 1.93
CA ALA C 117 -5.23 -26.73 1.06
C ALA C 117 -4.80 -27.02 -0.38
N PHE C 118 -3.81 -26.27 -0.88
CA PHE C 118 -3.27 -26.54 -2.20
C PHE C 118 -2.59 -27.90 -2.23
N ALA C 119 -1.84 -28.25 -1.19
CA ALA C 119 -1.15 -29.54 -1.18
C ALA C 119 -2.15 -30.70 -1.15
N ASN C 120 -3.08 -30.68 -0.19
CA ASN C 120 -4.02 -31.79 0.02
C ASN C 120 -5.33 -31.24 0.57
N PRO C 121 -6.22 -30.76 -0.32
CA PRO C 121 -7.43 -30.08 0.17
C PRO C 121 -8.38 -30.98 0.93
N ASP C 122 -8.35 -32.29 0.72
CA ASP C 122 -9.26 -33.20 1.41
C ASP C 122 -8.69 -33.74 2.70
N LYS C 123 -7.50 -33.32 3.10
CA LYS C 123 -6.96 -33.72 4.40
C LYS C 123 -7.75 -33.02 5.51
N PRO C 124 -8.17 -33.73 6.56
CA PRO C 124 -8.89 -33.07 7.65
C PRO C 124 -8.04 -31.97 8.28
N ALA C 125 -8.72 -30.90 8.69
CA ALA C 125 -8.08 -29.79 9.40
C ALA C 125 -8.69 -29.60 10.80
N LEU C 126 -9.98 -29.34 10.89
CA LEU C 126 -10.66 -29.16 12.18
C LEU C 126 -11.60 -30.33 12.39
N ILE C 127 -11.22 -31.25 13.28
CA ILE C 127 -12.10 -32.33 13.72
C ILE C 127 -12.92 -31.75 14.87
N CYS C 128 -14.14 -31.33 14.57
CA CYS C 128 -14.97 -30.62 15.53
C CYS C 128 -15.88 -31.60 16.26
N GLU C 129 -15.74 -31.66 17.58
CA GLU C 129 -16.64 -32.43 18.44
C GLU C 129 -17.49 -31.44 19.23
N ALA C 130 -18.79 -31.46 18.97
CA ALA C 130 -19.71 -30.52 19.60
C ALA C 130 -20.07 -30.99 21.01
N ASP C 131 -20.66 -30.07 21.78
CA ASP C 131 -21.11 -30.41 23.12
C ASP C 131 -21.94 -31.69 23.11
N ASP C 132 -22.81 -31.84 22.12
CA ASP C 132 -23.50 -33.09 21.84
C ASP C 132 -22.94 -33.68 20.55
N GLU C 133 -22.63 -34.98 20.58
CA GLU C 133 -21.88 -35.58 19.48
C GLU C 133 -22.65 -35.57 18.17
N LYS C 134 -23.98 -35.46 18.21
CA LYS C 134 -24.74 -35.46 16.97
C LYS C 134 -24.39 -34.26 16.08
N ASP C 135 -23.92 -33.16 16.69
CA ASP C 135 -23.60 -31.95 15.95
C ASP C 135 -22.13 -31.89 15.51
N SER C 136 -21.36 -32.95 15.75
CA SER C 136 -19.96 -32.95 15.39
C SER C 136 -19.79 -33.04 13.88
N HIS C 137 -18.68 -32.50 13.38
CA HIS C 137 -18.41 -32.48 11.95
C HIS C 137 -16.90 -32.32 11.73
N ILE C 138 -16.50 -32.41 10.47
CA ILE C 138 -15.08 -32.33 10.10
C ILE C 138 -14.94 -31.41 8.89
N LEU C 139 -14.09 -30.40 9.02
CA LEU C 139 -13.69 -29.52 7.93
C LEU C 139 -12.36 -29.97 7.37
N THR C 140 -12.28 -30.11 6.05
CA THR C 140 -10.98 -30.32 5.43
C THR C 140 -10.26 -28.98 5.30
N TYR C 141 -8.98 -29.05 4.94
CA TYR C 141 -8.24 -27.82 4.68
C TYR C 141 -8.86 -27.02 3.53
N GLY C 142 -9.40 -27.70 2.51
CA GLY C 142 -10.12 -26.99 1.46
C GLY C 142 -11.38 -26.32 2.00
N ASP C 143 -12.17 -27.06 2.78
CA ASP C 143 -13.29 -26.47 3.49
C ASP C 143 -12.87 -25.25 4.28
N LEU C 144 -11.80 -25.40 5.08
CA LEU C 144 -11.36 -24.32 5.95
C LEU C 144 -10.98 -23.09 5.13
N LEU C 145 -10.29 -23.29 4.00
CA LEU C 145 -9.94 -22.16 3.15
C LEU C 145 -11.18 -21.43 2.68
N ARG C 146 -12.19 -22.18 2.22
CA ARG C 146 -13.41 -21.52 1.74
C ARG C 146 -14.10 -20.73 2.87
N GLU C 147 -14.22 -21.32 4.06
CA GLU C 147 -14.95 -20.64 5.13
C GLU C 147 -14.19 -19.43 5.67
N VAL C 148 -12.87 -19.58 5.85
CA VAL C 148 -12.05 -18.43 6.24
C VAL C 148 -12.14 -17.34 5.19
N SER C 149 -12.09 -17.69 3.91
CA SER C 149 -12.18 -16.68 2.86
C SER C 149 -13.50 -15.93 2.91
N LYS C 150 -14.61 -16.66 3.09
CA LYS C 150 -15.92 -16.00 3.14
C LYS C 150 -16.03 -15.05 4.34
N VAL C 151 -15.59 -15.51 5.52
CA VAL C 151 -15.69 -14.66 6.71
C VAL C 151 -14.75 -13.45 6.58
N ALA C 152 -13.55 -13.66 6.03
CA ALA C 152 -12.65 -12.54 5.80
C ALA C 152 -13.22 -11.58 4.77
N GLY C 153 -13.98 -12.09 3.80
CA GLY C 153 -14.60 -11.21 2.83
C GLY C 153 -15.69 -10.37 3.46
N VAL C 154 -16.45 -10.96 4.39
CA VAL C 154 -17.40 -10.18 5.18
C VAL C 154 -16.66 -9.07 5.93
N LEU C 155 -15.60 -9.43 6.66
CA LEU C 155 -14.88 -8.44 7.45
C LEU C 155 -14.26 -7.35 6.57
N GLN C 156 -13.75 -7.73 5.41
CA GLN C 156 -13.16 -6.75 4.50
C GLN C 156 -14.22 -5.79 3.98
N SER C 157 -15.41 -6.30 3.63
CA SER C 157 -16.46 -5.39 3.18
C SER C 157 -16.85 -4.40 4.27
N TRP C 158 -16.64 -4.75 5.54
CA TRP C 158 -16.95 -3.86 6.65
C TRP C 158 -15.87 -2.83 6.92
N GLY C 159 -14.73 -2.90 6.22
CA GLY C 159 -13.66 -1.95 6.43
C GLY C 159 -12.53 -2.41 7.33
N ILE C 160 -12.54 -3.67 7.77
CA ILE C 160 -11.43 -4.17 8.58
C ILE C 160 -10.19 -4.30 7.72
N LYS C 161 -9.06 -3.78 8.23
CA LYS C 161 -7.82 -3.74 7.48
C LYS C 161 -6.66 -3.95 8.45
N LYS C 162 -5.46 -4.12 7.87
CA LYS C 162 -4.26 -4.23 8.67
C LYS C 162 -4.19 -3.10 9.68
N GLY C 163 -3.84 -3.44 10.92
CA GLY C 163 -3.75 -2.47 12.00
C GLY C 163 -4.97 -2.39 12.89
N ASP C 164 -6.09 -2.97 12.47
CA ASP C 164 -7.28 -3.02 13.30
C ASP C 164 -7.23 -4.23 14.25
N THR C 165 -8.06 -4.16 15.28
CA THR C 165 -8.30 -5.29 16.15
C THR C 165 -9.75 -5.72 16.04
N VAL C 166 -10.00 -7.02 16.13
CA VAL C 166 -11.33 -7.58 16.06
C VAL C 166 -11.50 -8.54 17.24
N ALA C 167 -12.55 -8.34 18.01
CA ALA C 167 -12.81 -9.16 19.19
C ALA C 167 -13.57 -10.42 18.81
N VAL C 168 -13.29 -11.50 19.53
CA VAL C 168 -13.97 -12.77 19.35
C VAL C 168 -14.51 -13.19 20.71
N TYR C 169 -15.78 -13.60 20.74
CA TYR C 169 -16.43 -14.09 21.95
C TYR C 169 -17.23 -15.32 21.51
N LEU C 170 -16.55 -16.46 21.46
CA LEU C 170 -17.10 -17.69 20.90
C LEU C 170 -16.65 -18.87 21.74
N PRO C 171 -17.45 -19.95 21.77
CA PRO C 171 -16.99 -21.17 22.45
C PRO C 171 -15.93 -21.92 21.63
N MET C 172 -15.47 -23.04 22.17
CA MET C 172 -14.41 -23.83 21.55
C MET C 172 -15.02 -24.65 20.41
N ASN C 173 -15.15 -24.04 19.24
CA ASN C 173 -15.68 -24.75 18.09
C ASN C 173 -15.16 -24.12 16.80
N ALA C 174 -15.62 -24.69 15.68
CA ALA C 174 -15.09 -24.31 14.38
C ALA C 174 -15.16 -22.81 14.15
N GLN C 175 -16.21 -22.16 14.66
CA GLN C 175 -16.40 -20.75 14.38
C GLN C 175 -15.29 -19.90 15.02
N ALA C 176 -14.83 -20.29 16.20
CA ALA C 176 -13.75 -19.54 16.84
C ALA C 176 -12.47 -19.61 16.03
N ILE C 177 -12.09 -20.82 15.60
CA ILE C 177 -10.90 -21.01 14.76
C ILE C 177 -11.05 -20.22 13.46
N ILE C 178 -12.22 -20.32 12.82
CA ILE C 178 -12.43 -19.64 11.55
C ILE C 178 -12.34 -18.14 11.73
N ALA C 179 -12.90 -17.62 12.83
CA ALA C 179 -12.86 -16.18 13.07
C ALA C 179 -11.44 -15.70 13.28
N MET C 180 -10.66 -16.41 14.10
CA MET C 180 -9.27 -16.01 14.32
C MET C 180 -8.51 -16.00 13.00
N LEU C 181 -8.62 -17.07 12.22
CA LEU C 181 -7.90 -17.15 10.96
C LEU C 181 -8.38 -16.10 9.96
N ALA C 182 -9.68 -15.79 9.94
CA ALA C 182 -10.19 -14.79 9.01
C ALA C 182 -9.72 -13.39 9.37
N ILE C 183 -9.66 -13.07 10.66
CA ILE C 183 -9.11 -11.79 11.09
C ILE C 183 -7.65 -11.68 10.67
N ALA C 184 -6.87 -12.73 10.95
CA ALA C 184 -5.46 -12.72 10.56
C ALA C 184 -5.27 -12.66 9.05
N ARG C 185 -6.22 -13.19 8.28
CA ARG C 185 -6.09 -13.17 6.82
C ARG C 185 -6.00 -11.75 6.29
N LEU C 186 -6.63 -10.80 6.98
CA LEU C 186 -6.60 -9.40 6.58
C LEU C 186 -5.44 -8.63 7.17
N GLY C 187 -4.65 -9.24 8.06
CA GLY C 187 -3.62 -8.51 8.76
C GLY C 187 -4.12 -7.72 9.96
N ALA C 188 -5.36 -7.94 10.36
CA ALA C 188 -5.86 -7.40 11.61
C ALA C 188 -5.46 -8.34 12.75
N ALA C 189 -5.57 -7.84 13.99
CA ALA C 189 -5.17 -8.62 15.16
C ALA C 189 -6.43 -9.07 15.91
N HIS C 190 -6.61 -10.37 16.06
CA HIS C 190 -7.75 -10.86 16.81
C HIS C 190 -7.47 -10.78 18.31
N SER C 191 -8.53 -10.50 19.06
CA SER C 191 -8.49 -10.47 20.52
C SER C 191 -9.58 -11.41 21.02
N VAL C 192 -9.18 -12.64 21.37
CA VAL C 192 -10.15 -13.66 21.76
C VAL C 192 -10.51 -13.45 23.22
N ILE C 193 -11.81 -13.43 23.51
CA ILE C 193 -12.33 -13.26 24.86
C ILE C 193 -13.04 -14.55 25.24
N PHE C 194 -12.48 -15.26 26.22
CA PHE C 194 -13.03 -16.52 26.69
C PHE C 194 -14.54 -16.43 26.88
N ALA C 195 -15.26 -17.42 26.33
CA ALA C 195 -16.72 -17.37 26.29
C ALA C 195 -17.36 -17.36 27.67
N GLY C 196 -16.61 -17.57 28.73
CA GLY C 196 -17.15 -17.52 30.07
C GLY C 196 -17.05 -16.19 30.76
N PHE C 197 -16.51 -15.16 30.10
CA PHE C 197 -16.31 -13.88 30.75
C PHE C 197 -17.63 -13.14 30.93
N SER C 198 -17.67 -12.30 31.96
CA SER C 198 -18.83 -11.46 32.24
C SER C 198 -18.89 -10.29 31.25
N ALA C 199 -20.01 -9.58 31.29
CA ALA C 199 -20.19 -8.43 30.40
C ALA C 199 -19.15 -7.36 30.69
N GLY C 200 -18.78 -7.17 31.95
CA GLY C 200 -17.79 -6.15 32.29
C GLY C 200 -16.40 -6.50 31.82
N SER C 201 -16.03 -7.78 31.92
CA SER C 201 -14.75 -8.23 31.38
C SER C 201 -14.70 -8.00 29.87
N ILE C 202 -15.77 -8.37 29.16
CA ILE C 202 -15.87 -8.12 27.73
C ILE C 202 -15.67 -6.63 27.46
N LYS C 203 -16.37 -5.78 28.21
CA LYS C 203 -16.28 -4.34 28.01
C LYS C 203 -14.85 -3.85 28.20
N ASP C 204 -14.20 -4.24 29.30
CA ASP C 204 -12.83 -3.79 29.56
C ASP C 204 -11.90 -4.16 28.41
N ARG C 205 -11.97 -5.41 27.94
CA ARG C 205 -11.04 -5.84 26.91
C ARG C 205 -11.32 -5.14 25.58
N VAL C 206 -12.60 -5.12 25.18
CA VAL C 206 -12.97 -4.45 23.93
C VAL C 206 -12.49 -3.00 23.94
N ASN C 207 -12.71 -2.29 25.05
CA ASN C 207 -12.37 -0.87 25.07
C ASN C 207 -10.86 -0.66 25.10
N ASP C 208 -10.12 -1.50 25.83
CA ASP C 208 -8.66 -1.32 25.82
C ASP C 208 -8.09 -1.56 24.42
N ALA C 209 -8.66 -2.50 23.68
CA ALA C 209 -8.17 -2.79 22.33
C ALA C 209 -8.79 -1.90 21.26
N SER C 210 -9.85 -1.14 21.58
CA SER C 210 -10.58 -0.33 20.61
C SER C 210 -10.96 -1.15 19.38
N CYS C 211 -11.58 -2.30 19.62
CA CYS C 211 -11.99 -3.17 18.54
C CYS C 211 -13.06 -2.49 17.68
N LYS C 212 -12.91 -2.60 16.35
CA LYS C 212 -13.89 -2.07 15.41
C LYS C 212 -15.03 -3.06 15.13
N ALA C 213 -14.86 -4.33 15.49
CA ALA C 213 -15.85 -5.34 15.17
C ALA C 213 -15.73 -6.48 16.16
N LEU C 214 -16.82 -7.21 16.32
CA LEU C 214 -16.92 -8.35 17.23
C LEU C 214 -17.56 -9.53 16.51
N ILE C 215 -17.08 -10.73 16.82
CA ILE C 215 -17.63 -11.97 16.25
C ILE C 215 -18.06 -12.86 17.41
N THR C 216 -19.34 -13.20 17.45
CA THR C 216 -19.89 -14.02 18.53
C THR C 216 -21.00 -14.90 17.95
N CYS C 217 -21.78 -15.51 18.85
CA CYS C 217 -22.90 -16.35 18.46
C CYS C 217 -24.09 -16.02 19.35
N ASP C 218 -25.24 -16.62 19.03
CA ASP C 218 -26.46 -16.29 19.76
C ASP C 218 -26.47 -16.93 21.15
N GLU C 219 -26.15 -18.23 21.21
CA GLU C 219 -26.14 -18.95 22.47
C GLU C 219 -25.09 -20.06 22.37
N GLY C 220 -24.71 -20.60 23.54
CA GLY C 220 -23.74 -21.68 23.57
C GLY C 220 -24.28 -22.94 24.20
N LYS C 221 -23.65 -24.08 23.91
CA LYS C 221 -23.97 -25.36 24.55
C LYS C 221 -22.73 -25.86 25.30
N ARG C 222 -22.86 -26.04 26.61
CA ARG C 222 -21.76 -26.53 27.44
C ARG C 222 -22.31 -27.56 28.41
N GLY C 223 -21.81 -28.79 28.31
CA GLY C 223 -22.28 -29.85 29.18
C GLY C 223 -23.77 -30.08 29.14
N GLY C 224 -24.41 -29.78 28.02
CA GLY C 224 -25.84 -29.90 27.88
C GLY C 224 -26.60 -28.63 28.21
N ARG C 225 -26.01 -27.70 28.95
CA ARG C 225 -26.68 -26.47 29.34
C ARG C 225 -26.50 -25.40 28.28
N THR C 226 -27.47 -24.49 28.23
CA THR C 226 -27.47 -23.38 27.28
C THR C 226 -26.95 -22.14 27.99
N THR C 227 -25.97 -21.49 27.37
CA THR C 227 -25.30 -20.34 27.94
C THR C 227 -25.66 -19.09 27.14
N ASN C 228 -25.99 -18.01 27.86
CA ASN C 228 -26.32 -16.74 27.23
C ASN C 228 -25.02 -16.10 26.77
N ILE C 229 -24.83 -16.00 25.46
CA ILE C 229 -23.62 -15.43 24.88
C ILE C 229 -23.88 -14.06 24.29
N LYS C 230 -24.79 -13.98 23.31
CA LYS C 230 -25.12 -12.68 22.73
C LYS C 230 -25.65 -11.72 23.79
N LYS C 231 -26.39 -12.24 24.78
CA LYS C 231 -26.94 -11.37 25.82
C LYS C 231 -25.83 -10.61 26.54
N LEU C 232 -24.75 -11.32 26.92
CA LEU C 232 -23.63 -10.67 27.59
C LEU C 232 -22.92 -9.69 26.66
N CYS C 233 -22.78 -10.05 25.38
CA CYS C 233 -22.20 -9.12 24.42
C CYS C 233 -23.00 -7.83 24.38
N ASP C 234 -24.32 -7.94 24.20
CA ASP C 234 -25.17 -6.75 24.14
C ASP C 234 -25.02 -5.92 25.40
N GLU C 235 -24.98 -6.57 26.57
CA GLU C 235 -24.79 -5.82 27.80
C GLU C 235 -23.48 -5.04 27.76
N ALA C 236 -22.40 -5.67 27.28
CA ALA C 236 -21.12 -4.98 27.25
C ALA C 236 -21.10 -3.84 26.24
N LEU C 237 -21.71 -4.05 25.07
CA LEU C 237 -21.54 -3.13 23.94
C LEU C 237 -22.20 -1.78 24.16
N VAL C 238 -23.07 -1.65 25.17
CA VAL C 238 -23.60 -0.33 25.50
C VAL C 238 -22.50 0.63 25.91
N ASP C 239 -21.30 0.12 26.24
CA ASP C 239 -20.17 0.93 26.65
C ASP C 239 -18.95 0.72 25.77
N CYS C 240 -19.14 0.18 24.56
CA CYS C 240 -18.06 -0.07 23.61
C CYS C 240 -18.35 0.69 22.33
N PRO C 241 -18.10 2.00 22.31
CA PRO C 241 -18.46 2.80 21.12
C PRO C 241 -17.65 2.45 19.87
N THR C 242 -16.48 1.83 19.98
CA THR C 242 -15.67 1.58 18.79
C THR C 242 -16.18 0.42 17.96
N VAL C 243 -17.08 -0.41 18.49
CA VAL C 243 -17.57 -1.59 17.79
C VAL C 243 -18.62 -1.16 16.77
N GLU C 244 -18.26 -1.22 15.49
CA GLU C 244 -19.19 -0.80 14.45
C GLU C 244 -20.15 -1.92 14.07
N LYS C 245 -19.68 -3.15 14.01
CA LYS C 245 -20.48 -4.26 13.52
C LYS C 245 -20.17 -5.52 14.29
N VAL C 246 -21.18 -6.37 14.44
CA VAL C 246 -21.10 -7.65 15.13
C VAL C 246 -21.56 -8.73 14.18
N LEU C 247 -20.78 -9.80 14.07
CA LEU C 247 -21.17 -10.98 13.31
C LEU C 247 -21.60 -12.06 14.29
N VAL C 248 -22.80 -12.61 14.07
CA VAL C 248 -23.48 -13.46 15.04
C VAL C 248 -23.75 -14.81 14.38
N TYR C 249 -23.09 -15.85 14.87
CA TYR C 249 -23.36 -17.19 14.39
C TYR C 249 -24.61 -17.77 15.04
N LYS C 250 -25.34 -18.59 14.27
CA LYS C 250 -26.54 -19.25 14.77
C LYS C 250 -26.17 -20.63 15.31
N ARG C 251 -25.68 -20.64 16.55
CA ARG C 251 -25.29 -21.89 17.19
C ARG C 251 -26.50 -22.67 17.68
N THR C 252 -27.51 -21.97 18.23
CA THR C 252 -28.77 -22.61 18.59
C THR C 252 -29.93 -22.22 17.70
N ASN C 253 -29.82 -21.10 16.98
CA ASN C 253 -30.88 -20.61 16.11
C ASN C 253 -32.13 -20.20 16.90
N ASN C 254 -31.94 -19.79 18.15
CA ASN C 254 -33.07 -19.36 18.98
C ASN C 254 -33.67 -18.08 18.41
N PRO C 255 -34.95 -18.07 18.02
CA PRO C 255 -35.51 -16.86 17.37
C PRO C 255 -35.69 -15.68 18.30
N GLU C 256 -35.79 -15.90 19.62
CA GLU C 256 -36.02 -14.81 20.56
C GLU C 256 -34.74 -14.03 20.91
N ILE C 257 -33.65 -14.26 20.18
CA ILE C 257 -32.39 -13.56 20.44
C ILE C 257 -32.33 -12.31 19.56
N HIS C 258 -32.25 -11.15 20.20
CA HIS C 258 -32.34 -9.88 19.50
C HIS C 258 -31.02 -9.52 18.83
N LEU C 259 -31.11 -9.10 17.56
CA LEU C 259 -30.01 -8.45 16.85
C LEU C 259 -30.34 -6.97 16.70
N THR C 260 -29.40 -6.11 17.05
CA THR C 260 -29.62 -4.67 16.98
C THR C 260 -29.52 -4.21 15.53
N GLU C 261 -30.58 -3.57 15.03
CA GLU C 261 -30.62 -3.10 13.65
C GLU C 261 -29.43 -2.19 13.35
N GLY C 262 -28.78 -2.45 12.23
CA GLY C 262 -27.67 -1.63 11.80
C GLY C 262 -26.33 -1.93 12.44
N ARG C 263 -26.28 -2.89 13.35
CA ARG C 263 -25.02 -3.27 13.98
C ARG C 263 -24.76 -4.75 13.89
N ASP C 264 -25.76 -5.59 14.12
CA ASP C 264 -25.58 -7.03 14.22
C ASP C 264 -26.07 -7.71 12.95
N TYR C 265 -25.27 -8.63 12.42
CA TYR C 265 -25.59 -9.34 11.20
C TYR C 265 -25.28 -10.82 11.41
N TYR C 266 -26.00 -11.67 10.67
CA TYR C 266 -25.85 -13.11 10.84
C TYR C 266 -24.69 -13.64 10.01
N TRP C 267 -23.93 -14.55 10.63
CA TRP C 267 -22.79 -15.19 9.97
C TRP C 267 -23.19 -15.82 8.64
N ASP C 268 -24.22 -16.67 8.65
CA ASP C 268 -24.61 -17.37 7.43
C ASP C 268 -25.07 -16.40 6.35
N VAL C 269 -25.88 -15.41 6.74
CA VAL C 269 -26.46 -14.48 5.78
C VAL C 269 -25.37 -13.67 5.08
N GLU C 270 -24.37 -13.21 5.83
CA GLU C 270 -23.34 -12.38 5.22
C GLU C 270 -22.32 -13.22 4.46
N THR C 271 -21.89 -14.37 5.00
CA THR C 271 -20.92 -15.18 4.28
C THR C 271 -21.51 -15.72 2.98
N ALA C 272 -22.83 -15.90 2.91
CA ALA C 272 -23.41 -16.34 1.65
C ALA C 272 -23.17 -15.34 0.52
N LYS C 273 -22.78 -14.10 0.84
CA LYS C 273 -22.62 -13.05 -0.16
C LYS C 273 -21.24 -13.02 -0.81
N PHE C 274 -20.27 -13.77 -0.32
CA PHE C 274 -18.88 -13.60 -0.74
C PHE C 274 -18.28 -14.91 -1.23
N PRO C 275 -17.23 -14.83 -2.04
CA PRO C 275 -16.67 -16.04 -2.64
C PRO C 275 -15.76 -16.82 -1.71
N GLY C 276 -15.55 -18.10 -2.07
CA GLY C 276 -14.72 -19.02 -1.34
C GLY C 276 -13.23 -18.84 -1.48
N TYR C 277 -12.79 -17.74 -2.09
CA TYR C 277 -11.38 -17.38 -2.05
C TYR C 277 -11.26 -15.87 -1.90
N LEU C 278 -10.38 -15.45 -0.99
CA LEU C 278 -10.01 -14.05 -0.82
C LEU C 278 -8.49 -14.04 -0.63
N PRO C 279 -7.76 -13.15 -1.30
CA PRO C 279 -6.30 -13.11 -1.15
C PRO C 279 -5.91 -12.78 0.27
N PRO C 280 -4.93 -13.49 0.84
CA PRO C 280 -4.39 -13.06 2.15
C PRO C 280 -3.58 -11.78 2.02
N VAL C 281 -3.50 -11.07 3.14
CA VAL C 281 -2.78 -9.80 3.22
C VAL C 281 -1.44 -10.03 3.89
N SER C 282 -0.36 -9.57 3.24
CA SER C 282 0.98 -9.71 3.80
C SER C 282 1.18 -8.77 4.98
N VAL C 283 1.76 -9.30 6.06
CA VAL C 283 2.13 -8.49 7.21
C VAL C 283 3.62 -8.66 7.48
N ASN C 284 4.19 -7.63 8.12
CA ASN C 284 5.58 -7.70 8.55
C ASN C 284 5.74 -8.71 9.68
N SER C 285 6.94 -9.29 9.76
CA SER C 285 7.23 -10.23 10.85
C SER C 285 6.82 -9.69 12.20
N GLU C 286 6.98 -8.39 12.44
CA GLU C 286 6.75 -7.81 13.75
C GLU C 286 5.42 -7.06 13.87
N ASP C 287 4.56 -7.13 12.86
CA ASP C 287 3.20 -6.66 13.06
C ASP C 287 2.49 -7.58 14.06
N PRO C 288 1.65 -7.03 14.94
CA PRO C 288 0.94 -7.88 15.90
C PRO C 288 0.03 -8.88 15.21
N LEU C 289 0.08 -10.13 15.67
CA LEU C 289 -0.85 -11.17 15.25
C LEU C 289 -2.07 -11.22 16.16
N PHE C 290 -1.88 -11.05 17.46
CA PHE C 290 -3.03 -11.03 18.36
C PHE C 290 -2.70 -10.32 19.67
N LEU C 291 -3.78 -9.89 20.31
CA LEU C 291 -3.80 -9.46 21.71
C LEU C 291 -4.53 -10.53 22.50
N LEU C 292 -3.95 -10.93 23.63
CA LEU C 292 -4.63 -11.84 24.53
C LEU C 292 -4.54 -11.25 25.94
N TYR C 293 -5.70 -10.96 26.52
CA TYR C 293 -5.75 -10.23 27.78
C TYR C 293 -5.60 -11.18 28.95
N THR C 294 -4.76 -10.79 29.90
CA THR C 294 -4.48 -11.59 31.07
C THR C 294 -4.60 -10.72 32.31
N SER C 295 -4.96 -11.37 33.42
CA SER C 295 -4.96 -10.72 34.72
C SER C 295 -3.55 -10.77 35.29
N GLY C 296 -3.08 -9.62 35.79
CA GLY C 296 -1.77 -9.52 36.39
C GLY C 296 -1.86 -9.19 37.88
N SER C 297 -0.69 -9.18 38.52
CA SER C 297 -0.61 -8.88 39.94
C SER C 297 -0.89 -7.42 40.27
N THR C 298 -1.01 -6.55 39.26
CA THR C 298 -1.19 -5.12 39.48
C THR C 298 -2.25 -4.59 38.51
N GLY C 299 -3.47 -4.39 39.02
CA GLY C 299 -4.46 -3.63 38.31
C GLY C 299 -5.35 -4.43 37.37
N THR C 300 -5.72 -3.80 36.26
CA THR C 300 -6.75 -4.30 35.35
C THR C 300 -6.14 -5.23 34.30
N PRO C 301 -6.96 -5.86 33.44
CA PRO C 301 -6.41 -6.77 32.43
C PRO C 301 -5.41 -6.06 31.52
N LYS C 302 -4.37 -6.79 31.15
CA LYS C 302 -3.34 -6.28 30.26
C LYS C 302 -3.31 -7.12 28.98
N GLY C 303 -3.22 -6.45 27.84
CA GLY C 303 -3.23 -7.13 26.56
C GLY C 303 -1.85 -7.57 26.10
N VAL C 304 -1.53 -8.84 26.31
CA VAL C 304 -0.26 -9.38 25.83
C VAL C 304 -0.29 -9.41 24.32
N VAL C 305 0.69 -8.74 23.69
CA VAL C 305 0.75 -8.64 22.24
C VAL C 305 1.79 -9.63 21.72
N HIS C 306 1.40 -10.43 20.73
CA HIS C 306 2.32 -11.35 20.08
C HIS C 306 2.56 -10.97 18.62
N SER C 307 3.83 -10.96 18.22
CA SER C 307 4.21 -10.71 16.83
C SER C 307 3.71 -11.86 15.95
N THR C 308 4.02 -11.76 14.66
CA THR C 308 3.55 -12.78 13.70
C THR C 308 4.61 -13.86 13.47
N ALA C 309 5.78 -13.47 12.94
CA ALA C 309 6.76 -14.48 12.53
C ALA C 309 7.29 -15.24 13.73
N GLY C 310 7.80 -14.53 14.74
CA GLY C 310 8.36 -15.21 15.90
C GLY C 310 7.37 -16.14 16.56
N TYR C 311 6.15 -15.66 16.82
CA TYR C 311 5.15 -16.50 17.47
C TYR C 311 4.88 -17.76 16.66
N LEU C 312 4.65 -17.60 15.35
CA LEU C 312 4.34 -18.75 14.52
C LEU C 312 5.50 -19.75 14.51
N LEU C 313 6.73 -19.25 14.44
CA LEU C 313 7.88 -20.15 14.42
C LEU C 313 7.97 -20.91 15.74
N GLY C 314 7.79 -20.22 16.86
CA GLY C 314 7.80 -20.92 18.14
C GLY C 314 6.72 -21.96 18.24
N ALA C 315 5.52 -21.63 17.76
CA ALA C 315 4.41 -22.57 17.81
C ALA C 315 4.73 -23.83 17.01
N ALA C 316 5.15 -23.65 15.76
CA ALA C 316 5.46 -24.80 14.91
C ALA C 316 6.62 -25.61 15.49
N LEU C 317 7.66 -24.92 15.96
CA LEU C 317 8.86 -25.61 16.44
C LEU C 317 8.55 -26.46 17.67
N SER C 318 7.91 -25.85 18.69
CA SER C 318 7.59 -26.60 19.89
C SER C 318 6.61 -27.72 19.60
N THR C 319 5.62 -27.48 18.73
CA THR C 319 4.68 -28.56 18.41
C THR C 319 5.39 -29.72 17.73
N LYS C 320 6.34 -29.42 16.83
CA LYS C 320 7.03 -30.48 16.11
C LYS C 320 7.96 -31.27 17.03
N TYR C 321 8.78 -30.57 17.82
CA TYR C 321 9.86 -31.24 18.53
C TYR C 321 9.47 -31.70 19.94
N ILE C 322 8.66 -30.93 20.65
CA ILE C 322 8.31 -31.33 22.01
C ILE C 322 7.24 -32.42 22.01
N PHE C 323 6.29 -32.35 21.07
CA PHE C 323 5.26 -33.38 20.98
C PHE C 323 5.58 -34.47 19.97
N ASP C 324 6.58 -34.27 19.11
CA ASP C 324 6.92 -35.24 18.06
C ASP C 324 5.73 -35.44 17.11
N ILE C 325 5.36 -34.35 16.44
CA ILE C 325 4.24 -34.34 15.52
C ILE C 325 4.75 -34.60 14.11
N HIS C 326 4.10 -35.53 13.41
CA HIS C 326 4.42 -35.85 12.02
C HIS C 326 3.18 -35.59 11.17
N PRO C 327 3.31 -35.57 9.85
CA PRO C 327 2.13 -35.27 9.01
C PRO C 327 0.99 -36.25 9.20
N GLU C 328 1.26 -37.50 9.59
CA GLU C 328 0.23 -38.50 9.78
C GLU C 328 -0.47 -38.39 11.12
N ASP C 329 -0.03 -37.50 12.00
CA ASP C 329 -0.50 -37.50 13.39
C ASP C 329 -1.76 -36.65 13.53
N ILE C 330 -2.39 -36.77 14.71
CA ILE C 330 -3.66 -36.12 15.02
C ILE C 330 -3.59 -35.61 16.45
N LEU C 331 -3.61 -34.30 16.63
CA LEU C 331 -3.47 -33.69 17.95
C LEU C 331 -4.83 -33.36 18.55
N PHE C 332 -4.99 -33.69 19.83
CA PHE C 332 -6.19 -33.37 20.61
C PHE C 332 -5.72 -32.56 21.82
N THR C 333 -5.75 -31.23 21.66
CA THR C 333 -5.49 -30.31 22.77
C THR C 333 -6.82 -29.99 23.44
N ALA C 334 -7.09 -30.64 24.57
CA ALA C 334 -8.33 -30.41 25.29
C ALA C 334 -8.25 -29.06 26.02
N GLY C 335 -8.09 -27.99 25.25
CA GLY C 335 -8.04 -26.66 25.81
C GLY C 335 -9.13 -25.78 25.23
N ASP C 336 -8.97 -24.47 25.35
CA ASP C 336 -9.95 -23.51 24.88
C ASP C 336 -9.21 -22.32 24.29
N VAL C 337 -9.65 -21.87 23.11
CA VAL C 337 -8.97 -20.76 22.45
C VAL C 337 -9.06 -19.45 23.22
N GLY C 338 -9.89 -19.40 24.27
CA GLY C 338 -9.88 -18.25 25.15
C GLY C 338 -8.59 -18.06 25.90
N TRP C 339 -7.72 -19.07 25.93
CA TRP C 339 -6.46 -19.02 26.63
C TRP C 339 -5.33 -19.36 25.66
N ILE C 340 -4.09 -19.15 26.11
CA ILE C 340 -2.94 -19.29 25.23
C ILE C 340 -2.80 -20.73 24.76
N THR C 341 -3.16 -21.70 25.60
CA THR C 341 -3.01 -23.11 25.25
C THR C 341 -3.78 -23.41 23.95
N GLY C 342 -5.03 -22.97 23.87
CA GLY C 342 -5.79 -23.17 22.65
C GLY C 342 -5.21 -22.41 21.47
N HIS C 343 -4.71 -21.19 21.71
CA HIS C 343 -4.06 -20.43 20.65
C HIS C 343 -2.92 -21.22 20.02
N THR C 344 -1.96 -21.63 20.83
CA THR C 344 -0.70 -22.16 20.29
C THR C 344 -0.81 -23.63 19.91
N TYR C 345 -1.64 -24.42 20.60
CA TYR C 345 -1.60 -25.86 20.45
C TYR C 345 -2.94 -26.49 20.09
N ALA C 346 -4.03 -25.74 20.12
CA ALA C 346 -5.26 -26.17 19.46
C ALA C 346 -5.38 -25.62 18.05
N LEU C 347 -4.71 -24.50 17.75
CA LEU C 347 -4.85 -23.86 16.45
C LEU C 347 -3.52 -23.73 15.72
N TYR C 348 -2.69 -22.77 16.12
CA TYR C 348 -1.55 -22.39 15.28
C TYR C 348 -0.55 -23.52 15.13
N GLY C 349 -0.16 -24.14 16.25
CA GLY C 349 0.81 -25.22 16.22
C GLY C 349 0.47 -26.31 15.21
N PRO C 350 -0.68 -26.96 15.39
CA PRO C 350 -1.01 -28.08 14.49
C PRO C 350 -1.34 -27.65 13.07
N LEU C 351 -2.03 -26.52 12.90
CA LEU C 351 -2.39 -26.12 11.54
C LEU C 351 -1.18 -25.67 10.73
N LEU C 352 -0.18 -25.06 11.39
CA LEU C 352 1.04 -24.72 10.69
C LEU C 352 1.72 -25.95 10.12
N LEU C 353 1.67 -27.07 10.85
CA LEU C 353 2.27 -28.32 10.42
C LEU C 353 1.34 -29.15 9.54
N GLY C 354 0.14 -28.65 9.24
CA GLY C 354 -0.74 -29.32 8.31
C GLY C 354 -1.37 -30.61 8.79
N VAL C 355 -1.45 -30.81 10.10
CA VAL C 355 -2.07 -32.02 10.64
C VAL C 355 -3.49 -31.68 11.11
N PRO C 356 -4.35 -32.66 11.33
CA PRO C 356 -5.67 -32.37 11.90
C PRO C 356 -5.58 -32.05 13.38
N THR C 357 -6.47 -31.17 13.83
CA THR C 357 -6.57 -30.81 15.24
C THR C 357 -8.01 -30.96 15.68
N ILE C 358 -8.20 -31.48 16.89
CA ILE C 358 -9.53 -31.77 17.42
C ILE C 358 -9.97 -30.59 18.28
N ILE C 359 -11.11 -30.01 17.92
CA ILE C 359 -11.69 -28.85 18.58
C ILE C 359 -12.91 -29.36 19.35
N PHE C 360 -12.81 -29.40 20.68
CA PHE C 360 -13.86 -29.97 21.53
C PHE C 360 -14.60 -28.85 22.23
N GLU C 361 -15.90 -28.77 22.01
CA GLU C 361 -16.75 -27.71 22.52
C GLU C 361 -17.27 -27.99 23.92
N GLY C 362 -17.30 -29.24 24.33
CA GLY C 362 -17.99 -29.66 25.54
C GLY C 362 -17.08 -29.79 26.74
N THR C 363 -17.40 -30.75 27.60
CA THR C 363 -16.72 -30.96 28.86
C THR C 363 -16.37 -32.42 29.04
N PRO C 364 -15.34 -32.75 29.82
CA PRO C 364 -14.95 -34.15 29.98
C PRO C 364 -15.98 -35.02 30.68
N ALA C 365 -17.10 -34.44 31.14
CA ALA C 365 -18.10 -35.19 31.90
C ALA C 365 -19.42 -35.36 31.16
N TYR C 366 -19.63 -34.68 30.04
CA TYR C 366 -20.91 -34.79 29.33
C TYR C 366 -20.71 -35.48 28.00
N PRO C 367 -21.55 -36.46 27.64
CA PRO C 367 -22.65 -37.05 28.42
C PRO C 367 -22.15 -37.92 29.57
N ASP C 368 -20.90 -38.38 29.53
CA ASP C 368 -20.33 -39.17 30.62
C ASP C 368 -18.84 -38.85 30.70
N TYR C 369 -18.16 -39.47 31.66
CA TYR C 369 -16.74 -39.20 31.86
C TYR C 369 -15.84 -39.97 30.90
N GLY C 370 -16.41 -40.63 29.89
CA GLY C 370 -15.64 -41.24 28.83
C GLY C 370 -15.53 -40.40 27.58
N ARG C 371 -15.93 -39.13 27.63
CA ARG C 371 -16.01 -38.32 26.43
C ARG C 371 -14.63 -38.16 25.77
N PHE C 372 -13.64 -37.69 26.54
CA PHE C 372 -12.29 -37.58 26.03
C PHE C 372 -11.85 -38.88 25.34
N TRP C 373 -12.16 -40.01 25.96
CA TRP C 373 -11.64 -41.28 25.47
C TRP C 373 -12.43 -41.80 24.28
N GLN C 374 -13.76 -41.62 24.32
CA GLN C 374 -14.56 -41.90 23.15
C GLN C 374 -14.07 -41.10 21.95
N ILE C 375 -13.64 -39.86 22.19
CA ILE C 375 -13.13 -39.03 21.08
C ILE C 375 -11.77 -39.54 20.61
N VAL C 376 -10.85 -39.78 21.54
CA VAL C 376 -9.53 -40.28 21.16
C VAL C 376 -9.67 -41.55 20.33
N GLU C 377 -10.55 -42.46 20.75
CA GLU C 377 -10.80 -43.69 19.99
C GLU C 377 -11.42 -43.37 18.63
N LYS C 378 -12.45 -42.52 18.62
CA LYS C 378 -13.19 -42.25 17.39
C LYS C 378 -12.29 -41.77 16.27
N HIS C 379 -11.36 -40.86 16.58
CA HIS C 379 -10.52 -40.22 15.56
C HIS C 379 -9.08 -40.74 15.56
N LYS C 380 -8.80 -41.80 16.31
CA LYS C 380 -7.45 -42.35 16.41
C LYS C 380 -6.43 -41.25 16.65
N ALA C 381 -6.74 -40.39 17.61
CA ALA C 381 -5.81 -39.32 17.99
C ALA C 381 -4.50 -39.92 18.48
N THR C 382 -3.40 -39.28 18.09
CA THR C 382 -2.06 -39.71 18.48
C THR C 382 -1.48 -38.89 19.62
N HIS C 383 -1.95 -37.66 19.81
CA HIS C 383 -1.43 -36.77 20.84
C HIS C 383 -2.59 -36.21 21.65
N PHE C 384 -2.39 -36.08 22.95
CA PHE C 384 -3.41 -35.58 23.87
C PHE C 384 -2.76 -34.62 24.86
N TYR C 385 -3.39 -33.47 25.06
CA TYR C 385 -2.79 -32.34 25.78
C TYR C 385 -3.86 -31.74 26.69
N VAL C 386 -3.63 -31.78 28.00
CA VAL C 386 -4.64 -31.39 28.98
C VAL C 386 -3.97 -30.90 30.25
N ALA C 387 -4.77 -30.17 31.12
CA ALA C 387 -4.22 -29.65 32.37
C ALA C 387 -4.44 -30.65 33.50
N PRO C 388 -3.55 -30.67 34.49
CA PRO C 388 -3.73 -31.61 35.62
C PRO C 388 -5.07 -31.49 36.32
N THR C 389 -5.74 -30.35 36.21
CA THR C 389 -7.07 -30.23 36.83
C THR C 389 -8.02 -31.28 36.27
N ALA C 390 -8.04 -31.45 34.95
CA ALA C 390 -8.88 -32.47 34.35
C ALA C 390 -8.43 -33.87 34.75
N LEU C 391 -7.12 -34.06 34.89
CA LEU C 391 -6.61 -35.36 35.35
C LEU C 391 -7.13 -35.69 36.74
N ARG C 392 -7.10 -34.72 37.65
CA ARG C 392 -7.65 -34.93 38.98
C ARG C 392 -9.14 -35.23 38.91
N LEU C 393 -9.89 -34.45 38.11
CA LEU C 393 -11.31 -34.67 38.00
C LEU C 393 -11.63 -36.09 37.52
N LEU C 394 -10.89 -36.56 36.50
CA LEU C 394 -11.19 -37.87 35.94
C LEU C 394 -10.72 -39.00 36.85
N ARG C 395 -9.58 -38.81 37.55
CA ARG C 395 -9.19 -39.80 38.54
C ARG C 395 -10.22 -39.91 39.65
N LYS C 396 -10.82 -38.78 40.05
CA LYS C 396 -11.80 -38.82 41.12
C LYS C 396 -13.10 -39.46 40.67
N ALA C 397 -13.61 -39.08 39.50
CA ALA C 397 -14.99 -39.39 39.14
C ALA C 397 -15.17 -40.32 37.95
N GLY C 398 -14.13 -40.56 37.14
CA GLY C 398 -14.33 -41.32 35.93
C GLY C 398 -13.20 -42.25 35.53
N GLU C 399 -12.52 -42.84 36.51
CA GLU C 399 -11.42 -43.75 36.19
C GLU C 399 -11.92 -44.95 35.39
N GLN C 400 -12.96 -45.62 35.88
CA GLN C 400 -13.42 -46.86 35.27
C GLN C 400 -13.81 -46.68 33.80
N GLU C 401 -14.15 -45.46 33.37
CA GLU C 401 -14.54 -45.26 31.97
C GLU C 401 -13.38 -45.53 31.01
N ILE C 402 -12.15 -45.27 31.44
CA ILE C 402 -11.02 -45.31 30.52
C ILE C 402 -10.92 -46.66 29.83
N ALA C 403 -11.18 -47.74 30.58
CA ALA C 403 -11.00 -49.09 30.04
C ALA C 403 -12.01 -49.44 28.95
N LYS C 404 -13.11 -48.69 28.85
CA LYS C 404 -14.11 -49.02 27.83
C LYS C 404 -13.64 -48.70 26.42
N TYR C 405 -12.64 -47.84 26.28
CA TYR C 405 -12.25 -47.30 24.98
C TYR C 405 -10.84 -47.71 24.62
N ASP C 406 -10.59 -47.81 23.31
CA ASP C 406 -9.28 -48.14 22.76
C ASP C 406 -8.46 -46.86 22.64
N LEU C 407 -7.44 -46.73 23.48
CA LEU C 407 -6.53 -45.60 23.46
C LEU C 407 -5.15 -45.98 22.93
N SER C 408 -5.09 -47.04 22.12
CA SER C 408 -3.82 -47.55 21.60
C SER C 408 -3.24 -46.68 20.49
N SER C 409 -3.98 -45.68 20.01
CA SER C 409 -3.46 -44.76 19.01
C SER C 409 -2.53 -43.72 19.61
N LEU C 410 -2.60 -43.49 20.91
CA LEU C 410 -1.84 -42.44 21.55
C LEU C 410 -0.37 -42.85 21.70
N ARG C 411 0.51 -41.84 21.67
CA ARG C 411 1.90 -42.04 22.08
C ARG C 411 2.48 -40.84 22.83
N THR C 412 1.89 -39.65 22.75
CA THR C 412 2.37 -38.48 23.48
C THR C 412 1.22 -37.91 24.31
N LEU C 413 1.44 -37.80 25.62
CA LEU C 413 0.46 -37.25 26.55
C LEU C 413 1.04 -35.98 27.16
N GLY C 414 0.36 -34.86 26.97
CA GLY C 414 0.85 -33.57 27.43
C GLY C 414 0.14 -33.10 28.69
N SER C 415 0.86 -32.28 29.47
CA SER C 415 0.32 -31.68 30.68
C SER C 415 0.76 -30.23 30.72
N VAL C 416 -0.16 -29.33 31.08
CA VAL C 416 0.09 -27.91 30.97
C VAL C 416 -0.69 -27.15 32.03
N GLY C 417 -0.13 -26.01 32.46
CA GLY C 417 -0.85 -24.99 33.20
C GLY C 417 -0.48 -24.91 34.66
N GLU C 418 -0.07 -26.03 35.25
CA GLU C 418 0.14 -26.11 36.68
C GLU C 418 1.11 -27.26 36.95
N PRO C 419 1.69 -27.32 38.14
CA PRO C 419 2.54 -28.47 38.47
C PRO C 419 1.73 -29.75 38.46
N ILE C 420 2.40 -30.83 38.07
CA ILE C 420 1.79 -32.16 38.01
C ILE C 420 2.46 -33.00 39.09
N SER C 421 1.73 -33.31 40.15
CA SER C 421 2.30 -34.07 41.24
C SER C 421 2.73 -35.45 40.73
N PRO C 422 3.79 -36.02 41.29
CA PRO C 422 4.16 -37.40 40.92
C PRO C 422 2.99 -38.38 40.97
N ASP C 423 2.07 -38.24 41.94
CA ASP C 423 0.88 -39.08 41.97
C ASP C 423 0.10 -38.96 40.67
N ILE C 424 -0.25 -37.72 40.30
CA ILE C 424 -1.03 -37.49 39.09
C ILE C 424 -0.24 -37.94 37.86
N TRP C 425 1.08 -37.74 37.88
CA TRP C 425 1.92 -38.18 36.77
C TRP C 425 1.83 -39.69 36.58
N GLU C 426 1.94 -40.45 37.68
CA GLU C 426 1.89 -41.91 37.60
C GLU C 426 0.51 -42.39 37.19
N TRP C 427 -0.54 -41.74 37.68
CA TRP C 427 -1.89 -42.11 37.27
C TRP C 427 -2.08 -41.85 35.77
N TYR C 428 -1.71 -40.67 35.30
CA TYR C 428 -1.77 -40.34 33.88
C TYR C 428 -1.01 -41.37 33.06
N ASN C 429 0.19 -41.72 33.51
CA ASN C 429 1.04 -42.65 32.74
C ASN C 429 0.42 -44.04 32.66
N GLU C 430 -0.17 -44.52 33.76
CA GLU C 430 -0.67 -45.89 33.74
C GLU C 430 -2.06 -45.98 33.10
N PHE C 431 -3.02 -45.21 33.61
CA PHE C 431 -4.41 -45.46 33.23
C PHE C 431 -4.75 -44.90 31.85
N VAL C 432 -4.22 -43.74 31.50
CA VAL C 432 -4.46 -43.18 30.17
C VAL C 432 -3.44 -43.71 29.16
N GLY C 433 -2.16 -43.69 29.52
CA GLY C 433 -1.11 -44.13 28.63
C GLY C 433 -0.84 -45.60 28.61
N LYS C 434 -1.44 -46.37 29.52
CA LYS C 434 -1.23 -47.81 29.61
C LYS C 434 0.26 -48.13 29.73
N ASN C 435 1.03 -47.19 30.29
CA ASN C 435 2.46 -47.36 30.49
C ASN C 435 3.20 -47.59 29.17
N GLN C 436 2.66 -47.04 28.09
CA GLN C 436 3.23 -47.21 26.76
C GLN C 436 3.50 -45.89 26.05
N CYS C 437 3.26 -44.76 26.70
CA CYS C 437 3.34 -43.46 26.07
C CYS C 437 4.39 -42.59 26.74
N HIS C 438 4.69 -41.47 26.10
CA HIS C 438 5.58 -40.45 26.63
C HIS C 438 4.76 -39.30 27.18
N ILE C 439 5.19 -38.76 28.32
CA ILE C 439 4.51 -37.66 28.99
C ILE C 439 5.39 -36.41 28.92
N SER C 440 4.81 -35.30 28.46
CA SER C 440 5.49 -34.01 28.34
C SER C 440 4.86 -33.01 29.31
N ASP C 441 5.51 -32.79 30.44
CA ASP C 441 5.13 -31.72 31.35
C ASP C 441 5.66 -30.41 30.79
N THR C 442 4.81 -29.68 30.07
CA THR C 442 5.22 -28.46 29.39
C THR C 442 5.01 -27.26 30.31
N TYR C 443 6.10 -26.57 30.63
CA TYR C 443 6.03 -25.33 31.39
C TYR C 443 6.23 -24.14 30.45
N TRP C 444 5.35 -23.15 30.56
CA TRP C 444 5.40 -21.94 29.75
C TRP C 444 4.32 -21.00 30.30
N GLN C 445 4.11 -19.88 29.61
CA GLN C 445 3.13 -18.90 30.06
C GLN C 445 2.68 -18.08 28.86
N THR C 446 1.55 -17.39 29.03
CA THR C 446 0.95 -16.62 27.95
C THR C 446 1.98 -15.73 27.28
N GLU C 447 2.90 -15.15 28.05
CA GLU C 447 3.88 -14.22 27.53
C GLU C 447 5.03 -14.91 26.80
N SER C 448 5.23 -16.20 27.01
CA SER C 448 6.29 -16.90 26.32
C SER C 448 5.87 -17.35 24.92
N GLY C 449 4.57 -17.42 24.66
CA GLY C 449 4.08 -17.79 23.35
C GLY C 449 4.05 -19.28 23.11
N SER C 450 5.07 -19.98 23.60
CA SER C 450 5.20 -21.42 23.40
C SER C 450 6.10 -21.99 24.49
N HIS C 451 6.30 -23.30 24.44
CA HIS C 451 6.92 -24.04 25.54
C HIS C 451 8.30 -23.49 25.88
N LEU C 452 8.54 -23.27 27.18
CA LEU C 452 9.84 -22.84 27.69
C LEU C 452 10.70 -24.00 28.18
N ILE C 453 10.13 -24.88 29.00
CA ILE C 453 10.83 -26.04 29.56
C ILE C 453 9.90 -27.23 29.43
N ALA C 454 10.37 -28.29 28.75
CA ALA C 454 9.53 -29.46 28.55
C ALA C 454 10.32 -30.65 28.06
N PRO C 455 9.92 -31.89 28.39
CA PRO C 455 10.64 -33.07 27.90
C PRO C 455 10.18 -33.43 26.49
N LEU C 456 11.11 -33.40 25.54
CA LEU C 456 10.77 -33.74 24.17
C LEU C 456 10.37 -35.21 24.06
N ALA C 457 9.29 -35.45 23.33
CA ALA C 457 8.76 -36.80 23.20
C ALA C 457 9.74 -37.71 22.47
N GLY C 458 10.01 -38.88 23.05
CA GLY C 458 10.93 -39.82 22.45
C GLY C 458 12.37 -39.42 22.53
N VAL C 459 12.71 -38.47 23.40
CA VAL C 459 14.08 -37.97 23.48
C VAL C 459 14.52 -37.82 24.95
N VAL C 460 13.78 -37.03 25.72
CA VAL C 460 14.20 -36.67 27.08
C VAL C 460 13.54 -37.65 28.05
N PRO C 461 14.31 -38.43 28.82
CA PRO C 461 13.72 -39.24 29.89
C PRO C 461 13.11 -38.35 30.96
N ASN C 462 12.05 -38.87 31.60
CA ASN C 462 11.24 -38.07 32.51
C ASN C 462 11.62 -38.27 33.97
N LYS C 463 11.39 -37.22 34.74
CA LYS C 463 11.31 -37.30 36.21
C LYS C 463 9.95 -36.77 36.60
N PRO C 464 9.06 -37.61 37.14
CA PRO C 464 7.71 -37.14 37.49
C PRO C 464 7.74 -35.83 38.29
N GLY C 465 6.96 -34.85 37.84
CA GLY C 465 6.90 -33.55 38.46
C GLY C 465 7.91 -32.55 37.92
N SER C 466 8.84 -32.98 37.07
CA SER C 466 9.86 -32.11 36.52
C SER C 466 9.62 -31.87 35.04
N ALA C 467 9.72 -30.60 34.61
CA ALA C 467 9.64 -30.25 33.21
C ALA C 467 10.92 -30.53 32.45
N SER C 468 12.03 -30.75 33.16
CA SER C 468 13.31 -31.14 32.59
C SER C 468 14.05 -29.96 31.96
N TYR C 469 14.43 -30.06 30.60
CA TYR C 469 15.40 -29.16 30.00
C TYR C 469 14.74 -27.94 29.36
N PRO C 470 15.42 -26.80 29.35
CA PRO C 470 14.92 -25.65 28.58
C PRO C 470 14.89 -25.95 27.10
N PHE C 471 13.96 -25.31 26.40
CA PHE C 471 13.77 -25.56 24.98
C PHE C 471 14.64 -24.62 24.14
N PHE C 472 14.74 -24.92 22.84
CA PHE C 472 15.50 -24.12 21.90
C PHE C 472 15.30 -22.63 22.17
N GLY C 473 16.40 -21.89 22.16
CA GLY C 473 16.38 -20.46 22.39
C GLY C 473 16.04 -20.02 23.80
N ILE C 474 15.81 -20.93 24.73
CA ILE C 474 15.47 -20.60 26.10
C ILE C 474 16.71 -20.83 26.96
N ASP C 475 17.44 -19.76 27.26
CA ASP C 475 18.59 -19.83 28.16
C ASP C 475 18.10 -19.57 29.58
N ALA C 476 17.65 -20.63 30.25
CA ALA C 476 17.07 -20.50 31.58
C ALA C 476 18.15 -20.36 32.64
N ALA C 477 17.80 -19.67 33.71
CA ALA C 477 18.71 -19.45 34.83
C ALA C 477 17.90 -19.23 36.10
N LEU C 478 18.58 -19.39 37.23
CA LEU C 478 18.01 -19.12 38.55
C LEU C 478 18.72 -17.91 39.15
N ILE C 479 17.95 -17.03 39.79
CA ILE C 479 18.48 -15.82 40.40
C ILE C 479 18.16 -15.83 41.88
N ASP C 480 19.13 -15.46 42.69
CA ASP C 480 18.95 -15.30 44.13
C ASP C 480 18.09 -14.06 44.36
N PRO C 481 16.89 -14.19 44.91
CA PRO C 481 16.03 -13.00 45.04
C PRO C 481 16.60 -11.96 45.99
N VAL C 482 17.24 -12.38 47.08
CA VAL C 482 17.78 -11.44 48.05
C VAL C 482 18.82 -10.54 47.40
N THR C 483 19.71 -11.13 46.60
CA THR C 483 20.84 -10.41 46.04
C THR C 483 20.64 -9.98 44.59
N GLY C 484 19.77 -10.68 43.85
CA GLY C 484 19.59 -10.40 42.44
C GLY C 484 20.69 -10.95 41.55
N VAL C 485 21.56 -11.81 42.07
CA VAL C 485 22.69 -12.34 41.31
C VAL C 485 22.36 -13.74 40.82
N GLU C 486 22.76 -14.05 39.59
CA GLU C 486 22.50 -15.35 39.00
C GLU C 486 23.25 -16.44 39.74
N ILE C 487 22.60 -17.59 39.91
CA ILE C 487 23.11 -18.67 40.75
C ILE C 487 23.88 -19.65 39.89
N GLU C 488 25.18 -19.78 40.14
CA GLU C 488 26.02 -20.71 39.42
C GLU C 488 25.94 -22.10 40.03
N GLY C 489 25.96 -23.12 39.17
CA GLY C 489 25.96 -24.49 39.62
C GLY C 489 24.57 -25.05 39.84
N ASN C 490 24.51 -26.37 39.99
CA ASN C 490 23.25 -27.08 40.13
C ASN C 490 22.94 -27.31 41.61
N ASP C 491 21.92 -28.12 41.87
CA ASP C 491 21.35 -28.27 43.21
C ASP C 491 21.03 -26.91 43.82
N ALA C 492 20.29 -26.10 43.06
CA ALA C 492 20.03 -24.72 43.44
C ALA C 492 18.55 -24.40 43.31
N GLU C 493 18.16 -23.28 43.93
CA GLU C 493 16.79 -22.81 43.91
C GLU C 493 16.80 -21.28 43.81
N GLY C 494 15.77 -20.75 43.18
CA GLY C 494 15.62 -19.30 43.12
C GLY C 494 14.60 -18.90 42.07
N VAL C 495 14.56 -17.60 41.80
CA VAL C 495 13.61 -17.06 40.83
C VAL C 495 14.01 -17.53 39.43
N LEU C 496 13.04 -18.02 38.67
CA LEU C 496 13.30 -18.49 37.31
C LEU C 496 13.30 -17.32 36.35
N ALA C 497 14.33 -17.25 35.50
CA ALA C 497 14.46 -16.14 34.57
C ALA C 497 15.15 -16.65 33.31
N ILE C 498 15.03 -15.89 32.22
CA ILE C 498 15.66 -16.23 30.96
C ILE C 498 16.62 -15.10 30.59
N LYS C 499 17.77 -15.46 30.02
CA LYS C 499 18.88 -14.53 29.86
C LYS C 499 18.88 -13.84 28.50
N ASP C 500 18.03 -14.27 27.57
CA ASP C 500 17.88 -13.56 26.30
C ASP C 500 16.48 -13.82 25.80
N HIS C 501 16.03 -12.99 24.86
CA HIS C 501 14.68 -13.17 24.33
C HIS C 501 14.67 -14.28 23.28
N TRP C 502 13.47 -14.72 22.93
CA TRP C 502 13.28 -15.83 22.02
C TRP C 502 12.19 -15.47 21.02
N PRO C 503 12.10 -16.21 19.90
CA PRO C 503 11.22 -15.77 18.80
C PRO C 503 9.77 -15.52 19.20
N SER C 504 9.18 -16.38 20.01
CA SER C 504 7.77 -16.26 20.35
C SER C 504 7.52 -15.44 21.62
N MET C 505 8.51 -14.71 22.11
CA MET C 505 8.29 -13.88 23.29
C MET C 505 7.31 -12.76 22.96
N ALA C 506 6.40 -12.49 23.89
CA ALA C 506 5.52 -11.34 23.74
C ALA C 506 6.33 -10.06 23.65
N ARG C 507 5.88 -9.15 22.77
CA ARG C 507 6.63 -7.94 22.46
C ARG C 507 6.21 -6.72 23.26
N THR C 508 4.98 -6.68 23.76
CA THR C 508 4.53 -5.52 24.54
C THR C 508 3.20 -5.85 25.20
N VAL C 509 2.79 -4.95 26.08
CA VAL C 509 1.42 -4.87 26.58
C VAL C 509 0.75 -3.74 25.83
N TYR C 510 -0.43 -4.00 25.27
CA TYR C 510 -1.01 -3.11 24.27
C TYR C 510 -1.09 -1.68 24.77
N LYS C 511 -0.44 -0.77 24.03
CA LYS C 511 -0.44 0.66 24.33
C LYS C 511 0.00 0.95 25.76
N ASN C 512 0.86 0.09 26.29
CA ASN C 512 1.35 0.27 27.65
C ASN C 512 2.65 -0.49 27.85
N HIS C 513 3.69 -0.08 27.12
CA HIS C 513 4.98 -0.76 27.18
C HIS C 513 5.67 -0.57 28.53
N THR C 514 5.33 0.48 29.28
CA THR C 514 5.94 0.66 30.60
C THR C 514 5.52 -0.46 31.55
N LYS C 515 4.23 -0.83 31.54
CA LYS C 515 3.80 -1.97 32.35
C LYS C 515 4.56 -3.23 31.95
N TYR C 516 4.74 -3.45 30.65
CA TYR C 516 5.52 -4.59 30.18
C TYR C 516 6.94 -4.57 30.73
N MET C 517 7.60 -3.41 30.66
CA MET C 517 8.98 -3.33 31.14
C MET C 517 9.05 -3.57 32.64
N ASP C 518 8.16 -2.93 33.40
CA ASP C 518 8.16 -3.10 34.85
C ASP C 518 7.83 -4.54 35.25
N THR C 519 7.02 -5.23 34.47
CA THR C 519 6.63 -6.58 34.86
C THR C 519 7.72 -7.60 34.51
N TYR C 520 8.28 -7.52 33.30
CA TYR C 520 9.11 -8.59 32.78
C TYR C 520 10.60 -8.27 32.71
N MET C 521 10.97 -7.01 32.46
CA MET C 521 12.34 -6.68 32.13
C MET C 521 13.09 -5.92 33.21
N ASN C 522 12.37 -5.22 34.11
CA ASN C 522 13.03 -4.33 35.06
C ASN C 522 13.30 -4.96 36.42
N PRO C 523 12.54 -5.96 36.88
CA PRO C 523 12.90 -6.60 38.16
C PRO C 523 14.36 -7.03 38.21
N TYR C 524 14.82 -7.71 37.17
CA TYR C 524 16.21 -8.16 37.06
C TYR C 524 16.74 -7.70 35.71
N PRO C 525 17.34 -6.51 35.65
CA PRO C 525 17.78 -5.97 34.35
C PRO C 525 18.74 -6.92 33.66
N GLY C 526 18.48 -7.16 32.38
CA GLY C 526 19.22 -8.13 31.60
C GLY C 526 18.53 -9.48 31.50
N TYR C 527 17.50 -9.71 32.30
CA TYR C 527 16.78 -10.98 32.32
C TYR C 527 15.32 -10.76 32.02
N TYR C 528 14.65 -11.85 31.62
CA TYR C 528 13.19 -11.93 31.56
C TYR C 528 12.72 -12.63 32.83
N PHE C 529 11.81 -11.99 33.55
CA PHE C 529 11.30 -12.46 34.84
C PHE C 529 10.01 -13.24 34.62
N THR C 530 10.05 -14.55 34.91
CA THR C 530 8.90 -15.42 34.70
C THR C 530 7.82 -15.24 35.75
N GLY C 531 8.16 -14.70 36.92
CA GLY C 531 7.24 -14.67 38.03
C GLY C 531 7.18 -15.94 38.85
N ASP C 532 7.90 -16.98 38.44
CA ASP C 532 7.90 -18.27 39.11
C ASP C 532 9.24 -18.51 39.81
N GLY C 533 9.19 -19.31 40.87
CA GLY C 533 10.39 -19.85 41.47
C GLY C 533 10.59 -21.28 41.01
N ALA C 534 11.85 -21.69 40.88
CA ALA C 534 12.15 -23.03 40.42
C ALA C 534 13.46 -23.51 41.03
N ALA C 535 13.68 -24.82 40.90
CA ALA C 535 14.90 -25.46 41.35
C ALA C 535 15.55 -26.20 40.18
N ARG C 536 16.87 -26.32 40.23
CA ARG C 536 17.64 -27.02 39.21
C ARG C 536 18.53 -28.04 39.89
N ASP C 537 18.42 -29.29 39.48
CA ASP C 537 19.08 -30.40 40.15
C ASP C 537 20.38 -30.78 39.41
N HIS C 538 21.09 -31.74 39.98
CA HIS C 538 22.42 -32.12 39.49
C HIS C 538 22.42 -32.59 38.04
N ASP C 539 21.26 -32.89 37.46
CA ASP C 539 21.17 -33.30 36.07
C ASP C 539 20.78 -32.18 35.13
N GLY C 540 20.51 -30.99 35.65
CA GLY C 540 20.01 -29.89 34.86
C GLY C 540 18.50 -29.83 34.73
N TYR C 541 17.78 -30.80 35.28
CA TYR C 541 16.33 -30.78 35.22
C TYR C 541 15.77 -29.68 36.11
N TYR C 542 14.75 -28.98 35.61
CA TYR C 542 14.10 -27.91 36.32
C TYR C 542 12.81 -28.40 36.97
N TRP C 543 12.59 -27.99 38.21
CA TRP C 543 11.40 -28.29 38.99
C TRP C 543 10.70 -26.97 39.28
N ILE C 544 9.51 -26.79 38.71
CA ILE C 544 8.74 -25.56 38.90
C ILE C 544 8.11 -25.59 40.28
N ARG C 545 8.29 -24.51 41.04
CA ARG C 545 7.79 -24.41 42.42
C ARG C 545 6.72 -23.34 42.59
N GLY C 546 6.13 -22.86 41.50
CA GLY C 546 5.00 -21.96 41.60
C GLY C 546 5.38 -20.49 41.59
N ARG C 547 4.34 -19.66 41.63
CA ARG C 547 4.51 -18.22 41.61
C ARG C 547 5.16 -17.73 42.90
N VAL C 548 5.85 -16.61 42.80
CA VAL C 548 6.48 -15.98 43.95
C VAL C 548 5.75 -14.68 44.29
C1 YHK D . 21.18 29.62 -5.31
C10 YHK D . 19.79 28.76 -3.35
C11 YHK D . 20.99 27.06 -0.49
C12 YHK D . 22.16 26.21 -0.91
C13 YHK D . 21.59 26.06 0.46
C2 YHK D . 22.29 30.68 -5.37
C3 YHK D . 22.76 30.71 -3.92
C4 YHK D . 23.97 28.59 -3.16
C5 YHK D . 25.97 29.02 -3.73
C6 YHK D . 25.23 30.13 -4.10
C7 YHK D . 27.01 31.16 -4.90
C8 YHK D . 27.36 29.06 -4.00
C9 YHK D . 20.56 29.92 -3.95
N1 YHK D . 23.94 29.85 -3.72
N2 YHK D . 25.16 28.06 -3.14
N3 YHK D . 25.70 31.25 -4.68
N4 YHK D . 27.85 30.17 -4.60
N5 YHK D . 28.20 28.06 -3.70
O1 YHK D . 20.23 29.77 -6.36
O2 YHK D . 21.69 30.25 -3.11
O3 YHK D . 21.81 31.94 -5.78
O4 YHK D . 19.55 29.01 -1.96
O5 YHK D . 17.57 27.42 -1.87
O6 YHK D . 19.75 26.67 -1.01
O7 YHK D . 18.49 28.48 0.22
P1 YHK D . 18.75 27.92 -1.12
NA NA E . 7.25 -7.34 -2.42
S SO4 F . 10.39 44.53 -11.21
O1 SO4 F . 10.76 44.49 -9.76
O2 SO4 F . 11.46 43.88 -12.02
O3 SO4 F . 10.27 45.98 -11.61
O4 SO4 F . 9.09 43.79 -11.38
S SO4 G . 33.55 1.63 -1.20
O1 SO4 G . 34.82 0.85 -0.98
O2 SO4 G . 33.78 3.06 -0.86
O3 SO4 G . 32.49 1.08 -0.29
O4 SO4 G . 33.09 1.51 -2.64
S SO4 H . 16.74 -4.90 2.43
O1 SO4 H . 16.00 -3.65 2.81
O2 SO4 H . 17.28 -5.61 3.63
O3 SO4 H . 17.90 -4.55 1.55
O4 SO4 H . 15.77 -5.82 1.72
C1 YHK I . -24.26 -14.43 -25.32
C10 YHK I . -23.56 -12.14 -24.39
C11 YHK I . -21.34 -9.19 -25.17
C12 YHK I . -20.95 -9.97 -26.39
C13 YHK I . -19.91 -9.26 -25.60
C2 YHK I . -25.07 -14.78 -26.58
C3 YHK I . -24.92 -13.49 -27.40
C4 YHK I . -22.53 -12.96 -28.05
C5 YHK I . -22.36 -13.98 -29.92
C6 YHK I . -23.64 -14.21 -29.47
C7 YHK I . -24.13 -15.41 -31.25
C8 YHK I . -21.98 -14.54 -31.16
C9 YHK I . -24.60 -12.95 -25.12
N1 YHK I . -23.74 -13.54 -28.27
N2 YHK I . -21.66 -13.19 -29.01
N3 YHK I . -24.58 -14.92 -30.11
N4 YHK I . -22.93 -15.28 -31.81
N5 YHK I . -20.78 -14.39 -31.71
O1 YHK I . -24.61 -15.23 -24.20
O2 YHK I . -24.77 -12.43 -26.46
O3 YHK I . -26.43 -15.07 -26.32
O4 YHK I . -23.98 -10.76 -24.25
O5 YHK I . -23.58 -8.35 -23.66
O6 YHK I . -21.62 -9.94 -24.02
O7 YHK I . -22.99 -10.17 -22.02
P1 YHK I . -23.09 -9.73 -23.42
NA NA J . 4.79 -5.55 -0.97
C1 GOL K . 11.39 -8.70 -4.20
O1 GOL K . 11.86 -8.07 -5.39
C2 GOL K . 10.72 -10.06 -4.46
O2 GOL K . 10.32 -10.57 -3.19
C3 GOL K . 9.54 -9.95 -5.41
O3 GOL K . 9.18 -11.23 -5.92
S SO4 L . -48.05 -31.03 -1.85
O1 SO4 L . -47.22 -32.27 -1.81
O2 SO4 L . -48.28 -30.54 -0.45
O3 SO4 L . -49.37 -31.31 -2.52
O4 SO4 L . -47.32 -29.97 -2.62
S SO4 M . -33.47 -10.42 -9.13
O1 SO4 M . -32.36 -10.03 -8.20
O2 SO4 M . -33.86 -11.84 -8.82
O3 SO4 M . -34.64 -9.52 -8.88
O4 SO4 M . -33.05 -10.32 -10.56
S SO4 N . -8.57 -25.68 -3.75
O1 SO4 N . -7.28 -25.76 -4.53
O2 SO4 N . -8.39 -26.32 -2.40
O3 SO4 N . -8.93 -24.24 -3.53
O4 SO4 N . -9.67 -26.37 -4.51
S SO4 O . -25.63 -4.29 -25.67
O1 SO4 O . -24.68 -5.41 -25.97
O2 SO4 O . -25.53 -3.92 -24.22
O3 SO4 O . -25.28 -3.10 -26.51
O4 SO4 O . -27.04 -4.71 -25.97
S SO4 P . -21.51 -4.82 -28.14
O1 SO4 P . -20.78 -3.65 -28.76
O2 SO4 P . -21.28 -4.85 -26.66
O3 SO4 P . -22.98 -4.70 -28.43
O4 SO4 P . -21.01 -6.10 -28.74
C1 YHK Q . 3.25 -20.19 34.87
C10 YHK Q . 1.31 -19.73 33.27
C11 YHK Q . -0.61 -21.10 30.85
C12 YHK Q . 0.42 -22.18 30.73
C13 YHK Q . -0.55 -21.95 29.62
C2 YHK Q . 3.36 -21.18 36.04
C3 YHK Q . 2.19 -22.13 35.76
C4 YHK Q . 2.27 -23.53 33.66
C5 YHK Q . 3.30 -25.27 34.33
C6 YHK Q . 3.21 -24.44 35.42
C7 YHK Q . 4.27 -25.89 36.71
C8 YHK Q . 3.94 -26.51 34.50
C9 YHK Q . 1.74 -20.08 34.67
N1 YHK Q . 2.55 -23.32 34.99
N2 YHK Q . 2.70 -24.69 33.22
N3 YHK Q . 3.69 -24.70 36.65
N4 YHK Q . 4.43 -26.79 35.73
N5 YHK Q . 4.10 -27.41 33.52
O1 YHK Q . 3.80 -18.92 35.17
O2 YHK Q . 1.22 -21.39 35.03
O3 YHK Q . 3.19 -20.55 37.29
O4 YHK Q . -0.13 -19.50 33.22
O5 YHK Q . -2.18 -18.98 31.87
O6 YHK Q . -0.12 -19.79 30.71
O7 YHK Q . -0.12 -17.51 31.73
P1 YHK Q . -0.71 -18.86 31.88
S SO4 R . -11.23 -9.27 34.59
O1 SO4 R . -9.79 -9.67 34.69
O2 SO4 R . -11.77 -8.96 35.96
O3 SO4 R . -11.37 -8.06 33.71
O4 SO4 R . -12.00 -10.42 34.00
#